data_8EDG
#
_entry.id   8EDG
#
_cell.length_a   1.00
_cell.length_b   1.00
_cell.length_c   1.00
_cell.angle_alpha   90.00
_cell.angle_beta   90.00
_cell.angle_gamma   90.00
#
_symmetry.space_group_name_H-M   'P 1'
#
loop_
_entity.id
_entity.type
_entity.pdbx_description
1 polymer "DNA (5'-D(*GP*CP*GP*TP*GP*AP*A)-3')"
2 polymer 'DNA (46-MER)'
3 polymer 'DNA (55-MER)'
4 polymer 'Hermes transposase'
5 non-polymer 'ZINC ION'
#
loop_
_entity_poly.entity_id
_entity_poly.type
_entity_poly.pdbx_seq_one_letter_code
_entity_poly.pdbx_strand_id
1 'polydeoxyribonucleotide' (DG)(DC)(DG)(DT)(DG)(DA)(DA) M,P
2 'polydeoxyribonucleotide'
;(DA)(DG)(DA)(DG)(DA)(DA)(DC)(DA)(DA)(DC)(DA)(DA)(DC)(DA)(DA)(DG)(DT)(DG)(DG)(DC)
(DT)(DT)(DA)(DT)(DT)(DT)(DT)(DG)(DA)(DT)(DA)(DC)(DT)(DT)(DA)(DT)(DG)(DC)(DG)(DC)
(DC)(DA)(DC)(DT)(DT)(DG)
;
N,Q
3 'polydeoxyribonucleotide'
;(DC)(DA)(DA)(DG)(DT)(DG)(DG)(DC)(DG)(DC)(DA)(DT)(DA)(DA)(DG)(DT)(DA)(DT)(DC)(DA)
(DA)(DA)(DA)(DT)(DA)(DA)(DG)(DC)(DC)(DA)(DC)(DT)(DT)(DG)(DT)(DT)(DG)(DT)(DT)(DG)
(DT)(DT)(DC)(DT)(DC)(DT)(DG)(DG)(DT)(DT)(DC)(DA)(DC)(DG)(DC)
;
O,R
4 'polypeptide(L)'
;MEKMDNLEVKAKINQGLYKITPRHKGTSFIWNVLADIQKEDDTLVEGWVFCRKCEKVLKYTTRQTSNLCRHKCCASLKQS
RELKTVSADCKKEAIEKCAQWVVRDCRPFSAVSGSGFIDMIKFFIKVGAEYGEHVNVEELLPSPITLSRKVTSDAKEKKA
LISREIKSAVEKDGASATIDLWTDNYIKRNFLGVTLHYHENNELRDLILGLKSLDFERSTAENIYKKLKAIFSQFNVEDL
SSIKFVTDRGANVVKSLANNIRINCSSHLLSNVLENSFEETPELNMPILACKNIVKYFKKANLQHRLRSSLKSECPTRWN
STYTMLRSILDNWESVIQILSEAGETQRIVHINKSIIQTMVNILDGFERIFKELQTCSSPSLCFVVPSILKVKEICSPDV
GDVADIAKLKVNIIKNVRIIWEENLSIWHYTAFFFYPPALHMQQEKVAQIKEFCLSKMEDLELINRMSSFNELSATQLNQ
SDSNSHNSIDLTSHSKDISTTSFFFPQLTQNNSREPPVCPSDEFEFYRKEIVILSEDFKVMEWWNLNSKKYPKLSKLALS
LLSIPASSAASERTFSLAGNIITEKRNRIGQQTVDSLLFLNSFYKNFCKLDI
;
A,C,I,E,G,K
#
loop_
_chem_comp.id
_chem_comp.type
_chem_comp.name
_chem_comp.formula
DA DNA linking 2'-DEOXYADENOSINE-5'-MONOPHOSPHATE 'C10 H14 N5 O6 P'
DC DNA linking 2'-DEOXYCYTIDINE-5'-MONOPHOSPHATE 'C9 H14 N3 O7 P'
DG DNA linking 2'-DEOXYGUANOSINE-5'-MONOPHOSPHATE 'C10 H14 N5 O7 P'
DT DNA linking THYMIDINE-5'-MONOPHOSPHATE 'C10 H15 N2 O8 P'
ZN non-polymer 'ZINC ION' 'Zn 2'
#
# COMPACT_ATOMS: atom_id res chain seq x y z
N MET G 4 -47.28 33.60 7.12
CA MET G 4 -45.87 33.37 6.80
C MET G 4 -45.11 34.68 6.56
N ASP G 5 -44.76 35.35 7.67
CA ASP G 5 -44.05 36.62 7.62
C ASP G 5 -42.63 36.49 7.09
N ASN G 6 -42.11 35.27 7.00
CA ASN G 6 -40.72 35.08 6.57
C ASN G 6 -40.51 35.58 5.13
N LEU G 7 -41.45 35.29 4.24
CA LEU G 7 -41.29 35.72 2.85
C LEU G 7 -41.25 37.24 2.74
N GLU G 8 -42.15 37.94 3.43
CA GLU G 8 -42.19 39.39 3.34
C GLU G 8 -40.98 40.02 4.02
N VAL G 9 -40.52 39.46 5.15
CA VAL G 9 -39.33 40.04 5.76
C VAL G 9 -38.10 39.79 4.89
N LYS G 10 -38.03 38.64 4.20
CA LYS G 10 -36.95 38.42 3.25
C LYS G 10 -37.01 39.42 2.10
N ALA G 11 -38.21 39.68 1.60
CA ALA G 11 -38.37 40.66 0.53
C ALA G 11 -37.91 42.05 0.97
N LYS G 12 -38.26 42.43 2.21
CA LYS G 12 -37.77 43.70 2.74
C LYS G 12 -36.26 43.69 2.93
N ILE G 13 -35.69 42.52 3.25
CA ILE G 13 -34.24 42.40 3.37
C ILE G 13 -33.56 42.62 2.02
N ASN G 14 -34.19 42.14 0.95
CA ASN G 14 -33.57 42.21 -0.38
C ASN G 14 -33.31 43.66 -0.79
N GLN G 15 -34.25 44.55 -0.52
CA GLN G 15 -34.10 45.96 -0.87
C GLN G 15 -33.26 46.74 0.14
N GLY G 16 -32.80 46.11 1.22
CA GLY G 16 -32.04 46.81 2.22
C GLY G 16 -32.85 47.65 3.16
N LEU G 17 -34.17 47.43 3.24
CA LEU G 17 -35.00 48.21 4.14
C LEU G 17 -34.61 47.97 5.59
N TYR G 18 -34.37 46.72 5.96
CA TYR G 18 -33.87 46.38 7.29
C TYR G 18 -32.36 46.55 7.34
N LYS G 19 -31.83 46.66 8.56
CA LYS G 19 -30.40 46.80 8.78
C LYS G 19 -29.86 45.56 9.45
N ILE G 20 -28.64 45.17 9.06
CA ILE G 20 -28.00 43.95 9.56
C ILE G 20 -26.95 44.33 10.59
N THR G 21 -26.98 43.65 11.73
CA THR G 21 -26.02 43.87 12.81
C THR G 21 -25.04 42.71 12.87
N PRO G 22 -23.76 42.92 12.51
CA PRO G 22 -22.81 41.81 12.56
C PRO G 22 -22.33 41.46 13.97
N ARG G 23 -22.65 42.27 14.97
CA ARG G 23 -22.21 42.05 16.34
C ARG G 23 -23.42 41.79 17.23
N HIS G 24 -23.29 40.80 18.12
CA HIS G 24 -24.34 40.50 19.08
C HIS G 24 -23.83 40.23 20.48
N LYS G 25 -22.50 40.27 20.70
CA LYS G 25 -21.89 40.00 22.00
C LYS G 25 -22.30 38.61 22.50
N GLY G 26 -22.19 37.61 21.62
CA GLY G 26 -22.53 36.26 21.98
C GLY G 26 -21.37 35.47 22.54
N THR G 27 -21.64 34.21 22.85
CA THR G 27 -20.64 33.27 23.35
C THR G 27 -20.43 32.08 22.42
N SER G 28 -21.49 31.59 21.80
CA SER G 28 -21.39 30.40 20.96
C SER G 28 -20.70 30.73 19.64
N PHE G 29 -20.35 29.68 18.90
CA PHE G 29 -19.68 29.81 17.61
C PHE G 29 -20.64 30.13 16.49
N ILE G 30 -21.93 29.87 16.64
CA ILE G 30 -22.87 30.00 15.53
C ILE G 30 -23.03 31.46 15.12
N TRP G 31 -22.80 32.40 16.03
CA TRP G 31 -22.95 33.81 15.67
C TRP G 31 -21.81 34.32 14.81
N ASN G 32 -20.76 33.53 14.61
CA ASN G 32 -19.74 33.87 13.63
C ASN G 32 -20.29 33.79 12.21
N VAL G 33 -21.24 32.88 11.96
CA VAL G 33 -21.84 32.71 10.65
C VAL G 33 -23.09 33.57 10.48
N LEU G 34 -23.81 33.81 11.57
CA LEU G 34 -25.09 34.51 11.53
C LEU G 34 -24.96 35.91 12.11
N ALA G 35 -25.54 36.89 11.43
CA ALA G 35 -25.63 38.25 11.92
C ALA G 35 -27.10 38.64 12.08
N ASP G 36 -27.43 39.22 13.22
CA ASP G 36 -28.81 39.56 13.51
C ASP G 36 -29.24 40.79 12.71
N ILE G 37 -30.55 41.00 12.64
CA ILE G 37 -31.16 42.04 11.81
C ILE G 37 -31.80 43.09 12.71
N GLN G 38 -31.55 44.36 12.41
CA GLN G 38 -32.14 45.49 13.10
C GLN G 38 -33.20 46.12 12.21
N LYS G 39 -34.33 46.49 12.82
CA LYS G 39 -35.50 46.93 12.06
C LYS G 39 -35.22 48.26 11.35
N GLU G 40 -36.20 48.70 10.55
CA GLU G 40 -36.08 49.93 9.80
C GLU G 40 -36.07 51.17 10.69
N ASP G 41 -36.43 51.03 11.97
CA ASP G 41 -36.43 52.14 12.91
C ASP G 41 -35.36 51.99 13.98
N ASP G 42 -34.25 51.33 13.64
CA ASP G 42 -33.12 51.13 14.54
C ASP G 42 -33.54 50.39 15.81
N THR G 43 -34.26 49.29 15.64
CA THR G 43 -34.64 48.40 16.73
C THR G 43 -34.33 46.97 16.31
N LEU G 44 -33.83 46.17 17.25
CA LEU G 44 -33.45 44.80 16.92
C LEU G 44 -34.69 43.97 16.60
N VAL G 45 -34.64 43.25 15.48
CA VAL G 45 -35.77 42.41 15.08
C VAL G 45 -35.79 41.15 15.93
N GLU G 46 -36.96 40.80 16.45
CA GLU G 46 -37.11 39.66 17.33
C GLU G 46 -37.61 38.45 16.54
N GLY G 47 -36.94 37.32 16.73
CA GLY G 47 -37.38 36.06 16.17
C GLY G 47 -36.84 35.71 14.81
N TRP G 48 -35.93 36.51 14.25
CA TRP G 48 -35.37 36.23 12.94
C TRP G 48 -33.91 36.66 12.87
N VAL G 49 -33.08 35.83 12.23
CA VAL G 49 -31.69 36.13 11.98
C VAL G 49 -31.38 35.76 10.52
N PHE G 50 -30.52 36.54 9.88
CA PHE G 50 -30.21 36.38 8.47
C PHE G 50 -28.85 35.70 8.31
N CYS G 51 -28.84 34.61 7.56
CA CYS G 51 -27.63 33.85 7.31
C CYS G 51 -26.78 34.53 6.24
N ARG G 52 -25.47 34.53 6.43
CA ARG G 52 -24.57 35.25 5.55
C ARG G 52 -24.10 34.44 4.34
N LYS G 53 -23.81 33.16 4.52
CA LYS G 53 -23.45 32.27 3.42
C LYS G 53 -24.68 31.59 2.82
N CYS G 54 -25.76 31.53 3.57
CA CYS G 54 -27.01 30.90 3.15
C CYS G 54 -28.02 31.89 2.59
N GLU G 55 -27.75 33.19 2.70
CA GLU G 55 -28.61 34.27 2.19
C GLU G 55 -30.09 34.03 2.51
N LYS G 56 -30.35 33.39 3.66
CA LYS G 56 -31.69 33.03 4.07
C LYS G 56 -31.93 33.49 5.50
N VAL G 57 -33.15 33.95 5.77
CA VAL G 57 -33.53 34.40 7.10
C VAL G 57 -34.01 33.19 7.91
N LEU G 58 -33.38 32.96 9.05
CA LEU G 58 -33.72 31.86 9.94
C LEU G 58 -34.33 32.40 11.23
N LYS G 59 -35.29 31.66 11.77
CA LYS G 59 -35.95 32.08 13.00
C LYS G 59 -35.00 31.94 14.19
N TYR G 60 -35.15 32.83 15.17
CA TYR G 60 -34.30 32.86 16.35
C TYR G 60 -35.15 32.87 17.61
N THR G 61 -34.72 32.10 18.61
CA THR G 61 -35.39 32.08 19.91
C THR G 61 -34.34 32.07 21.00
N THR G 62 -34.71 32.62 22.17
CA THR G 62 -33.79 32.67 23.29
C THR G 62 -33.79 31.38 24.10
N ARG G 63 -34.75 30.47 23.86
CA ARG G 63 -34.81 29.24 24.63
C ARG G 63 -33.59 28.37 24.39
N GLN G 64 -33.27 28.09 23.13
CA GLN G 64 -32.07 27.35 22.77
C GLN G 64 -31.84 27.51 21.28
N THR G 65 -30.63 27.11 20.84
CA THR G 65 -30.24 27.17 19.43
C THR G 65 -29.83 25.81 18.90
N SER G 66 -30.38 24.72 19.44
CA SER G 66 -29.96 23.39 19.05
C SER G 66 -30.24 23.11 17.58
N ASN G 67 -31.46 23.39 17.12
CA ASN G 67 -31.81 23.12 15.74
C ASN G 67 -31.13 24.10 14.78
N LEU G 68 -30.77 25.30 15.27
CA LEU G 68 -29.98 26.22 14.45
C LEU G 68 -28.61 25.67 14.13
N CYS G 69 -28.05 24.79 14.97
CA CYS G 69 -26.71 24.27 14.76
C CYS G 69 -26.66 23.18 13.69
N ARG G 70 -27.80 22.78 13.12
CA ARG G 70 -27.84 21.75 12.10
C ARG G 70 -28.05 22.30 10.70
N HIS G 71 -27.89 23.61 10.52
CA HIS G 71 -28.01 24.19 9.19
C HIS G 71 -26.76 23.87 8.37
N LYS G 72 -26.95 23.81 7.05
CA LYS G 72 -25.85 23.40 6.17
C LYS G 72 -24.72 24.42 6.17
N CYS G 73 -25.04 25.70 6.40
CA CYS G 73 -23.99 26.71 6.49
C CYS G 73 -23.27 26.66 7.84
N CYS G 74 -23.77 25.87 8.78
CA CYS G 74 -23.01 25.60 10.00
C CYS G 74 -21.97 24.53 9.69
N ALA G 75 -21.14 24.78 8.68
CA ALA G 75 -20.23 23.77 8.15
C ALA G 75 -18.77 24.07 8.47
N SER G 76 -18.49 25.08 9.28
CA SER G 76 -17.10 25.38 9.64
C SER G 76 -16.49 24.25 10.45
N LEU G 77 -17.24 23.69 11.40
CA LEU G 77 -16.68 22.67 12.28
C LEU G 77 -16.61 21.30 11.61
N LYS G 78 -17.61 20.93 10.81
CA LYS G 78 -17.68 19.56 10.30
C LYS G 78 -16.51 19.24 9.38
N GLN G 79 -16.16 20.17 8.47
CA GLN G 79 -14.96 19.97 7.67
C GLN G 79 -13.70 20.11 8.52
N SER G 80 -13.72 21.00 9.51
CA SER G 80 -12.65 21.14 10.50
C SER G 80 -11.32 21.45 9.83
N ARG G 81 -11.26 22.61 9.19
CA ARG G 81 -9.97 23.13 8.73
C ARG G 81 -9.03 23.35 9.91
N GLU G 82 -9.58 23.73 11.06
CA GLU G 82 -8.82 23.81 12.29
C GLU G 82 -8.69 22.41 12.89
N LEU G 83 -8.24 22.33 14.14
CA LEU G 83 -8.07 21.04 14.79
C LEU G 83 -9.44 20.42 15.09
N LYS G 84 -9.51 19.09 15.03
CA LYS G 84 -10.77 18.39 15.14
C LYS G 84 -11.31 18.44 16.57
N THR G 85 -12.57 18.06 16.71
CA THR G 85 -13.27 18.03 18.00
C THR G 85 -13.81 16.62 18.22
N VAL G 86 -13.50 16.05 19.38
CA VAL G 86 -13.93 14.69 19.72
C VAL G 86 -15.42 14.69 20.04
N SER G 87 -16.00 13.50 20.13
CA SER G 87 -17.42 13.36 20.44
C SER G 87 -17.64 13.44 21.96
N ALA G 88 -18.90 13.30 22.36
CA ALA G 88 -19.26 13.46 23.77
C ALA G 88 -18.65 12.38 24.66
N ASP G 89 -18.59 11.14 24.17
CA ASP G 89 -18.08 10.05 25.01
C ASP G 89 -16.62 10.28 25.39
N CYS G 90 -15.81 10.76 24.44
CA CYS G 90 -14.42 11.07 24.75
C CYS G 90 -14.33 12.16 25.82
N LYS G 91 -15.20 13.17 25.73
CA LYS G 91 -15.23 14.21 26.74
C LYS G 91 -15.58 13.64 28.11
N LYS G 92 -16.57 12.74 28.16
CA LYS G 92 -16.97 12.15 29.42
C LYS G 92 -15.84 11.32 30.03
N GLU G 93 -15.17 10.52 29.20
CA GLU G 93 -14.04 9.74 29.70
C GLU G 93 -12.92 10.65 30.18
N ALA G 94 -12.65 11.73 29.45
CA ALA G 94 -11.59 12.66 29.84
C ALA G 94 -11.90 13.32 31.18
N ILE G 95 -13.14 13.77 31.36
CA ILE G 95 -13.48 14.43 32.62
C ILE G 95 -13.47 13.43 33.76
N GLU G 96 -13.88 12.18 33.50
CA GLU G 96 -13.82 11.15 34.53
C GLU G 96 -12.38 10.90 34.96
N LYS G 97 -11.47 10.77 34.00
CA LYS G 97 -10.07 10.53 34.35
C LYS G 97 -9.47 11.72 35.07
N CYS G 98 -9.84 12.94 34.65
CA CYS G 98 -9.33 14.14 35.31
C CYS G 98 -9.80 14.20 36.76
N ALA G 99 -11.09 13.93 37.00
CA ALA G 99 -11.60 13.91 38.37
C ALA G 99 -10.91 12.82 39.19
N GLN G 100 -10.68 11.65 38.58
CA GLN G 100 -9.99 10.58 39.28
C GLN G 100 -8.58 11.01 39.69
N TRP G 101 -7.84 11.64 38.78
CA TRP G 101 -6.49 12.09 39.11
C TRP G 101 -6.51 13.14 40.21
N VAL G 102 -7.44 14.10 40.12
CA VAL G 102 -7.48 15.18 41.10
C VAL G 102 -7.83 14.62 42.48
N VAL G 103 -8.74 13.65 42.54
CA VAL G 103 -9.18 13.16 43.83
C VAL G 103 -8.20 12.16 44.43
N ARG G 104 -7.47 11.41 43.60
CA ARG G 104 -6.70 10.29 44.12
C ARG G 104 -5.39 10.69 44.80
N ASP G 105 -4.90 11.91 44.58
CA ASP G 105 -3.67 12.31 45.25
C ASP G 105 -3.70 13.76 45.74
N CYS G 106 -4.88 14.33 45.98
CA CYS G 106 -5.04 15.59 46.72
C CYS G 106 -4.28 16.75 46.07
N ARG G 107 -4.75 17.13 44.87
CA ARG G 107 -4.19 18.32 44.24
C ARG G 107 -5.24 19.41 44.10
N PRO G 108 -4.82 20.68 44.02
CA PRO G 108 -5.79 21.76 43.82
C PRO G 108 -6.49 21.64 42.48
N PHE G 109 -7.75 22.10 42.45
CA PHE G 109 -8.57 21.95 41.25
C PHE G 109 -8.00 22.76 40.09
N SER G 110 -7.38 23.90 40.37
CA SER G 110 -6.92 24.81 39.32
C SER G 110 -5.69 24.31 38.58
N ALA G 111 -5.23 23.08 38.82
CA ALA G 111 -4.09 22.55 38.09
C ALA G 111 -4.38 22.39 36.61
N VAL G 112 -5.63 22.13 36.25
CA VAL G 112 -5.97 21.89 34.85
C VAL G 112 -5.74 23.13 34.01
N SER G 113 -6.11 24.31 34.53
CA SER G 113 -6.05 25.54 33.76
C SER G 113 -4.63 26.01 33.48
N GLY G 114 -3.62 25.41 34.11
CA GLY G 114 -2.24 25.82 33.91
C GLY G 114 -1.75 25.68 32.48
N SER G 115 -1.02 26.68 32.01
CA SER G 115 -0.50 26.65 30.63
C SER G 115 0.55 25.56 30.46
N GLY G 116 1.36 25.32 31.49
CA GLY G 116 2.31 24.23 31.43
C GLY G 116 1.62 22.88 31.26
N PHE G 117 0.48 22.70 31.92
CA PHE G 117 -0.30 21.49 31.71
C PHE G 117 -0.76 21.39 30.27
N ILE G 118 -1.16 22.52 29.67
CA ILE G 118 -1.53 22.53 28.26
C ILE G 118 -0.37 22.07 27.40
N ASP G 119 0.82 22.59 27.68
CA ASP G 119 2.01 22.20 26.90
C ASP G 119 2.30 20.72 27.03
N MET G 120 2.25 20.18 28.25
CA MET G 120 2.47 18.75 28.43
C MET G 120 1.43 17.94 27.68
N ILE G 121 0.18 18.39 27.71
CA ILE G 121 -0.89 17.65 27.04
C ILE G 121 -0.66 17.65 25.54
N LYS G 122 -0.23 18.79 24.99
CA LYS G 122 0.10 18.86 23.57
C LYS G 122 1.24 17.92 23.22
N PHE G 123 2.31 17.94 24.00
CA PHE G 123 3.45 17.05 23.75
C PHE G 123 3.03 15.60 23.83
N PHE G 124 2.22 15.26 24.84
CA PHE G 124 1.80 13.87 25.02
C PHE G 124 0.90 13.40 23.89
N ILE G 125 -0.02 14.24 23.44
CA ILE G 125 -0.90 13.83 22.35
C ILE G 125 -0.10 13.69 21.06
N LYS G 126 0.89 14.56 20.84
CA LYS G 126 1.76 14.41 19.67
C LYS G 126 2.55 13.11 19.73
N VAL G 127 3.12 12.79 20.90
CA VAL G 127 3.88 11.56 21.06
C VAL G 127 3.00 10.34 20.84
N GLY G 128 1.79 10.37 21.41
CA GLY G 128 0.88 9.25 21.23
C GLY G 128 0.46 9.05 19.79
N ALA G 129 0.17 10.17 19.09
CA ALA G 129 -0.20 10.06 17.68
C ALA G 129 0.96 9.58 16.83
N GLU G 130 2.19 9.92 17.21
CA GLU G 130 3.36 9.54 16.43
C GLU G 130 3.75 8.07 16.61
N TYR G 131 3.63 7.51 17.81
CA TYR G 131 4.17 6.19 18.13
C TYR G 131 3.11 5.23 18.66
N GLY G 132 1.92 5.24 18.08
CA GLY G 132 0.93 4.23 18.37
C GLY G 132 0.32 4.33 19.77
N GLU G 133 -0.32 3.23 20.17
CA GLU G 133 -1.12 3.19 21.40
C GLU G 133 -0.40 2.55 22.57
N HIS G 134 0.52 1.62 22.34
CA HIS G 134 1.01 0.76 23.41
C HIS G 134 2.46 1.02 23.76
N VAL G 135 2.85 2.29 23.82
CA VAL G 135 4.19 2.65 24.27
C VAL G 135 4.26 2.57 25.79
N ASN G 136 5.40 2.10 26.31
CA ASN G 136 5.60 2.01 27.76
C ASN G 136 5.87 3.40 28.29
N VAL G 137 4.80 4.12 28.63
CA VAL G 137 4.91 5.47 29.16
C VAL G 137 5.54 5.50 30.55
N GLU G 138 5.53 4.38 31.27
CA GLU G 138 6.17 4.35 32.58
C GLU G 138 7.66 4.63 32.47
N GLU G 139 8.32 4.08 31.46
CA GLU G 139 9.71 4.44 31.20
C GLU G 139 9.83 5.87 30.69
N LEU G 140 8.82 6.35 29.94
CA LEU G 140 8.86 7.71 29.45
C LEU G 140 8.83 8.72 30.59
N LEU G 141 8.02 8.46 31.61
CA LEU G 141 7.91 9.38 32.73
C LEU G 141 9.08 9.18 33.69
N PRO G 142 9.87 10.22 33.96
CA PRO G 142 11.07 10.07 34.78
C PRO G 142 10.79 9.99 36.27
N SER G 143 11.87 10.09 37.09
CA SER G 143 11.98 10.16 38.53
C SER G 143 12.26 11.58 38.98
N PRO G 144 11.87 11.92 40.22
CA PRO G 144 12.11 13.28 40.70
C PRO G 144 13.57 13.69 40.70
N ILE G 145 14.49 12.76 40.96
CA ILE G 145 15.92 13.08 40.97
C ILE G 145 16.37 13.59 39.62
N THR G 146 15.86 12.97 38.54
CA THR G 146 16.16 13.45 37.20
C THR G 146 15.66 14.87 37.00
N LEU G 147 14.45 15.16 37.51
CA LEU G 147 13.93 16.52 37.44
C LEU G 147 14.84 17.51 38.16
N SER G 148 15.32 17.13 39.34
CA SER G 148 16.20 18.02 40.10
C SER G 148 17.49 18.29 39.34
N ARG G 149 18.12 17.24 38.82
CA ARG G 149 19.36 17.43 38.06
C ARG G 149 19.12 18.27 36.81
N LYS G 150 17.99 18.02 36.13
CA LYS G 150 17.67 18.77 34.92
C LYS G 150 17.45 20.25 35.22
N VAL G 151 16.73 20.56 36.31
CA VAL G 151 16.48 21.96 36.61
C VAL G 151 17.77 22.66 37.06
N THR G 152 18.64 21.95 37.78
CA THR G 152 19.94 22.54 38.14
C THR G 152 20.76 22.86 36.89
N SER G 153 20.86 21.89 35.97
CA SER G 153 21.64 22.12 34.75
C SER G 153 21.03 23.22 33.90
N ASP G 154 19.70 23.22 33.77
CA ASP G 154 19.01 24.25 33.00
C ASP G 154 19.25 25.63 33.60
N ALA G 155 19.16 25.73 34.93
CA ALA G 155 19.41 27.00 35.60
C ALA G 155 20.83 27.47 35.34
N LYS G 156 21.81 26.57 35.47
CA LYS G 156 23.20 26.97 35.25
C LYS G 156 23.41 27.46 33.81
N GLU G 157 22.90 26.72 32.84
CA GLU G 157 23.19 27.08 31.46
C GLU G 157 22.44 28.32 31.01
N LYS G 158 21.19 28.52 31.46
CA LYS G 158 20.51 29.77 31.17
C LYS G 158 21.14 30.94 31.93
N LYS G 159 21.64 30.68 33.14
CA LYS G 159 22.36 31.68 33.91
C LYS G 159 23.54 32.21 33.10
N ALA G 160 24.36 31.29 32.59
CA ALA G 160 25.49 31.68 31.76
C ALA G 160 25.03 32.35 30.47
N LEU G 161 23.93 31.87 29.88
CA LEU G 161 23.45 32.43 28.62
C LEU G 161 23.05 33.90 28.78
N ILE G 162 22.38 34.24 29.88
CA ILE G 162 21.90 35.61 30.05
C ILE G 162 22.92 36.52 30.74
N SER G 163 23.94 35.97 31.39
CA SER G 163 24.93 36.80 32.05
C SER G 163 25.54 37.84 31.13
N ARG G 164 25.71 37.50 29.84
CA ARG G 164 26.21 38.49 28.89
C ARG G 164 25.24 39.66 28.74
N GLU G 165 23.94 39.37 28.68
CA GLU G 165 22.95 40.44 28.59
C GLU G 165 22.95 41.32 29.83
N ILE G 166 23.03 40.71 31.02
CA ILE G 166 23.13 41.54 32.23
C ILE G 166 24.39 42.40 32.20
N LYS G 167 25.52 41.84 31.77
CA LYS G 167 26.75 42.62 31.70
C LYS G 167 26.61 43.79 30.72
N SER G 168 26.02 43.54 29.56
CA SER G 168 25.85 44.60 28.57
C SER G 168 24.93 45.69 29.11
N ALA G 169 23.86 45.31 29.81
CA ALA G 169 22.94 46.30 30.35
C ALA G 169 23.59 47.12 31.46
N VAL G 170 24.35 46.46 32.35
CA VAL G 170 24.93 47.17 33.49
C VAL G 170 26.06 48.09 33.03
N GLU G 171 26.78 47.71 31.96
CA GLU G 171 27.87 48.56 31.49
C GLU G 171 27.37 49.93 31.03
N LYS G 172 26.09 50.01 30.65
CA LYS G 172 25.48 51.27 30.26
C LYS G 172 24.92 52.06 31.45
N ASP G 173 25.31 51.69 32.67
CA ASP G 173 25.02 52.44 33.89
C ASP G 173 23.55 52.37 34.31
N GLY G 174 22.74 51.60 33.58
CA GLY G 174 21.38 51.36 34.03
C GLY G 174 21.26 50.09 34.82
N ALA G 175 21.33 50.19 36.15
CA ALA G 175 21.39 49.02 37.03
C ALA G 175 20.57 49.24 38.29
N SER G 176 19.35 49.73 38.14
CA SER G 176 18.48 49.93 39.29
C SER G 176 18.17 48.59 39.97
N ALA G 177 18.22 48.59 41.30
CA ALA G 177 17.99 47.35 42.05
C ALA G 177 17.61 47.70 43.48
N THR G 178 17.02 46.71 44.17
CA THR G 178 16.64 46.85 45.56
C THR G 178 17.18 45.66 46.35
N ILE G 179 17.48 45.90 47.63
CA ILE G 179 18.13 44.92 48.49
C ILE G 179 17.30 44.81 49.77
N ASP G 180 17.05 43.57 50.21
CA ASP G 180 16.33 43.35 51.46
C ASP G 180 16.72 41.99 52.00
N LEU G 181 16.47 41.81 53.30
CA LEU G 181 16.73 40.57 54.00
C LEU G 181 15.41 39.85 54.29
N TRP G 182 15.49 38.54 54.50
CA TRP G 182 14.30 37.73 54.69
C TRP G 182 14.62 36.54 55.59
N THR G 183 13.60 36.11 56.33
CA THR G 183 13.66 34.89 57.13
C THR G 183 12.41 34.06 56.87
N ASP G 184 12.58 32.75 56.77
CA ASP G 184 11.47 31.85 56.52
C ASP G 184 10.75 31.56 57.84
N ASN G 185 9.79 30.63 57.81
CA ASN G 185 8.97 30.33 58.98
C ASN G 185 9.35 29.04 59.68
N TYR G 186 10.16 28.18 59.04
CA TYR G 186 10.51 26.88 59.61
C TYR G 186 12.00 26.76 59.91
N ILE G 187 12.86 27.16 58.99
CA ILE G 187 14.30 26.92 59.15
C ILE G 187 15.02 28.11 59.77
N LYS G 188 14.43 29.30 59.73
CA LYS G 188 14.99 30.50 60.34
C LYS G 188 16.36 30.86 59.77
N ARG G 189 16.52 30.75 58.45
CA ARG G 189 17.75 31.18 57.79
C ARG G 189 17.57 32.59 57.23
N ASN G 190 18.69 33.30 57.11
CA ASN G 190 18.67 34.66 56.56
C ASN G 190 18.91 34.60 55.05
N PHE G 191 17.91 35.01 54.28
CA PHE G 191 17.99 34.99 52.83
C PHE G 191 18.07 36.42 52.30
N LEU G 192 18.87 36.61 51.25
CA LEU G 192 19.10 37.92 50.68
C LEU G 192 18.54 37.97 49.26
N GLY G 193 17.66 38.93 49.01
CA GLY G 193 17.04 39.10 47.70
C GLY G 193 17.66 40.26 46.94
N VAL G 194 17.95 40.01 45.67
CA VAL G 194 18.53 41.01 44.77
C VAL G 194 17.70 41.03 43.49
N THR G 195 17.46 42.24 42.97
CA THR G 195 16.66 42.39 41.76
C THR G 195 17.36 43.26 40.74
N LEU G 196 16.65 43.63 39.67
CA LEU G 196 17.21 44.48 38.63
C LEU G 196 16.07 45.23 37.97
N HIS G 197 16.34 46.50 37.63
CA HIS G 197 15.36 47.34 36.96
C HIS G 197 16.08 48.18 35.92
N TYR G 198 15.64 48.07 34.66
CA TYR G 198 16.19 48.91 33.60
C TYR G 198 15.23 48.85 32.40
N HIS G 199 15.17 49.96 31.68
CA HIS G 199 14.28 50.04 30.53
C HIS G 199 14.73 49.12 29.40
N GLU G 200 13.78 48.37 28.85
CA GLU G 200 14.03 47.51 27.70
C GLU G 200 13.90 48.33 26.42
N ASN G 201 13.79 47.66 25.27
CA ASN G 201 13.44 48.34 24.04
C ASN G 201 11.96 48.72 24.03
N ASN G 202 11.67 49.92 24.56
CA ASN G 202 10.32 50.49 24.65
C ASN G 202 9.47 49.82 25.73
N GLU G 203 10.10 49.36 26.82
CA GLU G 203 9.39 48.87 28.00
C GLU G 203 10.39 48.69 29.13
N LEU G 204 9.95 48.10 30.25
CA LEU G 204 10.76 47.91 31.44
C LEU G 204 11.03 46.42 31.66
N ARG G 205 12.06 46.15 32.48
CA ARG G 205 12.52 44.80 32.75
C ARG G 205 12.34 44.50 34.23
N ASP G 206 11.83 43.31 34.55
CA ASP G 206 11.67 42.84 35.92
C ASP G 206 12.50 41.57 36.08
N LEU G 207 13.69 41.71 36.66
CA LEU G 207 14.62 40.59 36.79
C LEU G 207 14.90 40.30 38.27
N ILE G 208 14.68 39.04 38.66
CA ILE G 208 15.06 38.55 39.98
C ILE G 208 16.36 37.76 39.81
N LEU G 209 17.48 38.35 40.24
CA LEU G 209 18.78 37.72 40.06
C LEU G 209 18.90 36.44 40.87
N GLY G 210 18.48 36.45 42.11
CA GLY G 210 18.56 35.22 42.91
C GLY G 210 18.26 35.48 44.36
N LEU G 211 18.34 34.40 45.14
CA LEU G 211 18.07 34.40 46.58
C LEU G 211 18.97 33.37 47.24
N LYS G 212 19.78 33.81 48.20
CA LYS G 212 20.79 32.95 48.80
C LYS G 212 20.82 33.18 50.30
N SER G 213 21.14 32.12 51.05
CA SER G 213 21.17 32.16 52.50
C SER G 213 22.54 32.55 53.02
N LEU G 214 22.56 33.19 54.19
CA LEU G 214 23.81 33.58 54.83
C LEU G 214 24.36 32.44 55.67
N ASP G 215 24.42 31.24 55.11
CA ASP G 215 24.77 30.02 55.83
C ASP G 215 24.02 29.96 57.15
N PHE G 216 24.73 30.17 58.27
CA PHE G 216 24.10 30.25 59.58
C PHE G 216 24.71 31.29 60.49
N GLU G 217 25.67 32.08 60.01
CA GLU G 217 26.31 33.08 60.86
C GLU G 217 25.41 34.31 61.01
N ARG G 218 25.79 35.16 61.95
CA ARG G 218 25.08 36.41 62.17
C ARG G 218 25.28 37.35 60.98
N SER G 219 24.29 38.21 60.75
CA SER G 219 24.32 39.11 59.61
C SER G 219 25.17 40.34 59.95
N THR G 220 26.12 40.65 59.07
CA THR G 220 26.93 41.86 59.20
C THR G 220 27.11 42.47 57.82
N ALA G 221 27.66 43.69 57.80
CA ALA G 221 27.84 44.40 56.53
C ALA G 221 28.78 43.67 55.60
N GLU G 222 29.89 43.14 56.13
CA GLU G 222 30.87 42.48 55.28
C GLU G 222 30.32 41.19 54.66
N ASN G 223 29.55 40.42 55.44
CA ASN G 223 28.97 39.19 54.91
C ASN G 223 27.98 39.49 53.78
N ILE G 224 27.13 40.50 53.98
CA ILE G 224 26.19 40.90 52.94
C ILE G 224 26.95 41.35 51.71
N TYR G 225 28.02 42.14 51.91
CA TYR G 225 28.79 42.65 50.80
C TYR G 225 29.41 41.52 49.99
N LYS G 226 30.03 40.55 50.67
CA LYS G 226 30.68 39.46 49.93
C LYS G 226 29.65 38.57 49.25
N LYS G 227 28.50 38.34 49.89
CA LYS G 227 27.45 37.54 49.24
C LYS G 227 26.95 38.22 47.97
N LEU G 228 26.68 39.53 48.04
CA LEU G 228 26.20 40.22 46.85
C LEU G 228 27.30 40.30 45.79
N LYS G 229 28.56 40.42 46.21
CA LYS G 229 29.65 40.40 45.23
C LYS G 229 29.73 39.06 44.53
N ALA G 230 29.52 37.95 45.24
CA ALA G 230 29.48 36.66 44.60
C ALA G 230 28.31 36.56 43.62
N ILE G 231 27.14 37.03 44.05
CA ILE G 231 25.94 36.96 43.20
C ILE G 231 26.17 37.75 41.91
N PHE G 232 26.82 38.91 42.01
CA PHE G 232 27.17 39.65 40.81
C PHE G 232 28.32 39.00 40.06
N SER G 233 29.13 38.17 40.74
CA SER G 233 30.24 37.50 40.08
C SER G 233 29.77 36.42 39.12
N GLN G 234 28.71 35.69 39.48
CA GLN G 234 28.18 34.75 38.48
C GLN G 234 27.59 35.48 37.27
N PHE G 235 27.40 36.80 37.36
CA PHE G 235 27.23 37.66 36.19
C PHE G 235 28.49 38.40 35.78
N ASN G 236 29.64 38.09 36.39
CA ASN G 236 30.92 38.68 35.99
C ASN G 236 30.90 40.20 36.12
N VAL G 237 30.45 40.67 37.28
CA VAL G 237 30.40 42.10 37.59
C VAL G 237 31.42 42.38 38.67
N GLU G 238 32.37 43.27 38.38
CA GLU G 238 33.46 43.55 39.31
C GLU G 238 33.73 45.03 39.48
N ASP G 239 32.78 45.91 39.11
CA ASP G 239 32.97 47.35 39.26
C ASP G 239 32.07 47.91 40.37
N LEU G 240 30.76 47.64 40.26
CA LEU G 240 29.78 48.04 41.27
C LEU G 240 29.69 49.55 41.45
N SER G 241 30.38 50.30 40.59
CA SER G 241 30.37 51.76 40.71
C SER G 241 29.05 52.36 40.22
N SER G 242 28.52 51.86 39.11
CA SER G 242 27.29 52.39 38.54
C SER G 242 26.04 51.71 39.07
N ILE G 243 26.18 50.72 39.96
CA ILE G 243 25.02 50.05 40.52
C ILE G 243 24.25 51.02 41.42
N LYS G 244 22.95 51.11 41.20
CA LYS G 244 22.08 51.99 41.98
C LYS G 244 21.32 51.18 43.00
N PHE G 245 21.27 51.68 44.23
CA PHE G 245 20.66 50.97 45.36
C PHE G 245 19.51 51.79 45.92
N VAL G 246 18.32 51.20 45.95
CA VAL G 246 17.17 51.76 46.63
C VAL G 246 16.65 50.71 47.61
N THR G 247 16.48 51.10 48.86
CA THR G 247 16.17 50.15 49.92
C THR G 247 15.61 50.92 51.11
N ASP G 248 15.51 50.25 52.25
CA ASP G 248 14.96 50.84 53.47
C ASP G 248 16.01 51.74 54.12
N ARG G 249 15.73 52.18 55.35
CA ARG G 249 16.63 53.04 56.11
C ARG G 249 17.44 52.26 57.15
N GLY G 250 17.49 50.94 57.01
CA GLY G 250 18.23 50.11 57.94
C GLY G 250 19.70 50.46 58.07
N ALA G 251 20.20 50.49 59.30
CA ALA G 251 21.60 50.88 59.53
C ALA G 251 22.56 49.86 58.94
N ASN G 252 22.20 48.57 58.99
CA ASN G 252 23.10 47.53 58.50
C ASN G 252 23.36 47.68 57.00
N VAL G 253 22.31 47.92 56.22
CA VAL G 253 22.51 48.11 54.78
C VAL G 253 23.19 49.44 54.50
N VAL G 254 22.99 50.44 55.36
CA VAL G 254 23.69 51.71 55.22
C VAL G 254 25.19 51.50 55.35
N LYS G 255 25.60 50.73 56.36
CA LYS G 255 27.02 50.41 56.51
C LYS G 255 27.50 49.52 55.38
N SER G 256 26.63 48.63 54.89
CA SER G 256 27.00 47.76 53.78
C SER G 256 27.28 48.55 52.52
N LEU G 257 26.50 49.60 52.27
CA LEU G 257 26.66 50.43 51.07
C LEU G 257 27.07 51.83 51.51
N ALA G 258 28.38 52.08 51.53
CA ALA G 258 28.94 53.40 51.78
C ALA G 258 29.66 53.97 50.57
N ASN G 259 29.30 53.52 49.37
CA ASN G 259 30.01 53.93 48.16
C ASN G 259 29.06 54.51 47.11
N ASN G 260 27.83 54.01 47.06
CA ASN G 260 26.86 54.41 46.06
C ASN G 260 25.63 55.04 46.74
N ILE G 261 24.62 55.34 45.92
CA ILE G 261 23.43 56.03 46.40
C ILE G 261 22.54 55.06 47.16
N ARG G 262 21.78 55.59 48.12
CA ARG G 262 20.86 54.80 48.93
C ARG G 262 19.59 55.62 49.11
N ILE G 263 18.56 55.31 48.33
CA ILE G 263 17.28 56.02 48.38
C ILE G 263 16.34 55.28 49.32
N ASN G 264 15.74 56.00 50.25
CA ASN G 264 14.82 55.39 51.19
C ASN G 264 13.54 54.95 50.50
N CYS G 265 12.96 53.86 50.99
CA CYS G 265 11.73 53.33 50.42
C CYS G 265 10.59 54.29 50.64
N SER G 266 9.93 54.71 49.55
CA SER G 266 8.84 55.66 49.65
C SER G 266 7.67 55.08 50.44
N SER G 267 7.32 53.81 50.17
CA SER G 267 6.19 53.20 50.87
C SER G 267 6.48 53.09 52.37
N HIS G 268 7.68 52.64 52.73
CA HIS G 268 8.05 52.59 54.15
C HIS G 268 8.08 53.98 54.75
N LEU G 269 8.50 54.99 53.99
CA LEU G 269 8.48 56.36 54.48
C LEU G 269 7.06 56.81 54.81
N LEU G 270 6.12 56.54 53.91
CA LEU G 270 4.73 56.91 54.17
C LEU G 270 4.16 56.14 55.37
N SER G 271 4.51 54.86 55.49
CA SER G 271 4.04 54.09 56.64
C SER G 271 4.58 54.67 57.94
N ASN G 272 5.88 55.00 57.96
CA ASN G 272 6.48 55.61 59.14
C ASN G 272 5.82 56.93 59.48
N VAL G 273 5.53 57.75 58.45
CA VAL G 273 4.78 58.97 58.67
C VAL G 273 3.42 58.67 59.30
N LEU G 274 2.77 57.61 58.82
CA LEU G 274 1.45 57.26 59.33
C LEU G 274 1.50 56.96 60.83
N GLU G 275 2.40 56.06 61.24
CA GLU G 275 2.47 55.75 62.68
C GLU G 275 2.94 56.95 63.49
N ASN G 276 3.95 57.69 63.01
CA ASN G 276 4.46 58.84 63.73
C ASN G 276 3.43 59.95 63.87
N SER G 277 2.48 60.06 62.94
CA SER G 277 1.42 61.05 63.04
C SER G 277 0.26 60.56 63.91
N PHE G 278 -0.07 59.27 63.84
CA PHE G 278 -1.16 58.76 64.65
C PHE G 278 -0.73 58.48 66.08
N GLU G 279 0.56 58.61 66.40
CA GLU G 279 1.04 58.31 67.74
C GLU G 279 0.60 59.36 68.76
N GLU G 280 0.65 60.65 68.40
CA GLU G 280 0.48 61.74 69.35
C GLU G 280 -0.94 62.29 69.38
N THR G 281 -1.95 61.46 69.12
CA THR G 281 -3.35 61.87 69.19
C THR G 281 -4.15 60.82 69.96
N PRO G 282 -3.96 60.75 71.28
CA PRO G 282 -4.70 59.75 72.08
C PRO G 282 -6.21 59.95 72.05
N GLU G 283 -6.68 61.18 71.84
CA GLU G 283 -8.11 61.46 71.91
C GLU G 283 -8.88 60.67 70.86
N LEU G 284 -8.36 60.59 69.64
CA LEU G 284 -8.95 59.73 68.63
C LEU G 284 -8.35 58.34 68.60
N ASN G 285 -7.28 58.10 69.36
CA ASN G 285 -6.74 56.76 69.51
C ASN G 285 -7.58 55.89 70.43
N MET G 286 -8.26 56.50 71.40
CA MET G 286 -9.13 55.75 72.30
C MET G 286 -10.26 55.06 71.53
N PRO G 287 -10.95 55.73 70.60
CA PRO G 287 -11.93 54.99 69.77
C PRO G 287 -11.31 53.88 68.95
N ILE G 288 -10.06 54.04 68.51
CA ILE G 288 -9.38 52.94 67.83
C ILE G 288 -9.25 51.74 68.77
N LEU G 289 -8.87 51.99 70.02
CA LEU G 289 -8.80 50.91 70.99
C LEU G 289 -10.18 50.29 71.22
N ALA G 290 -11.23 51.11 71.25
CA ALA G 290 -12.57 50.59 71.45
C ALA G 290 -12.99 49.68 70.31
N CYS G 291 -12.72 50.09 69.06
CA CYS G 291 -13.12 49.25 67.93
C CYS G 291 -12.26 47.98 67.85
N LYS G 292 -10.98 48.06 68.26
CA LYS G 292 -10.19 46.83 68.36
C LYS G 292 -10.75 45.92 69.44
N ASN G 293 -11.27 46.49 70.52
CA ASN G 293 -11.95 45.67 71.53
C ASN G 293 -13.19 45.01 70.94
N ILE G 294 -13.93 45.73 70.10
CA ILE G 294 -15.10 45.15 69.44
C ILE G 294 -14.70 43.98 68.55
N VAL G 295 -13.63 44.17 67.76
CA VAL G 295 -13.23 43.09 66.85
C VAL G 295 -12.66 41.90 67.62
N LYS G 296 -11.95 42.13 68.73
CA LYS G 296 -11.46 41.01 69.51
C LYS G 296 -12.62 40.29 70.21
N TYR G 297 -13.65 41.03 70.61
CA TYR G 297 -14.85 40.41 71.15
C TYR G 297 -15.52 39.52 70.12
N PHE G 298 -15.58 39.98 68.87
CA PHE G 298 -16.15 39.14 67.81
C PHE G 298 -15.30 37.90 67.55
N LYS G 299 -13.99 38.07 67.35
CA LYS G 299 -13.17 36.93 66.96
C LYS G 299 -13.01 35.93 68.10
N LYS G 300 -13.14 36.39 69.36
CA LYS G 300 -13.00 35.48 70.49
C LYS G 300 -14.26 34.67 70.73
N ALA G 301 -15.40 35.06 70.15
CA ALA G 301 -16.67 34.39 70.40
C ALA G 301 -17.25 33.75 69.15
N ASN G 302 -16.50 33.71 68.05
CA ASN G 302 -16.94 33.05 66.81
C ASN G 302 -18.25 33.63 66.31
N LEU G 303 -18.40 34.94 66.41
CA LEU G 303 -19.66 35.61 66.10
C LEU G 303 -19.80 36.01 64.64
N GLN G 304 -18.81 35.72 63.80
CA GLN G 304 -18.78 36.23 62.43
C GLN G 304 -19.80 35.58 61.51
N HIS G 305 -20.45 34.49 61.94
CA HIS G 305 -21.35 33.77 61.03
C HIS G 305 -22.54 34.64 60.62
N ARG G 306 -23.14 35.36 61.57
CA ARG G 306 -24.28 36.20 61.25
C ARG G 306 -23.88 37.54 60.64
N LEU G 307 -22.60 37.90 60.71
CA LEU G 307 -22.14 39.12 60.06
C LEU G 307 -22.23 38.99 58.54
N ARG G 308 -22.69 40.06 57.89
CA ARG G 308 -22.74 40.07 56.43
C ARG G 308 -21.35 39.92 55.83
N SER G 309 -20.38 40.64 56.39
CA SER G 309 -18.98 40.47 56.02
C SER G 309 -18.15 40.41 57.30
N SER G 310 -17.00 39.75 57.20
CA SER G 310 -16.15 39.58 58.37
C SER G 310 -15.30 40.83 58.60
N LEU G 311 -14.71 40.90 59.78
CA LEU G 311 -13.82 41.98 60.13
C LEU G 311 -12.39 41.64 59.73
N LYS G 312 -11.52 42.64 59.79
CA LYS G 312 -10.15 42.51 59.31
C LYS G 312 -9.19 42.46 60.49
N SER G 313 -7.90 42.37 60.16
CA SER G 313 -6.86 42.22 61.16
C SER G 313 -6.79 43.44 62.08
N GLU G 314 -6.52 43.20 63.36
CA GLU G 314 -6.41 44.26 64.35
C GLU G 314 -5.23 45.18 64.05
N CYS G 315 -4.01 44.67 64.15
CA CYS G 315 -2.81 45.47 63.95
C CYS G 315 -1.63 44.58 63.53
N PRO G 316 -1.59 44.13 62.28
CA PRO G 316 -0.45 43.34 61.81
C PRO G 316 0.72 44.16 61.30
N THR G 317 0.65 45.48 61.40
CA THR G 317 1.68 46.37 60.87
C THR G 317 1.96 46.09 59.39
N ARG G 318 0.89 45.88 58.63
CA ARG G 318 1.00 45.54 57.21
C ARG G 318 0.32 46.62 56.38
N TRP G 319 1.07 47.68 56.10
CA TRP G 319 0.72 48.71 55.12
C TRP G 319 -0.74 49.14 55.21
N ASN G 320 -1.08 49.74 56.36
CA ASN G 320 -2.35 50.42 56.56
C ASN G 320 -3.54 49.47 56.40
N SER G 321 -3.60 48.48 57.29
CA SER G 321 -4.82 47.69 57.45
C SER G 321 -5.92 48.47 58.14
N THR G 322 -5.59 49.64 58.71
CA THR G 322 -6.59 50.47 59.36
C THR G 322 -7.68 50.89 58.39
N TYR G 323 -7.32 51.20 57.15
CA TYR G 323 -8.33 51.56 56.16
C TYR G 323 -9.30 50.40 55.93
N THR G 324 -8.77 49.17 55.83
CA THR G 324 -9.62 48.01 55.62
C THR G 324 -10.56 47.78 56.80
N MET G 325 -10.04 47.90 58.04
CA MET G 325 -10.92 47.68 59.17
C MET G 325 -11.95 48.79 59.31
N LEU G 326 -11.60 50.02 58.94
CA LEU G 326 -12.59 51.09 58.89
C LEU G 326 -13.67 50.80 57.86
N ARG G 327 -13.28 50.27 56.69
CA ARG G 327 -14.27 49.88 55.69
C ARG G 327 -15.22 48.85 56.26
N SER G 328 -14.68 47.82 56.91
CA SER G 328 -15.53 46.77 57.48
C SER G 328 -16.46 47.34 58.54
N ILE G 329 -15.94 48.20 59.42
CA ILE G 329 -16.77 48.75 60.50
C ILE G 329 -17.87 49.63 59.93
N LEU G 330 -17.53 50.50 58.97
CA LEU G 330 -18.52 51.38 58.39
C LEU G 330 -19.60 50.61 57.66
N ASP G 331 -19.22 49.55 56.93
CA ASP G 331 -20.21 48.74 56.24
C ASP G 331 -21.07 47.92 57.20
N ASN G 332 -20.53 47.54 58.35
CA ASN G 332 -21.29 46.74 59.32
C ASN G 332 -22.00 47.56 60.37
N TRP G 333 -21.86 48.89 60.34
CA TRP G 333 -22.31 49.78 61.41
C TRP G 333 -23.65 49.41 62.05
N GLU G 334 -24.72 49.34 61.27
CA GLU G 334 -26.03 49.10 61.86
C GLU G 334 -26.14 47.70 62.45
N SER G 335 -25.64 46.69 61.74
CA SER G 335 -25.72 45.32 62.22
C SER G 335 -24.91 45.13 63.50
N VAL G 336 -23.69 45.68 63.53
CA VAL G 336 -22.85 45.55 64.72
C VAL G 336 -23.45 46.33 65.88
N ILE G 337 -24.08 47.47 65.62
CA ILE G 337 -24.76 48.21 66.68
C ILE G 337 -25.88 47.38 67.27
N GLN G 338 -26.70 46.76 66.42
CA GLN G 338 -27.79 45.93 66.92
C GLN G 338 -27.26 44.73 67.69
N ILE G 339 -26.20 44.10 67.19
CA ILE G 339 -25.63 42.93 67.85
C ILE G 339 -25.09 43.30 69.22
N LEU G 340 -24.37 44.41 69.33
CA LEU G 340 -23.82 44.81 70.62
C LEU G 340 -24.91 45.30 71.56
N SER G 341 -26.00 45.87 71.04
CA SER G 341 -27.14 46.18 71.89
C SER G 341 -27.75 44.92 72.48
N GLU G 342 -27.83 43.86 71.67
CA GLU G 342 -28.22 42.56 72.20
C GLU G 342 -27.18 42.05 73.20
N ALA G 343 -25.92 42.44 73.03
CA ALA G 343 -24.84 41.97 73.87
C ALA G 343 -24.55 42.89 75.06
N GLY G 344 -24.98 44.15 75.00
CA GLY G 344 -24.82 45.06 76.12
C GLY G 344 -23.49 45.79 76.19
N GLU G 345 -22.62 45.65 75.19
CA GLU G 345 -21.34 46.35 75.15
C GLU G 345 -21.42 47.62 74.30
N THR G 346 -22.59 48.27 74.27
CA THR G 346 -22.77 49.46 73.44
C THR G 346 -21.94 50.65 73.90
N GLN G 347 -21.38 50.59 75.11
CA GLN G 347 -20.55 51.70 75.59
C GLN G 347 -19.32 51.90 74.70
N ARG G 348 -18.82 50.83 74.08
CA ARG G 348 -17.66 50.95 73.21
C ARG G 348 -18.05 51.58 71.86
N ILE G 349 -19.19 51.17 71.31
CA ILE G 349 -19.58 51.70 70.00
C ILE G 349 -20.06 53.15 70.09
N VAL G 350 -20.75 53.52 71.18
CA VAL G 350 -21.22 54.90 71.30
C VAL G 350 -20.12 55.89 71.62
N HIS G 351 -18.88 55.42 71.77
CA HIS G 351 -17.75 56.28 72.10
C HIS G 351 -17.25 57.09 70.90
N ILE G 352 -17.72 56.81 69.69
CA ILE G 352 -17.18 57.41 68.48
C ILE G 352 -18.31 58.03 67.67
N ASN G 353 -18.03 59.17 67.05
CA ASN G 353 -18.96 59.83 66.15
C ASN G 353 -18.82 59.24 64.74
N LYS G 354 -19.83 59.49 63.90
CA LYS G 354 -19.84 58.96 62.55
C LYS G 354 -19.20 59.90 61.54
N SER G 355 -19.33 61.22 61.74
CA SER G 355 -18.72 62.18 60.82
C SER G 355 -17.19 62.06 60.85
N ILE G 356 -16.61 61.90 62.03
CA ILE G 356 -15.16 61.71 62.12
C ILE G 356 -14.76 60.42 61.43
N ILE G 357 -15.60 59.38 61.53
CA ILE G 357 -15.35 58.13 60.82
C ILE G 357 -15.31 58.38 59.32
N GLN G 358 -16.27 59.14 58.80
CA GLN G 358 -16.29 59.42 57.36
C GLN G 358 -15.07 60.23 56.94
N THR G 359 -14.67 61.21 57.75
CA THR G 359 -13.51 62.02 57.41
C THR G 359 -12.24 61.18 57.36
N MET G 360 -12.07 60.29 58.35
CA MET G 360 -10.90 59.42 58.30
C MET G 360 -10.98 58.43 57.14
N VAL G 361 -12.19 57.99 56.77
CA VAL G 361 -12.33 57.20 55.55
C VAL G 361 -11.77 57.98 54.36
N ASN G 362 -12.14 59.25 54.23
CA ASN G 362 -11.67 60.05 53.10
C ASN G 362 -10.15 60.19 53.11
N ILE G 363 -9.58 60.51 54.27
CA ILE G 363 -8.13 60.73 54.36
C ILE G 363 -7.38 59.44 54.06
N LEU G 364 -7.78 58.34 54.70
CA LEU G 364 -7.12 57.06 54.48
C LEU G 364 -7.34 56.56 53.06
N ASP G 365 -8.44 56.92 52.40
CA ASP G 365 -8.62 56.53 51.01
C ASP G 365 -7.69 57.31 50.10
N GLY G 366 -7.48 58.60 50.38
CA GLY G 366 -6.45 59.32 49.66
C GLY G 366 -5.07 58.72 49.84
N PHE G 367 -4.74 58.33 51.08
CA PHE G 367 -3.46 57.67 51.33
C PHE G 367 -3.37 56.34 50.58
N GLU G 368 -4.47 55.59 50.55
CA GLU G 368 -4.50 54.33 49.81
C GLU G 368 -4.28 54.57 48.32
N ARG G 369 -4.83 55.66 47.80
CA ARG G 369 -4.51 56.06 46.43
C ARG G 369 -3.01 56.24 46.27
N ILE G 370 -2.44 57.21 46.99
CA ILE G 370 -1.01 57.49 46.97
C ILE G 370 -0.22 56.19 47.00
N PHE G 371 -0.67 55.24 47.82
CA PHE G 371 -0.03 53.93 47.87
C PHE G 371 -0.15 53.20 46.54
N LYS G 372 -1.37 53.16 45.97
CA LYS G 372 -1.59 52.26 44.84
C LYS G 372 -0.87 52.76 43.58
N GLU G 373 -0.88 54.07 43.34
CA GLU G 373 -0.01 54.55 42.26
C GLU G 373 1.46 54.65 42.66
N LEU G 374 1.78 54.57 43.96
CA LEU G 374 3.18 54.52 44.36
C LEU G 374 3.81 53.18 44.03
N GLN G 375 3.13 52.08 44.35
CA GLN G 375 3.70 50.74 44.25
C GLN G 375 3.35 50.13 42.89
N THR G 376 4.26 50.32 41.93
CA THR G 376 4.13 49.72 40.62
C THR G 376 5.49 49.75 39.93
N CYS G 377 5.77 48.75 39.09
CA CYS G 377 7.07 48.62 38.46
C CYS G 377 7.03 48.49 36.94
N SER G 378 5.96 47.93 36.38
CA SER G 378 5.87 47.75 34.94
C SER G 378 5.83 49.06 34.18
N SER G 379 5.52 50.16 34.85
CA SER G 379 5.53 51.51 34.29
C SER G 379 6.30 52.41 35.25
N PRO G 380 6.90 53.48 34.74
CA PRO G 380 7.58 54.42 35.64
C PRO G 380 6.63 54.93 36.72
N SER G 381 7.13 54.98 37.95
CA SER G 381 6.31 55.26 39.11
C SER G 381 6.77 56.48 39.90
N LEU G 382 7.93 57.04 39.56
CA LEU G 382 8.38 58.27 40.20
C LEU G 382 7.52 59.47 39.81
N CYS G 383 6.69 59.32 38.76
CA CYS G 383 5.94 60.47 38.23
C CYS G 383 5.10 61.15 39.30
N PHE G 384 4.49 60.37 40.19
CA PHE G 384 3.63 60.93 41.24
C PHE G 384 4.34 60.79 42.59
N VAL G 385 5.20 61.75 42.89
CA VAL G 385 5.72 61.93 44.25
C VAL G 385 5.56 63.39 44.65
N VAL G 386 6.18 64.30 43.89
CA VAL G 386 5.97 65.73 44.12
C VAL G 386 4.51 66.13 43.94
N PRO G 387 3.81 65.73 42.88
CA PRO G 387 2.35 65.94 42.88
C PRO G 387 1.67 65.23 44.04
N SER G 388 2.18 64.07 44.46
CA SER G 388 1.62 63.39 45.62
C SER G 388 1.78 64.22 46.89
N ILE G 389 2.97 64.80 47.09
CA ILE G 389 3.17 65.59 48.30
C ILE G 389 2.36 66.89 48.23
N LEU G 390 2.21 67.48 47.05
CA LEU G 390 1.33 68.64 46.94
C LEU G 390 -0.11 68.28 47.26
N LYS G 391 -0.57 67.10 46.81
CA LYS G 391 -1.90 66.66 47.17
C LYS G 391 -2.03 66.44 48.68
N VAL G 392 -1.00 65.84 49.30
CA VAL G 392 -1.03 65.67 50.74
C VAL G 392 -1.11 67.01 51.44
N LYS G 393 -0.36 68.00 50.95
CA LYS G 393 -0.40 69.34 51.54
C LYS G 393 -1.79 69.94 51.44
N GLU G 394 -2.44 69.81 50.28
CA GLU G 394 -3.75 70.42 50.12
C GLU G 394 -4.82 69.66 50.88
N ILE G 395 -4.63 68.36 51.14
CA ILE G 395 -5.55 67.63 52.00
C ILE G 395 -5.53 68.21 53.41
N CYS G 396 -4.34 68.43 53.96
CA CYS G 396 -4.21 68.98 55.31
C CYS G 396 -4.14 70.50 55.28
N SER G 397 -5.08 71.12 54.58
CA SER G 397 -5.20 72.57 54.54
C SER G 397 -6.19 73.01 55.60
N PRO G 398 -5.91 74.07 56.35
CA PRO G 398 -6.82 74.47 57.45
C PRO G 398 -8.23 74.74 56.93
N ASP G 399 -9.21 74.05 57.53
CA ASP G 399 -10.60 74.17 57.15
C ASP G 399 -11.45 74.41 58.39
N VAL G 400 -12.31 75.42 58.31
CA VAL G 400 -13.19 75.73 59.43
C VAL G 400 -14.23 74.64 59.61
N GLY G 401 -14.71 74.05 58.52
CA GLY G 401 -15.74 73.03 58.62
C GLY G 401 -15.29 71.80 59.38
N ASP G 402 -14.02 71.44 59.25
CA ASP G 402 -13.49 70.28 59.96
C ASP G 402 -13.41 70.55 61.45
N VAL G 403 -13.60 69.49 62.23
CA VAL G 403 -13.55 69.60 63.69
C VAL G 403 -12.12 69.94 64.10
N ALA G 404 -11.99 70.59 65.26
CA ALA G 404 -10.66 70.94 65.78
C ALA G 404 -9.78 69.71 65.93
N ASP G 405 -10.38 68.55 66.22
CA ASP G 405 -9.62 67.31 66.23
C ASP G 405 -9.03 67.03 64.86
N ILE G 406 -9.83 67.19 63.80
CA ILE G 406 -9.33 67.01 62.44
C ILE G 406 -8.27 68.07 62.13
N ALA G 407 -8.46 69.29 62.63
CA ALA G 407 -7.49 70.35 62.40
C ALA G 407 -6.13 70.00 62.98
N LYS G 408 -6.10 69.52 64.22
CA LYS G 408 -4.82 69.16 64.82
C LYS G 408 -4.26 67.88 64.21
N LEU G 409 -5.12 66.97 63.75
CA LEU G 409 -4.62 65.84 62.97
C LEU G 409 -3.91 66.30 61.71
N LYS G 410 -4.50 67.26 61.00
CA LYS G 410 -3.88 67.78 59.78
C LYS G 410 -2.57 68.50 60.09
N VAL G 411 -2.55 69.26 61.19
CA VAL G 411 -1.32 69.94 61.59
C VAL G 411 -0.23 68.91 61.90
N ASN G 412 -0.59 67.85 62.63
CA ASN G 412 0.39 66.82 62.97
C ASN G 412 0.91 66.13 61.72
N ILE G 413 0.03 65.80 60.77
CA ILE G 413 0.48 65.06 59.60
C ILE G 413 1.35 65.94 58.70
N ILE G 414 1.01 67.22 58.55
CA ILE G 414 1.85 68.09 57.74
C ILE G 414 3.21 68.29 58.42
N LYS G 415 3.21 68.48 59.74
CA LYS G 415 4.47 68.59 60.46
C LYS G 415 5.33 67.35 60.26
N ASN G 416 4.69 66.17 60.37
CA ASN G 416 5.41 64.92 60.20
C ASN G 416 6.01 64.81 58.79
N VAL G 417 5.21 65.14 57.77
CA VAL G 417 5.67 64.92 56.40
C VAL G 417 6.81 65.87 56.04
N ARG G 418 6.79 67.11 56.54
CA ARG G 418 7.94 67.94 56.19
C ARG G 418 9.05 67.87 57.24
N ILE G 419 8.86 67.10 58.32
CA ILE G 419 9.91 66.96 59.30
C ILE G 419 10.72 65.67 59.11
N ILE G 420 10.15 64.63 58.50
CA ILE G 420 10.95 63.43 58.28
C ILE G 420 11.00 63.06 56.80
N TRP G 421 9.83 62.97 56.15
CA TRP G 421 9.80 62.43 54.79
C TRP G 421 10.49 63.38 53.81
N GLU G 422 10.15 64.67 53.90
CA GLU G 422 10.71 65.65 52.98
C GLU G 422 12.21 65.84 53.22
N GLU G 423 12.63 65.78 54.49
CA GLU G 423 14.04 65.99 54.82
C GLU G 423 14.91 64.84 54.32
N ASN G 424 14.28 63.72 53.93
CA ASN G 424 15.00 62.53 53.49
C ASN G 424 14.95 62.34 51.98
N LEU G 425 14.87 63.42 51.21
CA LEU G 425 14.82 63.31 49.75
C LEU G 425 16.23 63.43 49.18
N SER G 426 16.33 63.37 47.85
CA SER G 426 17.61 63.48 47.15
C SER G 426 17.40 64.24 45.85
N ILE G 427 18.52 64.69 45.28
CA ILE G 427 18.48 65.48 44.05
C ILE G 427 17.98 64.64 42.88
N TRP G 428 18.28 63.33 42.89
CA TRP G 428 17.85 62.45 41.80
C TRP G 428 16.35 62.52 41.58
N HIS G 429 15.58 62.65 42.65
CA HIS G 429 14.13 62.80 42.52
C HIS G 429 13.79 63.98 41.62
N TYR G 430 14.20 65.19 42.02
CA TYR G 430 13.86 66.38 41.24
C TYR G 430 14.41 66.29 39.83
N THR G 431 15.60 65.71 39.67
CA THR G 431 16.19 65.54 38.33
C THR G 431 15.28 64.70 37.46
N ALA G 432 14.71 63.63 38.02
CA ALA G 432 13.78 62.79 37.26
C ALA G 432 12.45 63.48 37.03
N PHE G 433 11.98 64.28 37.99
CA PHE G 433 10.73 65.02 37.79
C PHE G 433 10.85 66.06 36.68
N PHE G 434 12.04 66.62 36.47
CA PHE G 434 12.18 67.62 35.43
C PHE G 434 11.87 67.07 34.04
N PHE G 435 12.05 65.77 33.84
CA PHE G 435 11.77 65.16 32.54
C PHE G 435 10.30 64.94 32.27
N TYR G 436 9.43 65.20 33.24
CA TYR G 436 7.99 65.07 33.03
C TYR G 436 7.55 66.14 32.02
N PRO G 437 6.88 65.77 30.93
CA PRO G 437 6.73 66.69 29.79
C PRO G 437 6.02 67.98 30.18
N PRO G 438 4.93 67.94 30.99
CA PRO G 438 4.41 69.21 31.52
C PRO G 438 5.23 69.70 32.71
N ALA G 439 6.02 70.75 32.49
CA ALA G 439 6.82 71.36 33.54
C ALA G 439 6.17 72.63 34.09
N LEU G 440 4.94 72.93 33.69
CA LEU G 440 4.27 74.14 34.13
C LEU G 440 4.06 74.17 35.64
N HIS G 441 3.90 73.00 36.27
CA HIS G 441 3.75 72.97 37.72
C HIS G 441 5.03 73.37 38.43
N MET G 442 6.18 73.15 37.80
CA MET G 442 7.47 73.36 38.44
C MET G 442 8.30 74.33 37.60
N GLN G 443 8.33 75.59 38.03
CA GLN G 443 9.11 76.65 37.40
C GLN G 443 9.81 77.50 38.46
N GLN G 444 10.45 76.85 39.41
CA GLN G 444 11.07 77.52 40.55
C GLN G 444 12.59 77.41 40.45
N GLU G 445 13.28 77.89 41.49
CA GLU G 445 14.72 78.14 41.41
C GLU G 445 15.58 76.90 41.54
N LYS G 446 15.05 75.78 42.08
CA LYS G 446 15.90 74.61 42.24
C LYS G 446 16.23 73.93 40.92
N VAL G 447 15.61 74.37 39.81
CA VAL G 447 16.07 73.92 38.51
C VAL G 447 17.52 74.33 38.29
N ALA G 448 17.89 75.52 38.78
CA ALA G 448 19.30 75.92 38.75
C ALA G 448 20.14 74.99 39.61
N GLN G 449 19.58 74.49 40.71
CA GLN G 449 20.30 73.53 41.54
C GLN G 449 20.56 72.23 40.77
N ILE G 450 19.58 71.76 40.00
CA ILE G 450 19.77 70.50 39.28
C ILE G 450 20.47 70.65 37.94
N LYS G 451 20.69 71.89 37.46
CA LYS G 451 21.52 72.08 36.26
C LYS G 451 22.82 71.32 36.35
N GLU G 452 23.62 71.59 37.39
CA GLU G 452 24.96 71.00 37.46
C GLU G 452 24.90 69.48 37.55
N PHE G 453 23.99 68.96 38.38
CA PHE G 453 23.90 67.50 38.52
C PHE G 453 23.50 66.84 37.21
N CYS G 454 22.46 67.36 36.54
CA CYS G 454 22.01 66.77 35.30
C CYS G 454 23.10 66.83 34.23
N LEU G 455 23.77 67.97 34.11
CA LEU G 455 24.81 68.11 33.09
C LEU G 455 26.00 67.22 33.39
N SER G 456 26.38 67.09 34.66
CA SER G 456 27.51 66.24 35.01
C SER G 456 27.20 64.77 34.76
N LYS G 457 25.98 64.34 35.06
CA LYS G 457 25.62 62.95 34.82
C LYS G 457 25.46 62.66 33.33
N MET G 458 24.97 63.64 32.56
CA MET G 458 24.77 63.46 31.13
C MET G 458 26.07 63.53 30.33
N GLU G 459 27.03 64.36 30.75
CA GLU G 459 28.23 64.63 29.97
C GLU G 459 29.36 63.64 30.27
N ASP G 460 29.11 62.64 31.13
CA ASP G 460 30.13 61.65 31.44
C ASP G 460 29.63 60.23 31.18
N PRO G 517 24.85 71.98 17.24
CA PRO G 517 26.00 71.65 18.09
C PRO G 517 25.64 70.71 19.23
N VAL G 518 24.37 70.33 19.30
CA VAL G 518 23.81 69.38 20.28
C VAL G 518 24.36 69.66 21.68
N CYS G 519 24.55 70.93 22.00
CA CYS G 519 25.06 71.32 23.31
C CYS G 519 24.03 70.97 24.38
N PRO G 520 24.48 70.68 25.61
CA PRO G 520 23.54 70.33 26.69
C PRO G 520 22.51 71.41 26.96
N SER G 521 22.98 72.64 27.19
CA SER G 521 22.06 73.73 27.48
C SER G 521 21.14 74.03 26.29
N ASP G 522 21.60 73.77 25.07
CA ASP G 522 20.78 74.02 23.90
C ASP G 522 19.53 73.14 23.91
N GLU G 523 19.71 71.82 24.06
CA GLU G 523 18.56 70.93 24.13
C GLU G 523 17.78 71.13 25.43
N PHE G 524 18.47 71.55 26.50
CA PHE G 524 17.77 71.87 27.73
C PHE G 524 16.75 72.98 27.51
N GLU G 525 17.17 74.09 26.91
CA GLU G 525 16.25 75.18 26.63
C GLU G 525 15.27 74.85 25.51
N PHE G 526 15.63 73.90 24.63
CA PHE G 526 14.64 73.36 23.71
C PHE G 526 13.50 72.70 24.48
N TYR G 527 13.83 71.89 25.48
CA TYR G 527 12.83 71.30 26.34
C TYR G 527 12.12 72.33 27.21
N ARG G 528 12.74 73.48 27.46
CA ARG G 528 12.15 74.49 28.32
C ARG G 528 10.94 75.19 27.70
N LYS G 529 10.64 74.92 26.43
CA LYS G 529 9.60 75.64 25.69
C LYS G 529 8.68 74.67 24.96
N GLU G 530 8.21 73.65 25.67
CA GLU G 530 7.31 72.65 25.10
C GLU G 530 6.25 72.29 26.13
N ILE G 531 5.00 72.18 25.68
CA ILE G 531 3.85 71.98 26.55
C ILE G 531 2.86 71.03 25.88
N VAL G 532 2.42 70.02 26.62
CA VAL G 532 1.30 69.15 26.22
C VAL G 532 0.33 69.06 27.39
N ILE G 533 -0.94 69.30 27.11
CA ILE G 533 -1.98 69.24 28.14
C ILE G 533 -2.21 67.79 28.53
N LEU G 534 -2.63 67.58 29.79
CA LEU G 534 -2.81 66.24 30.32
C LEU G 534 -3.86 65.47 29.53
N SER G 535 -3.56 64.19 29.26
CA SER G 535 -4.51 63.28 28.64
C SER G 535 -4.07 61.86 28.98
N GLU G 536 -5.07 60.99 29.17
CA GLU G 536 -4.78 59.62 29.60
C GLU G 536 -3.97 58.87 28.55
N ASP G 537 -4.28 59.07 27.26
CA ASP G 537 -3.53 58.40 26.21
C ASP G 537 -2.08 58.87 26.17
N PHE G 538 -1.84 60.14 26.50
CA PHE G 538 -0.49 60.69 26.48
C PHE G 538 0.40 59.96 27.46
N LYS G 539 1.57 59.54 26.99
CA LYS G 539 2.52 58.78 27.81
C LYS G 539 3.90 59.38 27.65
N VAL G 540 4.66 59.43 28.75
CA VAL G 540 5.97 60.07 28.73
C VAL G 540 6.98 59.23 27.97
N MET G 541 6.86 57.90 28.04
CA MET G 541 7.86 57.01 27.45
C MET G 541 7.84 57.11 25.93
N GLU G 542 6.66 57.04 25.32
CA GLU G 542 6.58 57.19 23.86
C GLU G 542 6.95 58.60 23.42
N TRP G 543 6.63 59.60 24.25
CA TRP G 543 7.02 60.97 23.93
C TRP G 543 8.54 61.09 23.88
N TRP G 544 9.23 60.47 24.85
CA TRP G 544 10.69 60.49 24.83
C TRP G 544 11.24 59.69 23.66
N ASN G 545 10.57 58.60 23.27
CA ASN G 545 10.99 57.89 22.08
C ASN G 545 10.89 58.77 20.84
N LEU G 546 9.82 59.57 20.74
CA LEU G 546 9.72 60.53 19.65
C LEU G 546 10.83 61.57 19.73
N ASN G 547 11.12 62.06 20.94
CA ASN G 547 12.18 63.05 21.13
C ASN G 547 13.55 62.49 20.79
N SER G 548 13.73 61.17 20.86
CA SER G 548 15.03 60.57 20.59
C SER G 548 15.59 60.99 19.24
N LYS G 549 14.73 61.18 18.24
CA LYS G 549 15.19 61.73 16.97
C LYS G 549 15.74 63.14 17.14
N LYS G 550 15.02 63.99 17.88
CA LYS G 550 15.47 65.36 18.08
C LYS G 550 16.57 65.46 19.13
N TYR G 551 16.44 64.71 20.23
CA TYR G 551 17.36 64.81 21.37
C TYR G 551 17.97 63.44 21.62
N PRO G 552 19.10 63.12 20.98
CA PRO G 552 19.77 61.85 21.27
C PRO G 552 20.24 61.71 22.71
N LYS G 553 20.65 62.80 23.34
CA LYS G 553 21.25 62.77 24.67
C LYS G 553 20.22 62.85 25.78
N LEU G 554 19.30 63.81 25.69
CA LEU G 554 18.27 63.95 26.70
C LEU G 554 17.39 62.72 26.78
N SER G 555 17.07 62.13 25.61
CA SER G 555 16.24 60.93 25.60
C SER G 555 16.92 59.76 26.30
N LYS G 556 18.20 59.54 26.02
CA LYS G 556 18.90 58.42 26.65
C LYS G 556 19.05 58.65 28.16
N LEU G 557 19.33 59.90 28.56
CA LEU G 557 19.43 60.20 29.98
C LEU G 557 18.10 59.98 30.68
N ALA G 558 17.00 60.41 30.05
CA ALA G 558 15.68 60.21 30.63
C ALA G 558 15.33 58.74 30.73
N LEU G 559 15.66 57.96 29.70
CA LEU G 559 15.39 56.52 29.74
C LEU G 559 16.19 55.84 30.84
N SER G 560 17.45 56.26 31.02
CA SER G 560 18.27 55.70 32.08
C SER G 560 17.72 56.06 33.46
N LEU G 561 17.27 57.31 33.62
CA LEU G 561 16.83 57.77 34.94
C LEU G 561 15.45 57.24 35.32
N LEU G 562 14.53 57.09 34.35
CA LEU G 562 13.17 56.67 34.67
C LEU G 562 13.11 55.23 35.20
N SER G 563 14.17 54.44 34.99
CA SER G 563 14.17 53.06 35.47
C SER G 563 14.33 52.97 36.98
N ILE G 564 14.58 54.08 37.65
CA ILE G 564 14.78 54.07 39.11
C ILE G 564 13.49 53.62 39.80
N PRO G 565 13.57 52.75 40.82
CA PRO G 565 12.35 52.29 41.50
C PRO G 565 11.81 53.31 42.48
N ALA G 566 10.48 53.32 42.61
CA ALA G 566 9.84 54.14 43.62
C ALA G 566 10.01 53.53 45.01
N SER G 567 9.89 52.22 45.13
CA SER G 567 9.90 51.53 46.41
C SER G 567 10.52 50.15 46.21
N SER G 568 10.38 49.29 47.23
CA SER G 568 10.94 47.94 47.22
C SER G 568 9.87 46.88 46.98
N ALA G 569 8.92 47.15 46.07
CA ALA G 569 7.85 46.20 45.81
C ALA G 569 8.37 44.87 45.30
N ALA G 570 9.41 44.90 44.45
CA ALA G 570 9.95 43.66 43.90
C ALA G 570 10.50 42.76 45.01
N SER G 571 11.12 43.36 46.03
CA SER G 571 11.66 42.57 47.13
C SER G 571 10.55 41.79 47.84
N GLU G 572 9.46 42.47 48.16
CA GLU G 572 8.35 41.80 48.84
C GLU G 572 7.66 40.80 47.93
N ARG G 573 7.59 41.08 46.63
CA ARG G 573 7.02 40.13 45.69
C ARG G 573 7.84 38.84 45.67
N THR G 574 9.16 38.97 45.59
CA THR G 574 10.03 37.81 45.62
C THR G 574 9.93 37.08 46.95
N PHE G 575 9.79 37.82 48.05
CA PHE G 575 9.65 37.19 49.35
C PHE G 575 8.36 36.37 49.43
N SER G 576 7.26 36.90 48.90
CA SER G 576 6.02 36.14 48.85
C SER G 576 6.15 34.91 47.97
N LEU G 577 6.85 35.05 46.83
CA LEU G 577 7.09 33.89 45.97
C LEU G 577 7.89 32.82 46.71
N ALA G 578 8.93 33.23 47.44
CA ALA G 578 9.73 32.27 48.19
C ALA G 578 8.90 31.60 49.28
N GLY G 579 8.07 32.36 49.98
CA GLY G 579 7.18 31.78 50.97
C GLY G 579 6.20 30.79 50.36
N ASN G 580 5.76 31.06 49.12
CA ASN G 580 4.95 30.08 48.40
C ASN G 580 5.76 28.83 48.08
N ILE G 581 7.03 28.99 47.69
CA ILE G 581 7.86 27.83 47.35
C ILE G 581 8.07 26.94 48.55
N ILE G 582 8.72 27.48 49.59
CA ILE G 582 8.98 26.69 50.80
C ILE G 582 7.67 26.54 51.58
N THR G 583 7.32 25.30 51.88
CA THR G 583 6.01 25.01 52.46
C THR G 583 6.23 24.00 53.59
N GLU G 584 5.14 23.63 54.27
CA GLU G 584 5.22 22.69 55.38
C GLU G 584 5.79 21.35 54.93
N LYS G 585 5.35 20.86 53.78
CA LYS G 585 5.75 19.54 53.30
C LYS G 585 7.02 19.58 52.45
N ARG G 586 7.62 20.75 52.25
CA ARG G 586 8.80 20.90 51.41
C ARG G 586 9.91 21.62 52.17
N ASN G 587 10.10 21.27 53.44
CA ASN G 587 11.12 21.94 54.24
C ASN G 587 12.53 21.45 53.92
N ARG G 588 12.68 20.18 53.53
CA ARG G 588 13.99 19.65 53.16
C ARG G 588 14.29 20.06 51.73
N ILE G 589 14.71 21.32 51.56
CA ILE G 589 15.03 21.86 50.24
C ILE G 589 16.32 22.66 50.35
N GLY G 590 17.24 22.41 49.41
CA GLY G 590 18.48 23.15 49.37
C GLY G 590 18.32 24.56 48.83
N GLN G 591 19.33 25.38 49.09
CA GLN G 591 19.30 26.77 48.63
C GLN G 591 19.38 26.85 47.11
N GLN G 592 20.21 26.00 46.50
CA GLN G 592 20.44 26.06 45.07
C GLN G 592 19.17 25.75 44.30
N THR G 593 18.40 24.76 44.74
CA THR G 593 17.15 24.43 44.07
C THR G 593 16.16 25.58 44.12
N VAL G 594 16.05 26.23 45.29
CA VAL G 594 15.15 27.38 45.40
C VAL G 594 15.59 28.50 44.47
N ASP G 595 16.89 28.80 44.45
CA ASP G 595 17.39 29.87 43.58
C ASP G 595 17.13 29.52 42.12
N SER G 596 17.30 28.26 41.73
CA SER G 596 17.06 27.84 40.37
C SER G 596 15.59 27.99 39.99
N LEU G 597 14.68 27.56 40.88
CA LEU G 597 13.26 27.73 40.63
C LEU G 597 12.90 29.20 40.45
N LEU G 598 13.43 30.06 41.32
CA LEU G 598 13.14 31.49 41.21
C LEU G 598 13.68 32.07 39.90
N PHE G 599 14.91 31.69 39.52
CA PHE G 599 15.49 32.21 38.29
C PHE G 599 14.71 31.76 37.07
N LEU G 600 14.32 30.48 37.02
CA LEU G 600 13.56 30.03 35.86
C LEU G 600 12.18 30.65 35.81
N ASN G 601 11.54 30.84 36.96
CA ASN G 601 10.24 31.51 36.99
C ASN G 601 10.37 32.93 36.45
N SER G 602 11.36 33.67 36.92
CA SER G 602 11.57 35.04 36.46
C SER G 602 11.89 35.08 34.97
N PHE G 603 12.73 34.15 34.52
CA PHE G 603 13.11 34.08 33.11
C PHE G 603 11.89 33.87 32.22
N TYR G 604 11.09 32.85 32.54
CA TYR G 604 9.95 32.55 31.68
C TYR G 604 8.83 33.56 31.86
N LYS G 605 8.87 34.35 32.93
CA LYS G 605 7.95 35.47 33.03
C LYS G 605 8.48 36.70 32.30
N ASN G 606 9.77 36.70 31.94
CA ASN G 606 10.40 37.89 31.35
C ASN G 606 10.50 37.81 29.83
N PHE G 607 11.19 36.81 29.30
CA PHE G 607 11.56 36.80 27.89
C PHE G 607 10.47 36.20 27.00
N CYS G 608 10.12 34.94 27.24
CA CYS G 608 9.24 34.22 26.34
C CYS G 608 7.78 34.65 26.53
N LYS G 609 7.02 34.59 25.44
CA LYS G 609 5.59 34.91 25.47
C LYS G 609 4.80 33.91 24.64
N MET H 4 48.45 -14.41 30.24
CA MET H 4 48.62 -13.69 31.49
C MET H 4 47.64 -14.20 32.55
N ASP H 5 46.99 -13.26 33.25
CA ASP H 5 46.05 -13.63 34.30
C ASP H 5 44.81 -14.33 33.75
N ASN H 6 44.37 -13.96 32.54
CA ASN H 6 43.13 -14.53 32.00
C ASN H 6 43.25 -16.04 31.80
N LEU H 7 44.29 -16.48 31.10
CA LEU H 7 44.45 -17.91 30.85
C LEU H 7 44.78 -18.66 32.15
N GLU H 8 45.54 -18.03 33.04
CA GLU H 8 45.86 -18.66 34.33
C GLU H 8 44.59 -18.92 35.14
N VAL H 9 43.71 -17.93 35.24
CA VAL H 9 42.48 -18.11 36.00
C VAL H 9 41.54 -19.06 35.28
N LYS H 10 41.55 -19.06 33.94
CA LYS H 10 40.75 -20.02 33.20
C LYS H 10 41.19 -21.45 33.51
N ALA H 11 42.50 -21.70 33.51
CA ALA H 11 43.00 -23.02 33.85
C ALA H 11 42.67 -23.41 35.28
N LYS H 12 42.82 -22.46 36.21
CA LYS H 12 42.53 -22.77 37.61
C LYS H 12 41.05 -23.11 37.82
N ILE H 13 40.15 -22.35 37.20
CA ILE H 13 38.73 -22.65 37.37
C ILE H 13 38.34 -23.93 36.63
N ASN H 14 38.99 -24.22 35.50
CA ASN H 14 38.72 -25.48 34.80
C ASN H 14 39.15 -26.67 35.64
N GLN H 15 40.31 -26.58 36.31
CA GLN H 15 40.80 -27.67 37.13
C GLN H 15 40.04 -27.82 38.44
N GLY H 16 39.18 -26.87 38.80
CA GLY H 16 38.39 -26.97 40.00
C GLY H 16 39.07 -26.48 41.27
N LEU H 17 40.18 -25.75 41.15
CA LEU H 17 40.81 -25.18 42.34
C LEU H 17 39.90 -24.17 43.02
N TYR H 18 39.23 -23.33 42.24
CA TYR H 18 38.29 -22.34 42.75
C TYR H 18 36.86 -22.81 42.55
N LYS H 19 36.02 -22.53 43.54
CA LYS H 19 34.60 -22.83 43.44
C LYS H 19 33.88 -21.67 42.75
N ILE H 20 32.55 -21.77 42.66
CA ILE H 20 31.74 -20.75 42.02
C ILE H 20 30.59 -20.36 42.95
N THR H 21 30.16 -19.11 42.82
CA THR H 21 29.00 -18.60 43.53
C THR H 21 28.05 -17.98 42.52
N PRO H 22 27.05 -18.72 42.03
CA PRO H 22 26.20 -18.21 40.95
C PRO H 22 25.34 -17.01 41.33
N ARG H 23 25.27 -16.66 42.61
CA ARG H 23 24.46 -15.54 43.07
C ARG H 23 25.36 -14.36 43.40
N HIS H 24 25.10 -13.22 42.76
CA HIS H 24 25.84 -12.00 43.02
C HIS H 24 25.03 -10.96 43.79
N LYS H 25 23.76 -11.26 44.12
CA LYS H 25 22.89 -10.35 44.86
C LYS H 25 22.78 -9.01 44.15
N GLY H 26 22.34 -9.07 42.89
CA GLY H 26 22.21 -7.89 42.05
C GLY H 26 20.81 -7.74 41.50
N THR H 27 20.45 -6.50 41.18
CA THR H 27 19.11 -6.22 40.66
C THR H 27 18.99 -6.57 39.19
N SER H 28 20.05 -6.31 38.42
CA SER H 28 19.98 -6.46 36.97
C SER H 28 19.95 -7.93 36.57
N PHE H 29 19.59 -8.17 35.31
CA PHE H 29 19.53 -9.51 34.75
C PHE H 29 20.89 -10.01 34.27
N ILE H 30 21.93 -9.17 34.35
CA ILE H 30 23.26 -9.60 33.92
C ILE H 30 23.75 -10.76 34.78
N TRP H 31 23.44 -10.72 36.08
CA TRP H 31 23.89 -11.74 37.01
C TRP H 31 22.99 -12.97 37.03
N ASN H 32 21.90 -12.97 36.25
CA ASN H 32 21.02 -14.12 36.21
C ASN H 32 21.70 -15.34 35.61
N VAL H 33 22.53 -15.16 34.59
CA VAL H 33 23.19 -16.28 33.92
C VAL H 33 24.70 -16.11 34.00
N LEU H 34 25.17 -15.32 34.97
CA LEU H 34 26.59 -15.06 35.16
C LEU H 34 26.98 -15.41 36.60
N ALA H 35 28.22 -15.87 36.75
CA ALA H 35 28.73 -16.29 38.05
C ALA H 35 30.06 -15.58 38.33
N ASP H 36 30.61 -15.82 39.51
CA ASP H 36 31.87 -15.22 39.93
C ASP H 36 32.82 -16.32 40.41
N ILE H 37 34.04 -15.90 40.73
CA ILE H 37 35.11 -16.81 41.14
C ILE H 37 35.49 -16.50 42.58
N GLN H 38 35.58 -17.54 43.39
CA GLN H 38 35.98 -17.43 44.79
C GLN H 38 37.38 -18.00 45.00
N LYS H 39 38.20 -17.27 45.74
CA LYS H 39 39.52 -17.74 46.10
C LYS H 39 39.42 -18.99 46.99
N GLU H 40 40.54 -19.67 47.17
CA GLU H 40 40.55 -20.90 47.96
C GLU H 40 40.17 -20.68 49.41
N ASP H 41 40.30 -19.45 49.92
CA ASP H 41 39.90 -19.12 51.28
C ASP H 41 38.50 -18.53 51.34
N ASP H 42 37.62 -18.92 50.41
CA ASP H 42 36.22 -18.48 50.40
C ASP H 42 36.11 -16.96 50.35
N THR H 43 36.94 -16.34 49.51
CA THR H 43 36.93 -14.90 49.30
C THR H 43 36.74 -14.61 47.82
N LEU H 44 35.82 -13.69 47.50
CA LEU H 44 35.56 -13.34 46.11
C LEU H 44 36.78 -12.68 45.48
N VAL H 45 37.06 -13.07 44.24
CA VAL H 45 38.17 -12.46 43.49
C VAL H 45 37.73 -11.12 42.94
N GLU H 46 38.70 -10.35 42.46
CA GLU H 46 38.46 -8.99 41.99
C GLU H 46 38.58 -8.92 40.46
N GLY H 47 37.61 -8.25 39.85
CA GLY H 47 37.71 -7.86 38.45
C GLY H 47 37.42 -8.93 37.43
N TRP H 48 36.94 -10.10 37.83
CA TRP H 48 36.70 -11.19 36.89
C TRP H 48 35.31 -11.78 37.09
N VAL H 49 34.71 -12.25 36.01
CA VAL H 49 33.37 -12.83 36.01
C VAL H 49 33.42 -14.16 35.29
N PHE H 50 32.45 -15.04 35.60
CA PHE H 50 32.36 -16.36 35.01
C PHE H 50 30.95 -16.60 34.49
N CYS H 51 30.84 -17.29 33.36
CA CYS H 51 29.55 -17.54 32.72
C CYS H 51 29.14 -18.99 32.91
N ARG H 52 27.82 -19.23 32.93
CA ARG H 52 27.28 -20.53 33.30
C ARG H 52 26.76 -21.34 32.12
N LYS H 53 26.79 -20.81 30.89
CA LYS H 53 26.38 -21.56 29.72
C LYS H 53 27.54 -21.82 28.76
N CYS H 54 28.24 -20.76 28.35
CA CYS H 54 29.42 -20.91 27.51
C CYS H 54 30.72 -20.98 28.29
N GLU H 55 30.68 -20.70 29.60
CA GLU H 55 31.83 -20.85 30.49
C GLU H 55 33.03 -20.04 30.00
N LYS H 56 32.87 -18.73 29.97
CA LYS H 56 33.92 -17.81 29.55
C LYS H 56 34.20 -16.81 30.65
N VAL H 57 35.48 -16.59 30.94
CA VAL H 57 35.90 -15.63 31.94
C VAL H 57 36.12 -14.28 31.27
N LEU H 58 35.56 -13.22 31.84
CA LEU H 58 35.68 -11.87 31.31
C LEU H 58 36.13 -10.92 32.41
N LYS H 59 36.79 -9.85 32.01
CA LYS H 59 37.22 -8.83 32.95
C LYS H 59 36.01 -8.03 33.44
N TYR H 60 35.90 -7.87 34.75
CA TYR H 60 34.79 -7.13 35.36
C TYR H 60 35.27 -5.76 35.81
N THR H 61 34.52 -4.73 35.46
CA THR H 61 34.84 -3.36 35.82
C THR H 61 33.76 -2.82 36.74
N THR H 62 34.18 -2.28 37.88
CA THR H 62 33.21 -1.68 38.80
C THR H 62 32.63 -0.39 38.24
N ARG H 63 33.40 0.33 37.41
CA ARG H 63 32.92 1.59 36.86
C ARG H 63 31.77 1.40 35.88
N GLN H 64 31.79 0.32 35.10
CA GLN H 64 30.82 0.17 34.02
C GLN H 64 30.59 -1.30 33.74
N THR H 65 29.36 -1.63 33.33
CA THR H 65 29.00 -2.99 32.96
C THR H 65 28.33 -3.06 31.58
N SER H 66 28.39 -1.98 30.80
CA SER H 66 27.74 -1.98 29.49
C SER H 66 28.40 -2.97 28.54
N ASN H 67 29.72 -3.10 28.61
CA ASN H 67 30.43 -4.01 27.71
C ASN H 67 29.99 -5.45 27.92
N LEU H 68 29.78 -5.85 29.18
CA LEU H 68 29.36 -7.22 29.46
C LEU H 68 28.00 -7.53 28.83
N CYS H 69 27.19 -6.51 28.56
CA CYS H 69 25.90 -6.72 27.91
C CYS H 69 26.03 -7.14 26.46
N ARG H 70 27.21 -7.04 25.86
CA ARG H 70 27.45 -7.41 24.48
C ARG H 70 27.88 -8.85 24.32
N HIS H 71 28.02 -9.59 25.42
CA HIS H 71 28.45 -10.98 25.39
C HIS H 71 27.43 -11.83 24.62
N LYS H 72 27.95 -12.74 23.80
CA LYS H 72 27.11 -13.50 22.87
C LYS H 72 26.09 -14.35 23.62
N CYS H 73 26.50 -14.91 24.77
CA CYS H 73 25.59 -15.76 25.54
C CYS H 73 24.38 -14.98 26.03
N CYS H 74 24.49 -13.66 26.12
CA CYS H 74 23.37 -12.80 26.49
C CYS H 74 22.72 -12.14 25.28
N ALA H 75 22.72 -12.80 24.13
CA ALA H 75 22.16 -12.21 22.91
C ALA H 75 20.66 -11.96 23.06
N SER H 76 19.88 -13.03 23.24
CA SER H 76 18.43 -12.92 23.25
C SER H 76 17.82 -12.94 24.64
N LEU H 77 18.64 -12.93 25.69
CA LEU H 77 18.11 -12.94 27.05
C LEU H 77 17.35 -11.65 27.34
N LYS H 78 18.06 -10.51 27.30
CA LYS H 78 17.52 -9.17 27.51
C LYS H 78 16.42 -9.11 28.57
N GLN H 79 15.32 -8.43 28.29
CA GLN H 79 14.20 -8.31 29.21
C GLN H 79 12.91 -8.68 28.50
N SER H 80 11.92 -9.09 29.30
CA SER H 80 10.61 -9.47 28.77
C SER H 80 9.84 -8.19 28.45
N ARG H 81 10.05 -7.71 27.23
CA ARG H 81 9.45 -6.45 26.80
C ARG H 81 8.14 -6.72 26.06
N GLU H 82 7.07 -6.06 26.50
CA GLU H 82 5.76 -6.17 25.87
C GLU H 82 5.32 -4.88 25.21
N LEU H 83 5.71 -3.74 25.74
CA LEU H 83 5.35 -2.43 25.19
C LEU H 83 6.55 -1.84 24.46
N LYS H 84 6.27 -1.21 23.31
CA LYS H 84 7.33 -0.68 22.46
C LYS H 84 8.05 0.47 23.13
N THR H 85 9.38 0.51 22.96
CA THR H 85 10.20 1.60 23.46
C THR H 85 10.34 2.67 22.38
N VAL H 86 10.96 3.80 22.76
CA VAL H 86 11.15 4.93 21.86
C VAL H 86 12.61 5.39 21.95
N SER H 87 12.96 6.32 21.08
CA SER H 87 14.29 6.90 21.06
C SER H 87 14.51 7.78 22.29
N ALA H 88 15.79 7.94 22.64
CA ALA H 88 16.15 8.78 23.79
C ALA H 88 15.84 10.25 23.56
N ASP H 89 15.69 10.68 22.31
CA ASP H 89 15.32 12.07 22.05
C ASP H 89 13.94 12.39 22.59
N CYS H 90 12.99 11.46 22.44
CA CYS H 90 11.67 11.64 23.04
C CYS H 90 11.78 11.70 24.56
N LYS H 91 12.66 10.87 25.14
CA LYS H 91 12.89 10.92 26.59
C LYS H 91 13.38 12.30 27.02
N LYS H 92 14.36 12.84 26.29
CA LYS H 92 14.91 14.15 26.65
C LYS H 92 13.87 15.25 26.50
N GLU H 93 13.06 15.17 25.44
CA GLU H 93 12.01 16.17 25.24
C GLU H 93 10.96 16.09 26.35
N ALA H 94 10.62 14.87 26.78
CA ALA H 94 9.72 14.71 27.92
C ALA H 94 10.32 15.31 29.18
N ILE H 95 11.62 15.08 29.40
CA ILE H 95 12.31 15.69 30.54
C ILE H 95 12.16 17.20 30.50
N GLU H 96 12.44 17.80 29.34
CA GLU H 96 12.37 19.25 29.22
C GLU H 96 10.97 19.77 29.47
N LYS H 97 9.96 19.13 28.86
CA LYS H 97 8.59 19.60 28.99
C LYS H 97 8.09 19.48 30.42
N CYS H 98 8.39 18.34 31.07
CA CYS H 98 7.96 18.16 32.45
C CYS H 98 8.67 19.14 33.37
N ALA H 99 9.95 19.41 33.12
CA ALA H 99 10.66 20.41 33.92
C ALA H 99 10.02 21.78 33.78
N GLN H 100 9.67 22.16 32.55
CA GLN H 100 8.99 23.43 32.34
C GLN H 100 7.66 23.49 33.10
N TRP H 101 6.87 22.42 33.03
CA TRP H 101 5.61 22.41 33.75
C TRP H 101 5.83 22.58 35.25
N VAL H 102 6.78 21.82 35.81
CA VAL H 102 7.00 21.89 37.25
C VAL H 102 7.53 23.24 37.68
N VAL H 103 8.34 23.90 36.86
CA VAL H 103 8.93 25.16 37.30
C VAL H 103 7.99 26.34 37.09
N ARG H 104 7.19 26.35 36.02
CA ARG H 104 6.38 27.52 35.70
C ARG H 104 5.01 27.52 36.38
N ASP H 105 4.61 26.42 37.01
CA ASP H 105 3.31 26.33 37.64
C ASP H 105 3.40 26.00 39.13
N CYS H 106 4.61 25.72 39.63
CA CYS H 106 4.89 25.58 41.06
C CYS H 106 4.06 24.45 41.69
N ARG H 107 4.37 23.23 41.25
CA ARG H 107 3.86 22.04 41.89
C ARG H 107 5.00 21.16 42.39
N PRO H 108 4.79 20.38 43.45
CA PRO H 108 5.85 19.53 43.97
C PRO H 108 6.23 18.42 43.00
N PHE H 109 7.48 17.97 43.12
CA PHE H 109 8.03 17.02 42.16
C PHE H 109 7.29 15.69 42.18
N SER H 110 6.95 15.19 43.36
CA SER H 110 6.40 13.83 43.51
C SER H 110 5.05 13.64 42.79
N ALA H 111 4.44 14.70 42.27
CA ALA H 111 3.19 14.53 41.54
C ALA H 111 3.36 13.70 40.28
N VAL H 112 4.58 13.61 39.74
CA VAL H 112 4.83 12.87 38.51
C VAL H 112 4.64 11.36 38.71
N SER H 113 4.66 10.89 39.96
CA SER H 113 4.55 9.46 40.25
C SER H 113 3.14 9.06 40.69
N GLY H 114 2.15 9.92 40.49
CA GLY H 114 0.80 9.60 40.92
C GLY H 114 0.10 8.63 39.98
N SER H 115 -0.69 7.73 40.58
CA SER H 115 -1.43 6.76 39.79
C SER H 115 -2.46 7.46 38.89
N GLY H 116 -3.13 8.49 39.41
CA GLY H 116 -4.03 9.25 38.57
C GLY H 116 -3.33 9.90 37.40
N PHE H 117 -2.10 10.37 37.61
CA PHE H 117 -1.30 10.90 36.51
C PHE H 117 -1.02 9.82 35.47
N ILE H 118 -0.76 8.60 35.92
CA ILE H 118 -0.52 7.49 34.99
C ILE H 118 -1.78 7.21 34.19
N ASP H 119 -2.94 7.21 34.84
CA ASP H 119 -4.19 6.99 34.11
C ASP H 119 -4.42 8.09 33.09
N MET H 120 -4.17 9.35 33.49
CA MET H 120 -4.31 10.46 32.56
C MET H 120 -3.42 10.29 31.34
N ILE H 121 -2.14 9.98 31.55
CA ILE H 121 -1.22 9.89 30.43
C ILE H 121 -1.56 8.70 29.54
N LYS H 122 -1.96 7.56 30.12
CA LYS H 122 -2.36 6.42 29.30
C LYS H 122 -3.57 6.76 28.44
N PHE H 123 -4.59 7.38 29.04
CA PHE H 123 -5.79 7.71 28.29
C PHE H 123 -5.48 8.71 27.19
N PHE H 124 -4.60 9.69 27.47
CA PHE H 124 -4.32 10.71 26.47
C PHE H 124 -3.45 10.17 25.34
N ILE H 125 -2.50 9.29 25.64
CA ILE H 125 -1.77 8.60 24.57
C ILE H 125 -2.74 7.80 23.71
N LYS H 126 -3.68 7.10 24.34
CA LYS H 126 -4.65 6.32 23.58
C LYS H 126 -5.46 7.21 22.63
N VAL H 127 -6.01 8.31 23.16
CA VAL H 127 -6.87 9.15 22.33
C VAL H 127 -6.05 9.85 21.25
N GLY H 128 -4.81 10.26 21.55
CA GLY H 128 -3.98 10.87 20.54
C GLY H 128 -3.63 9.92 19.41
N ALA H 129 -3.31 8.67 19.75
CA ALA H 129 -3.03 7.69 18.71
C ALA H 129 -4.29 7.35 17.92
N GLU H 130 -5.45 7.40 18.57
CA GLU H 130 -6.69 7.03 17.89
C GLU H 130 -7.27 8.17 17.06
N TYR H 131 -6.84 9.42 17.28
CA TYR H 131 -7.35 10.54 16.49
C TYR H 131 -6.29 11.16 15.60
N GLY H 132 -5.15 11.57 16.16
CA GLY H 132 -4.10 12.16 15.34
C GLY H 132 -3.59 13.45 15.95
N GLU H 133 -2.89 14.22 15.13
CA GLU H 133 -2.21 15.43 15.54
C GLU H 133 -3.09 16.68 15.42
N HIS H 134 -4.40 16.51 15.26
CA HIS H 134 -5.28 17.64 15.03
C HIS H 134 -6.43 17.71 16.02
N VAL H 135 -6.13 17.57 17.32
CA VAL H 135 -7.15 17.60 18.37
C VAL H 135 -7.00 18.90 19.15
N ASN H 136 -8.09 19.66 19.22
CA ASN H 136 -8.10 20.93 19.94
C ASN H 136 -8.16 20.63 21.44
N VAL H 137 -7.00 20.67 22.09
CA VAL H 137 -6.89 20.21 23.48
C VAL H 137 -7.62 21.14 24.44
N GLU H 138 -7.98 22.35 23.99
CA GLU H 138 -8.55 23.33 24.91
C GLU H 138 -9.87 22.87 25.49
N GLU H 139 -10.79 22.38 24.66
CA GLU H 139 -12.09 21.96 25.16
C GLU H 139 -12.08 20.56 25.75
N LEU H 140 -11.02 19.78 25.51
CA LEU H 140 -10.93 18.45 26.11
C LEU H 140 -10.86 18.53 27.63
N LEU H 141 -10.08 19.47 28.16
CA LEU H 141 -9.92 19.58 29.60
C LEU H 141 -11.01 20.47 30.19
N PRO H 142 -11.79 19.99 31.14
CA PRO H 142 -12.92 20.76 31.66
C PRO H 142 -12.48 21.88 32.61
N SER H 143 -13.44 22.77 32.89
CA SER H 143 -13.25 23.86 33.84
C SER H 143 -13.41 23.37 35.27
N PRO H 144 -12.78 24.06 36.24
CA PRO H 144 -12.83 23.59 37.64
C PRO H 144 -14.24 23.47 38.20
N ILE H 145 -15.16 24.35 37.81
CA ILE H 145 -16.52 24.26 38.31
C ILE H 145 -17.15 22.93 37.91
N THR H 146 -16.91 22.52 36.66
CA THR H 146 -17.37 21.21 36.22
C THR H 146 -16.71 20.10 37.03
N LEU H 147 -15.44 20.28 37.41
CA LEU H 147 -14.77 19.29 38.26
C LEU H 147 -15.50 19.14 39.59
N SER H 148 -15.83 20.26 40.23
CA SER H 148 -16.52 20.20 41.52
C SER H 148 -17.89 19.56 41.38
N ARG H 149 -18.65 19.98 40.36
CA ARG H 149 -19.98 19.41 40.15
C ARG H 149 -19.90 17.91 39.88
N LYS H 150 -18.96 17.49 39.05
CA LYS H 150 -18.82 16.07 38.74
C LYS H 150 -18.40 15.28 39.97
N VAL H 151 -17.49 15.82 40.78
CA VAL H 151 -17.02 15.06 41.93
C VAL H 151 -18.14 14.91 42.96
N THR H 152 -18.95 15.95 43.18
CA THR H 152 -20.04 15.79 44.15
C THR H 152 -21.13 14.86 43.61
N SER H 153 -21.42 14.94 42.31
CA SER H 153 -22.41 14.03 41.73
C SER H 153 -21.93 12.58 41.82
N ASP H 154 -20.66 12.33 41.51
CA ASP H 154 -20.12 10.99 41.62
C ASP H 154 -20.11 10.51 43.07
N ALA H 155 -19.85 11.42 44.01
CA ALA H 155 -19.92 11.06 45.42
C ALA H 155 -21.31 10.57 45.79
N LYS H 156 -22.34 11.32 45.38
CA LYS H 156 -23.70 10.91 45.67
C LYS H 156 -24.03 9.57 45.01
N GLU H 157 -23.62 9.39 43.75
CA GLU H 157 -23.93 8.16 43.05
C GLU H 157 -23.25 6.96 43.70
N LYS H 158 -21.98 7.09 44.08
CA LYS H 158 -21.28 5.99 44.73
C LYS H 158 -21.86 5.70 46.11
N LYS H 159 -22.28 6.74 46.84
CA LYS H 159 -22.96 6.51 48.11
C LYS H 159 -24.22 5.68 47.91
N ALA H 160 -25.02 6.04 46.90
CA ALA H 160 -26.24 5.28 46.63
C ALA H 160 -25.90 3.84 46.25
N LEU H 161 -24.83 3.64 45.47
CA LEU H 161 -24.43 2.30 45.08
C LEU H 161 -24.03 1.45 46.30
N ILE H 162 -23.23 2.03 47.20
CA ILE H 162 -22.70 1.30 48.34
C ILE H 162 -23.74 1.11 49.44
N SER H 163 -24.81 1.89 49.44
CA SER H 163 -25.84 1.77 50.48
C SER H 163 -26.38 0.35 50.59
N ARG H 164 -26.45 -0.38 49.48
CA ARG H 164 -26.94 -1.76 49.54
C ARG H 164 -26.01 -2.64 50.37
N GLU H 165 -24.70 -2.52 50.18
CA GLU H 165 -23.78 -3.33 50.96
C GLU H 165 -23.74 -2.84 52.41
N ILE H 166 -23.96 -1.54 52.63
CA ILE H 166 -24.06 -1.04 54.00
C ILE H 166 -25.25 -1.68 54.71
N LYS H 167 -26.38 -1.79 54.01
CA LYS H 167 -27.52 -2.54 54.53
C LYS H 167 -27.14 -3.97 54.86
N SER H 168 -26.71 -4.71 53.83
CA SER H 168 -26.37 -6.12 54.00
C SER H 168 -25.39 -6.33 55.14
N ALA H 169 -24.59 -5.30 55.46
CA ALA H 169 -23.80 -5.34 56.68
C ALA H 169 -24.66 -5.10 57.91
N VAL H 170 -25.61 -4.15 57.86
CA VAL H 170 -26.27 -3.73 59.08
C VAL H 170 -27.28 -4.77 59.59
N GLU H 171 -27.98 -5.49 58.71
CA GLU H 171 -28.89 -6.51 59.26
C GLU H 171 -28.15 -7.71 59.86
N LYS H 172 -26.84 -7.82 59.66
CA LYS H 172 -26.17 -8.95 60.31
C LYS H 172 -25.80 -8.65 61.76
N ASP H 173 -26.10 -7.45 62.26
CA ASP H 173 -25.94 -7.02 63.64
C ASP H 173 -24.47 -6.88 64.05
N GLY H 174 -23.52 -7.17 63.16
CA GLY H 174 -22.12 -7.02 63.50
C GLY H 174 -21.44 -5.89 62.75
N ALA H 175 -21.14 -4.80 63.44
CA ALA H 175 -20.47 -3.66 62.85
C ALA H 175 -20.04 -2.71 63.96
N SER H 176 -18.83 -2.17 63.86
CA SER H 176 -18.28 -1.26 64.84
C SER H 176 -17.85 0.04 64.16
N ALA H 177 -18.02 1.16 64.85
CA ALA H 177 -17.69 2.47 64.32
C ALA H 177 -17.06 3.32 65.42
N THR H 178 -16.31 4.34 65.00
CA THR H 178 -15.73 5.31 65.91
C THR H 178 -16.23 6.71 65.55
N ILE H 179 -16.39 7.55 66.57
CA ILE H 179 -16.92 8.89 66.41
C ILE H 179 -16.03 9.86 67.20
N ASP H 180 -15.73 11.01 66.60
CA ASP H 180 -14.92 12.02 67.26
C ASP H 180 -15.20 13.37 66.61
N LEU H 181 -14.88 14.44 67.34
CA LEU H 181 -15.07 15.80 66.88
C LEU H 181 -13.73 16.46 66.58
N TRP H 182 -13.77 17.50 65.76
CA TRP H 182 -12.56 18.16 65.30
C TRP H 182 -12.79 19.67 65.25
N THR H 183 -11.72 20.43 65.43
CA THR H 183 -11.76 21.88 65.39
C THR H 183 -10.65 22.37 64.47
N ASP H 184 -11.00 23.26 63.53
CA ASP H 184 -10.03 23.77 62.59
C ASP H 184 -9.48 25.12 63.06
N ASN H 185 -8.31 25.48 62.54
CA ASN H 185 -7.58 26.67 62.97
C ASN H 185 -7.89 27.90 62.12
N TYR H 186 -8.74 27.79 61.10
CA TYR H 186 -9.02 28.90 60.20
C TYR H 186 -10.43 29.45 60.36
N ILE H 187 -11.44 28.60 60.21
CA ILE H 187 -12.83 29.04 60.29
C ILE H 187 -13.46 28.69 61.64
N LYS H 188 -12.79 27.89 62.46
CA LYS H 188 -13.27 27.43 63.76
C LYS H 188 -14.52 26.57 63.66
N ARG H 189 -14.79 26.02 62.47
CA ARG H 189 -15.90 25.08 62.32
C ARG H 189 -15.59 23.78 63.06
N ASN H 190 -16.57 23.28 63.79
CA ASN H 190 -16.47 21.96 64.43
C ASN H 190 -17.07 20.90 63.53
N PHE H 191 -16.35 19.79 63.36
CA PHE H 191 -16.74 18.72 62.46
C PHE H 191 -16.86 17.41 63.21
N LEU H 192 -17.64 16.49 62.64
CA LEU H 192 -17.80 15.13 63.16
C LEU H 192 -17.54 14.13 62.04
N GLY H 193 -16.60 13.22 62.25
CA GLY H 193 -16.28 12.18 61.28
C GLY H 193 -16.58 10.81 61.87
N VAL H 194 -17.15 9.94 61.04
CA VAL H 194 -17.53 8.60 61.46
C VAL H 194 -17.05 7.60 60.42
N THR H 195 -16.59 6.44 60.89
CA THR H 195 -16.09 5.39 60.00
C THR H 195 -16.87 4.11 60.23
N LEU H 196 -16.43 3.01 59.63
CA LEU H 196 -17.09 1.72 59.86
C LEU H 196 -16.05 0.61 59.79
N HIS H 197 -16.15 -0.33 60.72
CA HIS H 197 -15.33 -1.54 60.70
C HIS H 197 -16.23 -2.74 60.46
N TYR H 198 -15.94 -3.49 59.40
CA TYR H 198 -16.72 -4.67 59.07
C TYR H 198 -15.84 -5.63 58.29
N HIS H 199 -16.04 -6.92 58.52
CA HIS H 199 -15.25 -7.98 57.89
C HIS H 199 -16.19 -8.98 57.25
N GLU H 200 -16.06 -9.19 55.93
CA GLU H 200 -16.96 -10.08 55.22
C GLU H 200 -16.35 -11.46 54.98
N ASN H 201 -15.16 -11.54 54.37
CA ASN H 201 -14.49 -12.83 54.21
C ASN H 201 -12.99 -12.61 54.20
N ASN H 202 -12.36 -12.69 55.38
CA ASN H 202 -10.91 -12.72 55.52
C ASN H 202 -10.18 -11.45 55.06
N GLU H 203 -10.78 -10.27 55.27
CA GLU H 203 -10.00 -9.03 55.17
C GLU H 203 -10.55 -8.03 56.17
N LEU H 204 -9.73 -7.03 56.51
CA LEU H 204 -10.17 -5.92 57.35
C LEU H 204 -10.62 -4.78 56.44
N ARG H 205 -11.84 -4.92 55.94
CA ARG H 205 -12.42 -3.96 55.00
C ARG H 205 -12.92 -2.75 55.77
N ASP H 206 -12.15 -1.66 55.75
CA ASP H 206 -12.44 -0.45 56.50
C ASP H 206 -12.62 0.74 55.57
N LEU H 207 -13.61 1.57 55.89
CA LEU H 207 -13.91 2.76 55.09
C LEU H 207 -14.61 3.78 55.98
N ILE H 208 -14.63 5.02 55.53
CA ILE H 208 -15.25 6.10 56.26
C ILE H 208 -16.67 6.31 55.73
N LEU H 209 -17.51 6.93 56.56
CA LEU H 209 -18.87 7.26 56.15
C LEU H 209 -18.97 8.69 55.62
N GLY H 210 -18.57 9.67 56.42
CA GLY H 210 -18.65 11.05 55.99
C GLY H 210 -18.13 11.98 57.08
N LEU H 211 -18.06 13.26 56.74
CA LEU H 211 -17.59 14.28 57.66
C LEU H 211 -18.30 15.59 57.34
N LYS H 212 -19.14 16.06 58.26
CA LYS H 212 -19.83 17.32 58.11
C LYS H 212 -19.82 18.07 59.44
N SER H 213 -19.98 19.38 59.36
CA SER H 213 -19.84 20.27 60.51
C SER H 213 -21.19 20.53 61.17
N LEU H 214 -21.13 21.03 62.40
CA LEU H 214 -22.33 21.45 63.13
C LEU H 214 -22.62 22.93 62.92
N ASP H 215 -22.60 23.37 61.66
CA ASP H 215 -22.70 24.79 61.32
C ASP H 215 -21.92 25.64 62.30
N PHE H 216 -22.54 26.70 62.83
CA PHE H 216 -22.02 27.40 64.01
C PHE H 216 -22.81 27.05 65.26
N GLU H 217 -23.62 26.00 65.21
CA GLU H 217 -24.41 25.58 66.36
C GLU H 217 -23.50 24.98 67.44
N ARG H 218 -24.03 24.96 68.67
CA ARG H 218 -23.28 24.49 69.82
C ARG H 218 -23.46 22.99 69.97
N SER H 219 -22.41 22.30 70.41
CA SER H 219 -22.46 20.86 70.57
C SER H 219 -23.34 20.47 71.75
N THR H 220 -24.22 19.50 71.53
CA THR H 220 -25.09 18.97 72.57
C THR H 220 -25.57 17.59 72.14
N ALA H 221 -26.23 16.90 73.07
CA ALA H 221 -26.68 15.53 72.79
C ALA H 221 -27.67 15.49 71.64
N GLU H 222 -28.65 16.39 71.65
CA GLU H 222 -29.68 16.35 70.61
C GLU H 222 -29.10 16.68 69.24
N ASN H 223 -28.25 17.70 69.15
CA ASN H 223 -27.67 18.07 67.86
C ASN H 223 -26.77 16.97 67.33
N ILE H 224 -25.93 16.38 68.18
CA ILE H 224 -25.04 15.32 67.75
C ILE H 224 -25.84 14.11 67.29
N TYR H 225 -26.89 13.75 68.04
CA TYR H 225 -27.73 12.62 67.64
C TYR H 225 -28.42 12.91 66.31
N LYS H 226 -28.91 14.12 66.12
CA LYS H 226 -29.54 14.50 64.86
C LYS H 226 -28.57 14.39 63.69
N LYS H 227 -27.34 14.89 63.89
CA LYS H 227 -26.36 14.84 62.81
C LYS H 227 -25.99 13.40 62.48
N LEU H 228 -25.81 12.55 63.49
CA LEU H 228 -25.51 11.14 63.24
C LEU H 228 -26.66 10.45 62.53
N LYS H 229 -27.90 10.75 62.94
CA LYS H 229 -29.07 10.16 62.29
C LYS H 229 -29.15 10.60 60.84
N ALA H 230 -28.85 11.86 60.55
CA ALA H 230 -28.83 12.33 59.17
C ALA H 230 -27.73 11.64 58.36
N ILE H 231 -26.55 11.46 58.97
CA ILE H 231 -25.45 10.77 58.30
C ILE H 231 -25.87 9.35 57.91
N PHE H 232 -26.49 8.64 58.85
CA PHE H 232 -26.91 7.27 58.52
C PHE H 232 -28.15 7.24 57.65
N SER H 233 -28.91 8.35 57.60
CA SER H 233 -30.02 8.45 56.66
C SER H 233 -29.52 8.67 55.25
N GLN H 234 -28.33 9.26 55.10
CA GLN H 234 -27.72 9.33 53.78
C GLN H 234 -27.51 7.93 53.21
N PHE H 235 -27.31 6.93 54.08
CA PHE H 235 -27.32 5.53 53.70
C PHE H 235 -28.64 4.84 54.03
N ASN H 236 -29.64 5.61 54.46
CA ASN H 236 -31.01 5.15 54.64
C ASN H 236 -31.11 4.12 55.76
N VAL H 237 -30.46 4.42 56.88
CA VAL H 237 -30.44 3.54 58.05
C VAL H 237 -31.28 4.19 59.14
N GLU H 238 -32.24 3.43 59.69
CA GLU H 238 -33.14 3.93 60.71
C GLU H 238 -32.97 3.28 62.07
N ASP H 239 -32.27 2.15 62.17
CA ASP H 239 -32.14 1.47 63.45
C ASP H 239 -31.17 2.20 64.38
N LEU H 240 -29.91 2.30 63.97
CA LEU H 240 -28.86 3.01 64.70
C LEU H 240 -28.70 2.50 66.14
N SER H 241 -28.97 1.22 66.38
CA SER H 241 -28.82 0.67 67.72
C SER H 241 -27.94 -0.56 67.70
N SER H 242 -28.03 -1.36 66.64
CA SER H 242 -27.25 -2.58 66.51
C SER H 242 -25.78 -2.32 66.21
N ILE H 243 -25.40 -1.08 65.90
CA ILE H 243 -24.03 -0.77 65.52
C ILE H 243 -23.23 -0.44 66.77
N LYS H 244 -22.08 -1.10 66.92
CA LYS H 244 -21.21 -0.83 68.06
C LYS H 244 -20.57 0.54 67.90
N PHE H 245 -20.59 1.31 68.99
CA PHE H 245 -20.03 2.67 69.01
C PHE H 245 -18.83 2.68 69.96
N VAL H 246 -17.63 2.83 69.40
CA VAL H 246 -16.40 2.93 70.17
C VAL H 246 -16.00 4.39 70.24
N THR H 247 -15.93 4.93 71.45
CA THR H 247 -15.67 6.35 71.66
C THR H 247 -14.66 6.51 72.78
N ASP H 248 -14.23 7.75 72.99
CA ASP H 248 -13.37 8.12 74.10
C ASP H 248 -14.23 8.53 75.29
N ARG H 249 -13.62 9.15 76.30
CA ARG H 249 -14.33 9.56 77.52
C ARG H 249 -14.95 10.94 77.40
N GLY H 250 -15.27 11.39 76.19
CA GLY H 250 -15.96 12.66 76.02
C GLY H 250 -17.32 12.67 76.68
N ALA H 251 -17.48 13.51 77.71
CA ALA H 251 -18.71 13.50 78.50
C ALA H 251 -19.92 13.84 77.64
N ASN H 252 -19.80 14.84 76.77
CA ASN H 252 -20.90 15.17 75.87
C ASN H 252 -21.19 14.02 74.91
N VAL H 253 -20.14 13.36 74.41
CA VAL H 253 -20.32 12.20 73.55
C VAL H 253 -21.02 11.08 74.29
N VAL H 254 -20.63 10.84 75.54
CA VAL H 254 -21.27 9.79 76.35
C VAL H 254 -22.75 10.12 76.56
N LYS H 255 -23.06 11.38 76.86
CA LYS H 255 -24.45 11.78 77.03
C LYS H 255 -25.23 11.57 75.74
N SER H 256 -24.65 11.93 74.60
CA SER H 256 -25.34 11.76 73.32
C SER H 256 -25.44 10.31 72.93
N LEU H 257 -24.60 9.44 73.49
CA LEU H 257 -24.59 8.02 73.17
C LEU H 257 -24.98 7.15 74.37
N ALA H 258 -25.61 7.74 75.38
CA ALA H 258 -26.03 6.98 76.54
C ALA H 258 -27.15 5.98 76.23
N ASN H 259 -27.89 6.19 75.14
CA ASN H 259 -28.98 5.31 74.75
C ASN H 259 -28.54 4.21 73.79
N ASN H 260 -27.24 4.12 73.49
CA ASN H 260 -26.72 3.10 72.59
C ASN H 260 -25.65 2.28 73.28
N ILE H 261 -25.02 1.37 72.54
CA ILE H 261 -23.91 0.59 73.08
C ILE H 261 -22.64 1.42 72.95
N ARG H 262 -21.91 1.57 74.06
CA ARG H 262 -20.76 2.45 74.13
C ARG H 262 -19.53 1.66 74.58
N ILE H 263 -18.43 1.82 73.86
CA ILE H 263 -17.17 1.15 74.16
C ILE H 263 -16.08 2.19 74.27
N ASN H 264 -15.31 2.13 75.35
CA ASN H 264 -14.25 3.10 75.58
C ASN H 264 -13.05 2.79 74.69
N CYS H 265 -12.18 3.79 74.54
CA CYS H 265 -10.99 3.68 73.71
C CYS H 265 -9.81 3.23 74.57
N SER H 266 -9.19 2.11 74.18
CA SER H 266 -8.12 1.53 75.00
C SER H 266 -6.87 2.40 74.99
N SER H 267 -6.46 2.88 73.82
CA SER H 267 -5.22 3.63 73.72
C SER H 267 -5.28 4.94 74.52
N HIS H 268 -6.41 5.65 74.42
CA HIS H 268 -6.54 6.90 75.16
C HIS H 268 -6.56 6.64 76.67
N LEU H 269 -7.21 5.56 77.09
CA LEU H 269 -7.21 5.22 78.51
C LEU H 269 -5.81 4.89 79.00
N LEU H 270 -5.03 4.16 78.19
CA LEU H 270 -3.65 3.85 78.56
C LEU H 270 -2.81 5.11 78.64
N SER H 271 -3.01 6.04 77.69
CA SER H 271 -2.28 7.31 77.75
C SER H 271 -2.63 8.09 79.01
N ASN H 272 -3.92 8.14 79.36
CA ASN H 272 -4.33 8.83 80.57
C ASN H 272 -3.75 8.18 81.82
N VAL H 273 -3.72 6.84 81.85
CA VAL H 273 -3.15 6.12 82.99
C VAL H 273 -1.66 6.44 83.11
N LEU H 274 -0.95 6.45 81.99
CA LEU H 274 0.47 6.78 82.01
C LEU H 274 0.69 8.20 82.49
N GLU H 275 -0.14 9.14 82.03
CA GLU H 275 0.00 10.53 82.47
C GLU H 275 -0.25 10.66 83.97
N ASN H 276 -1.29 9.98 84.48
CA ASN H 276 -1.59 10.05 85.91
C ASN H 276 -0.46 9.46 86.74
N SER H 277 0.07 8.31 86.33
CA SER H 277 1.17 7.70 87.04
C SER H 277 2.41 8.58 87.00
N PHE H 278 2.63 9.25 85.87
CA PHE H 278 3.80 10.12 85.74
C PHE H 278 3.66 11.35 86.63
N GLU H 279 2.47 11.97 86.67
CA GLU H 279 2.28 13.14 87.52
C GLU H 279 2.18 12.77 89.00
N GLU H 280 1.97 11.50 89.33
CA GLU H 280 1.99 11.07 90.73
C GLU H 280 3.39 11.06 91.33
N THR H 281 4.42 11.40 90.55
CA THR H 281 5.81 11.41 91.01
C THR H 281 6.42 12.76 90.69
N PRO H 282 6.16 13.78 91.52
CA PRO H 282 6.65 15.13 91.22
C PRO H 282 8.17 15.24 91.15
N GLU H 283 8.90 14.48 91.97
CA GLU H 283 10.35 14.55 91.93
C GLU H 283 10.89 14.07 90.59
N LEU H 284 10.17 13.16 89.93
CA LEU H 284 10.49 12.81 88.54
C LEU H 284 9.80 13.73 87.54
N ASN H 285 8.81 14.52 87.99
CA ASN H 285 8.19 15.50 87.10
C ASN H 285 9.06 16.73 86.91
N MET H 286 9.92 17.04 87.87
CA MET H 286 10.82 18.19 87.74
C MET H 286 11.80 18.03 86.57
N PRO H 287 12.50 16.90 86.42
CA PRO H 287 13.46 16.79 85.31
C PRO H 287 12.85 16.93 83.93
N ILE H 288 11.63 16.45 83.70
CA ILE H 288 11.02 16.59 82.39
C ILE H 288 10.70 18.05 82.11
N LEU H 289 10.29 18.79 83.15
CA LEU H 289 10.09 20.22 82.99
C LEU H 289 11.40 20.92 82.67
N ALA H 290 12.49 20.49 83.31
CA ALA H 290 13.80 21.06 82.98
C ALA H 290 14.17 20.79 81.53
N CYS H 291 13.91 19.56 81.04
CA CYS H 291 14.19 19.24 79.65
C CYS H 291 13.34 20.08 78.70
N LYS H 292 12.06 20.28 79.06
CA LYS H 292 11.20 21.13 78.24
C LYS H 292 11.70 22.57 78.22
N ASN H 293 12.17 23.08 79.35
CA ASN H 293 12.76 24.41 79.36
C ASN H 293 14.00 24.46 78.48
N ILE H 294 14.80 23.39 78.47
CA ILE H 294 15.98 23.35 77.62
C ILE H 294 15.59 23.40 76.15
N VAL H 295 14.57 22.62 75.76
CA VAL H 295 14.17 22.60 74.35
C VAL H 295 13.54 23.93 73.97
N LYS H 296 12.81 24.58 74.88
CA LYS H 296 12.29 25.91 74.58
C LYS H 296 13.43 26.92 74.44
N TYR H 297 14.49 26.78 75.25
CA TYR H 297 15.65 27.63 75.09
C TYR H 297 16.27 27.44 73.72
N PHE H 298 16.37 26.20 73.26
CA PHE H 298 16.89 25.94 71.92
C PHE H 298 16.00 26.56 70.84
N LYS H 299 14.69 26.41 70.99
CA LYS H 299 13.78 26.91 69.95
C LYS H 299 13.79 28.43 69.89
N LYS H 300 13.74 29.10 71.03
CA LYS H 300 13.67 30.56 71.04
C LYS H 300 14.98 31.20 70.60
N ALA H 301 16.11 30.68 71.07
CA ALA H 301 17.41 31.25 70.80
C ALA H 301 18.04 30.72 69.53
N ASN H 302 17.36 29.83 68.81
CA ASN H 302 17.86 29.23 67.58
C ASN H 302 19.21 28.54 67.82
N LEU H 303 19.21 27.61 68.78
CA LEU H 303 20.38 26.83 69.15
C LEU H 303 20.31 25.43 68.55
N GLN H 304 19.81 25.31 67.33
CA GLN H 304 19.39 24.02 66.77
C GLN H 304 20.33 23.46 65.71
N HIS H 305 21.07 24.30 64.99
CA HIS H 305 21.76 23.83 63.80
C HIS H 305 23.19 23.35 64.05
N ARG H 306 23.66 23.34 65.30
CA ARG H 306 24.98 22.79 65.59
C ARG H 306 24.94 21.30 65.91
N LEU H 307 23.76 20.70 65.97
CA LEU H 307 23.60 19.30 66.36
C LEU H 307 23.11 18.50 65.16
N ARG H 308 23.68 17.32 64.97
CA ARG H 308 23.33 16.49 63.81
C ARG H 308 21.91 15.95 63.92
N SER H 309 21.42 15.72 65.13
CA SER H 309 20.08 15.20 65.38
C SER H 309 19.27 16.29 66.04
N SER H 310 18.47 17.01 65.24
CA SER H 310 17.68 18.11 65.76
C SER H 310 16.66 17.61 66.77
N LEU H 311 16.36 18.46 67.76
CA LEU H 311 15.40 18.10 68.79
C LEU H 311 13.99 18.00 68.21
N LYS H 312 13.16 17.17 68.83
CA LYS H 312 11.78 16.99 68.42
C LYS H 312 10.87 18.01 69.11
N SER H 313 9.56 17.83 68.98
CA SER H 313 8.60 18.77 69.54
C SER H 313 8.57 18.67 71.06
N GLU H 314 8.03 19.70 71.71
CA GLU H 314 8.02 19.76 73.15
C GLU H 314 6.86 18.95 73.75
N CYS H 315 5.63 19.35 73.45
CA CYS H 315 4.46 18.64 73.96
C CYS H 315 3.22 18.95 73.13
N PRO H 316 3.00 18.25 72.01
CA PRO H 316 1.75 18.38 71.27
C PRO H 316 0.66 17.43 71.71
N THR H 317 0.90 16.64 72.76
CA THR H 317 -0.05 15.62 73.24
C THR H 317 -0.42 14.65 72.13
N ARG H 318 0.57 14.27 71.33
CA ARG H 318 0.38 13.31 70.22
C ARG H 318 1.07 12.01 70.62
N TRP H 319 0.27 11.09 71.17
CA TRP H 319 0.71 9.76 71.62
C TRP H 319 2.08 9.79 72.31
N ASN H 320 2.28 10.74 73.22
CA ASN H 320 3.45 10.80 74.09
C ASN H 320 4.75 10.92 73.27
N SER H 321 4.88 12.09 72.61
CA SER H 321 6.16 12.46 72.00
C SER H 321 7.25 12.63 73.04
N THR H 322 6.89 12.63 74.34
CA THR H 322 7.89 12.66 75.40
C THR H 322 8.91 11.55 75.23
N TYR H 323 8.48 10.38 74.77
CA TYR H 323 9.41 9.30 74.48
C TYR H 323 10.42 9.71 73.42
N THR H 324 9.96 10.33 72.34
CA THR H 324 10.86 10.74 71.26
C THR H 324 11.85 11.79 71.75
N MET H 325 11.39 12.78 72.51
CA MET H 325 12.31 13.81 72.96
C MET H 325 13.28 13.27 74.02
N LEU H 326 12.84 12.32 74.85
CA LEU H 326 13.76 11.66 75.77
C LEU H 326 14.83 10.89 75.02
N ARG H 327 14.45 10.18 73.95
CA ARG H 327 15.43 9.49 73.12
C ARG H 327 16.43 10.49 72.53
N SER H 328 15.93 11.62 72.02
CA SER H 328 16.82 12.61 71.43
C SER H 328 17.79 13.18 72.45
N ILE H 329 17.30 13.54 73.64
CA ILE H 329 18.19 14.12 74.64
C ILE H 329 19.19 13.09 75.16
N LEU H 330 18.78 11.83 75.30
CA LEU H 330 19.73 10.79 75.70
C LEU H 330 20.81 10.61 74.65
N ASP H 331 20.44 10.62 73.37
CA ASP H 331 21.43 10.46 72.31
C ASP H 331 22.31 11.69 72.13
N ASN H 332 21.87 12.85 72.60
CA ASN H 332 22.63 14.08 72.43
C ASN H 332 23.28 14.60 73.70
N TRP H 333 23.12 13.88 74.83
CA TRP H 333 23.63 14.31 76.13
C TRP H 333 24.99 15.01 76.08
N GLU H 334 25.99 14.37 75.47
CA GLU H 334 27.33 14.95 75.46
C GLU H 334 27.35 16.31 74.76
N SER H 335 26.80 16.37 73.54
CA SER H 335 26.84 17.61 72.77
C SER H 335 26.02 18.71 73.45
N VAL H 336 24.86 18.34 74.02
CA VAL H 336 24.01 19.37 74.63
C VAL H 336 24.66 19.92 75.89
N ILE H 337 25.24 19.05 76.73
CA ILE H 337 25.90 19.58 77.93
C ILE H 337 27.12 20.40 77.54
N GLN H 338 27.84 20.01 76.48
CA GLN H 338 28.96 20.81 76.02
C GLN H 338 28.52 22.21 75.59
N ILE H 339 27.52 22.26 74.70
CA ILE H 339 27.09 23.55 74.16
C ILE H 339 26.49 24.42 75.26
N LEU H 340 25.87 23.79 76.27
CA LEU H 340 25.44 24.56 77.44
C LEU H 340 26.63 25.06 78.24
N SER H 341 27.71 24.29 78.31
CA SER H 341 28.90 24.72 79.04
C SER H 341 29.51 25.96 78.41
N GLU H 342 29.71 25.94 77.09
CA GLU H 342 30.16 27.18 76.44
C GLU H 342 29.07 28.25 76.42
N ALA H 343 27.81 27.86 76.57
CA ALA H 343 26.72 28.83 76.63
C ALA H 343 26.44 29.32 78.04
N GLY H 344 27.07 28.74 79.06
CA GLY H 344 26.85 29.15 80.43
C GLY H 344 25.59 28.60 81.06
N GLU H 345 24.91 27.65 80.41
CA GLU H 345 23.68 27.06 80.93
C GLU H 345 23.89 25.61 81.37
N THR H 346 25.12 25.25 81.71
CA THR H 346 25.43 23.87 82.09
C THR H 346 24.91 23.51 83.47
N GLN H 347 24.57 24.49 84.30
CA GLN H 347 24.08 24.20 85.65
C GLN H 347 22.65 23.68 85.67
N ARG H 348 21.94 23.72 84.55
CA ARG H 348 20.57 23.24 84.48
C ARG H 348 20.48 21.73 84.25
N ILE H 349 21.59 21.07 83.91
CA ILE H 349 21.55 19.64 83.63
C ILE H 349 21.85 18.80 84.87
N VAL H 350 22.31 19.41 85.97
CA VAL H 350 22.62 18.65 87.17
C VAL H 350 21.37 18.11 87.84
N HIS H 351 20.20 18.66 87.50
CA HIS H 351 18.95 18.18 88.09
C HIS H 351 18.53 16.82 87.57
N ILE H 352 19.20 16.31 86.53
CA ILE H 352 18.78 15.09 85.85
C ILE H 352 19.94 14.10 85.87
N ASN H 353 19.62 12.82 86.08
CA ASN H 353 20.61 11.75 86.10
C ASN H 353 20.44 10.86 84.88
N LYS H 354 21.58 10.46 84.30
CA LYS H 354 21.56 9.72 83.04
C LYS H 354 21.00 8.30 83.21
N SER H 355 21.29 7.65 84.34
CA SER H 355 20.78 6.29 84.54
C SER H 355 19.26 6.28 84.60
N ILE H 356 18.67 7.25 85.29
CA ILE H 356 17.21 7.37 85.32
C ILE H 356 16.68 7.63 83.91
N ILE H 357 17.39 8.45 83.14
CA ILE H 357 16.99 8.71 81.76
C ILE H 357 16.95 7.41 80.96
N GLN H 358 18.01 6.59 81.09
CA GLN H 358 18.08 5.36 80.31
C GLN H 358 16.99 4.37 80.73
N THR H 359 16.74 4.26 82.05
CA THR H 359 15.65 3.40 82.51
C THR H 359 14.31 3.85 81.95
N MET H 360 14.05 5.16 81.99
CA MET H 360 12.82 5.67 81.41
C MET H 360 12.77 5.41 79.91
N VAL H 361 13.91 5.52 79.23
CA VAL H 361 13.95 5.30 77.79
C VAL H 361 13.55 3.86 77.46
N ASN H 362 14.12 2.88 78.15
CA ASN H 362 13.77 1.50 77.82
C ASN H 362 12.34 1.17 78.24
N ILE H 363 11.90 1.67 79.40
CA ILE H 363 10.53 1.39 79.83
C ILE H 363 9.52 1.99 78.86
N LEU H 364 9.74 3.24 78.46
CA LEU H 364 8.84 3.88 77.51
C LEU H 364 9.00 3.36 76.09
N ASP H 365 10.15 2.75 75.76
CA ASP H 365 10.24 2.04 74.49
C ASP H 365 9.36 0.80 74.49
N GLY H 366 9.36 0.05 75.59
CA GLY H 366 8.39 -1.02 75.74
C GLY H 366 6.96 -0.49 75.67
N PHE H 367 6.71 0.65 76.31
CA PHE H 367 5.37 1.23 76.31
C PHE H 367 4.95 1.66 74.90
N GLU H 368 5.88 2.21 74.11
CA GLU H 368 5.54 2.62 72.75
C GLU H 368 5.38 1.41 71.84
N ARG H 369 6.09 0.32 72.14
CA ARG H 369 5.79 -0.94 71.46
C ARG H 369 4.36 -1.39 71.75
N ILE H 370 3.96 -1.27 73.02
CA ILE H 370 2.58 -1.58 73.37
C ILE H 370 1.61 -0.68 72.62
N PHE H 371 1.96 0.61 72.51
CA PHE H 371 1.17 1.54 71.71
C PHE H 371 1.02 1.05 70.26
N LYS H 372 2.15 0.66 69.65
CA LYS H 372 2.16 0.33 68.23
C LYS H 372 1.35 -0.93 67.95
N GLU H 373 1.60 -2.01 68.70
CA GLU H 373 0.79 -3.21 68.50
C GLU H 373 -0.63 -3.05 69.03
N LEU H 374 -0.90 -2.03 69.83
CA LEU H 374 -2.28 -1.75 70.22
C LEU H 374 -3.05 -1.06 69.08
N GLN H 375 -2.35 -0.23 68.30
CA GLN H 375 -2.96 0.53 67.22
C GLN H 375 -2.67 -0.16 65.90
N THR H 376 -3.71 -0.71 65.28
CA THR H 376 -3.53 -1.41 64.00
C THR H 376 -4.86 -1.45 63.28
N CYS H 377 -4.85 -1.07 62.00
CA CYS H 377 -6.05 -1.09 61.17
C CYS H 377 -6.09 -2.29 60.22
N SER H 378 -5.01 -3.07 60.14
CA SER H 378 -4.93 -4.18 59.20
C SER H 378 -4.99 -5.54 59.88
N SER H 379 -5.02 -5.60 61.21
CA SER H 379 -5.12 -6.86 61.93
C SER H 379 -6.07 -6.70 63.11
N PRO H 380 -6.81 -7.76 63.46
CA PRO H 380 -7.67 -7.69 64.65
C PRO H 380 -6.84 -7.43 65.89
N SER H 381 -7.40 -6.63 66.80
CA SER H 381 -6.67 -6.20 67.99
C SER H 381 -7.47 -6.24 69.29
N LEU H 382 -8.78 -6.53 69.25
CA LEU H 382 -9.58 -6.46 70.48
C LEU H 382 -9.10 -7.45 71.53
N CYS H 383 -8.81 -8.69 71.14
CA CYS H 383 -8.39 -9.69 72.10
C CYS H 383 -7.04 -9.32 72.72
N PHE H 384 -6.22 -8.57 71.99
CA PHE H 384 -4.89 -8.16 72.46
C PHE H 384 -5.02 -6.96 73.40
N VAL H 385 -5.75 -7.16 74.49
CA VAL H 385 -5.84 -6.16 75.54
C VAL H 385 -5.42 -6.76 76.87
N VAL H 386 -6.01 -7.90 77.24
CA VAL H 386 -5.61 -8.58 78.46
C VAL H 386 -4.15 -8.97 78.43
N PRO H 387 -3.60 -9.54 77.35
CA PRO H 387 -2.14 -9.70 77.28
C PRO H 387 -1.39 -8.38 77.42
N SER H 388 -1.93 -7.29 76.86
CA SER H 388 -1.28 -5.99 77.01
C SER H 388 -1.23 -5.56 78.48
N ILE H 389 -2.32 -5.76 79.21
CA ILE H 389 -2.31 -5.38 80.62
C ILE H 389 -1.38 -6.30 81.41
N LEU H 390 -1.27 -7.58 81.00
CA LEU H 390 -0.29 -8.45 81.66
C LEU H 390 1.14 -7.95 81.42
N LYS H 391 1.43 -7.57 80.18
CA LYS H 391 2.75 -6.99 79.90
C LYS H 391 3.00 -5.76 80.76
N VAL H 392 2.04 -4.84 80.84
CA VAL H 392 2.28 -3.65 81.65
C VAL H 392 2.37 -3.97 83.13
N LYS H 393 1.70 -5.03 83.59
CA LYS H 393 1.79 -5.42 85.00
C LYS H 393 3.19 -5.95 85.34
N GLU H 394 3.68 -6.90 84.55
CA GLU H 394 4.95 -7.53 84.91
C GLU H 394 6.19 -6.92 84.24
N ILE H 395 6.04 -5.86 83.44
CA ILE H 395 7.23 -5.06 83.15
C ILE H 395 7.61 -4.22 84.37
N CYS H 396 6.62 -3.72 85.10
CA CYS H 396 6.84 -2.94 86.31
C CYS H 396 6.94 -3.84 87.54
N SER H 397 7.79 -4.85 87.44
CA SER H 397 7.95 -5.80 88.53
C SER H 397 8.68 -5.15 89.70
N PRO H 398 8.35 -5.53 90.94
CA PRO H 398 9.10 -5.01 92.09
C PRO H 398 10.50 -5.61 92.16
N ASP H 399 11.51 -4.76 91.91
CA ASP H 399 12.89 -5.20 91.86
C ASP H 399 13.73 -4.35 92.81
N VAL H 400 15.02 -4.67 92.89
CA VAL H 400 15.93 -3.96 93.78
C VAL H 400 16.99 -3.16 93.02
N GLY H 401 17.31 -3.52 91.77
CA GLY H 401 18.32 -2.77 91.04
C GLY H 401 17.93 -1.33 90.80
N ASP H 402 16.66 -1.09 90.51
CA ASP H 402 16.19 0.27 90.27
C ASP H 402 16.17 1.07 91.55
N VAL H 403 16.21 2.41 91.39
CA VAL H 403 16.09 3.29 92.54
C VAL H 403 14.67 3.22 93.10
N ALA H 404 14.53 3.63 94.37
CA ALA H 404 13.21 3.61 95.00
C ALA H 404 12.21 4.51 94.26
N ASP H 405 12.70 5.54 93.58
CA ASP H 405 11.81 6.38 92.79
C ASP H 405 11.19 5.60 91.63
N ILE H 406 11.97 4.75 90.97
CA ILE H 406 11.43 3.94 89.88
C ILE H 406 10.43 2.93 90.42
N ALA H 407 10.71 2.37 91.60
CA ALA H 407 9.75 1.46 92.23
C ALA H 407 8.45 2.18 92.55
N LYS H 408 8.54 3.41 93.06
CA LYS H 408 7.34 4.19 93.32
C LYS H 408 6.58 4.49 92.03
N LEU H 409 7.30 4.77 90.94
CA LEU H 409 6.66 5.00 89.66
C LEU H 409 5.93 3.75 89.18
N LYS H 410 6.55 2.57 89.35
CA LYS H 410 5.90 1.32 88.99
C LYS H 410 4.64 1.10 89.82
N VAL H 411 4.72 1.39 91.12
CA VAL H 411 3.55 1.25 91.98
C VAL H 411 2.45 2.21 91.54
N ASN H 412 2.82 3.43 91.16
CA ASN H 412 1.85 4.39 90.65
C ASN H 412 1.19 3.87 89.37
N ILE H 413 1.98 3.27 88.48
CA ILE H 413 1.43 2.70 87.24
C ILE H 413 0.41 1.62 87.57
N ILE H 414 0.77 0.70 88.47
CA ILE H 414 -0.14 -0.41 88.76
C ILE H 414 -1.38 0.08 89.48
N LYS H 415 -1.23 1.04 90.39
CA LYS H 415 -2.39 1.59 91.09
C LYS H 415 -3.34 2.28 90.11
N ASN H 416 -2.79 3.08 89.19
CA ASN H 416 -3.63 3.78 88.23
C ASN H 416 -4.32 2.82 87.27
N VAL H 417 -3.61 1.79 86.80
CA VAL H 417 -4.27 0.85 85.91
C VAL H 417 -5.36 0.08 86.66
N ARG H 418 -5.14 -0.22 87.94
CA ARG H 418 -6.15 -0.92 88.72
C ARG H 418 -7.37 -0.06 88.97
N ILE H 419 -7.17 1.23 89.24
CA ILE H 419 -8.29 2.09 89.63
C ILE H 419 -8.92 2.83 88.46
N ILE H 420 -8.38 2.71 87.25
CA ILE H 420 -8.93 3.41 86.10
C ILE H 420 -9.32 2.42 85.00
N TRP H 421 -8.35 1.65 84.53
CA TRP H 421 -8.52 0.89 83.29
C TRP H 421 -9.57 -0.20 83.43
N GLU H 422 -9.36 -1.15 84.35
CA GLU H 422 -10.24 -2.30 84.46
C GLU H 422 -11.65 -1.89 84.90
N GLU H 423 -11.75 -0.80 85.67
CA GLU H 423 -13.08 -0.33 86.06
C GLU H 423 -13.82 0.28 84.88
N ASN H 424 -13.10 0.72 83.86
CA ASN H 424 -13.70 1.19 82.62
C ASN H 424 -13.62 0.16 81.50
N LEU H 425 -12.88 -0.94 81.72
CA LEU H 425 -12.72 -1.99 80.72
C LEU H 425 -13.98 -2.85 80.69
N SER H 426 -14.60 -2.93 79.51
CA SER H 426 -15.84 -3.67 79.36
C SER H 426 -15.57 -5.17 79.27
N ILE H 427 -16.60 -5.96 79.57
CA ILE H 427 -16.48 -7.41 79.54
C ILE H 427 -16.30 -7.91 78.11
N TRP H 428 -16.59 -7.07 77.11
CA TRP H 428 -16.41 -7.47 75.72
C TRP H 428 -14.95 -7.78 75.44
N HIS H 429 -14.03 -7.10 76.12
CA HIS H 429 -12.62 -7.42 75.99
C HIS H 429 -12.33 -8.84 76.42
N TYR H 430 -12.89 -9.26 77.57
CA TYR H 430 -12.71 -10.64 78.02
C TYR H 430 -13.37 -11.62 77.06
N THR H 431 -14.55 -11.27 76.53
CA THR H 431 -15.20 -12.16 75.57
C THR H 431 -14.33 -12.37 74.34
N ALA H 432 -13.75 -11.30 73.80
CA ALA H 432 -12.87 -11.44 72.65
C ALA H 432 -11.60 -12.22 73.01
N PHE H 433 -11.04 -11.97 74.19
CA PHE H 433 -9.84 -12.67 74.61
C PHE H 433 -10.11 -14.16 74.79
N PHE H 434 -11.36 -14.53 75.10
CA PHE H 434 -11.72 -15.94 75.20
C PHE H 434 -11.52 -16.67 73.88
N PHE H 435 -11.70 -15.97 72.76
CA PHE H 435 -11.58 -16.61 71.45
C PHE H 435 -10.15 -16.87 71.03
N TYR H 436 -9.17 -16.38 71.78
CA TYR H 436 -7.78 -16.68 71.46
C TYR H 436 -7.51 -18.15 71.75
N PRO H 437 -6.95 -18.90 70.79
CA PRO H 437 -6.88 -20.37 70.92
C PRO H 437 -6.13 -20.81 72.17
N PRO H 438 -5.04 -20.12 72.58
CA PRO H 438 -4.47 -20.45 73.89
C PRO H 438 -5.38 -20.05 75.03
N ALA H 439 -5.97 -21.05 75.71
CA ALA H 439 -6.96 -20.77 76.75
C ALA H 439 -6.76 -21.63 77.99
N LEU H 440 -5.60 -22.28 78.15
CA LEU H 440 -5.37 -23.10 79.34
C LEU H 440 -5.24 -22.25 80.61
N HIS H 441 -4.97 -20.96 80.47
CA HIS H 441 -4.75 -20.08 81.61
C HIS H 441 -5.93 -19.17 81.91
N MET H 442 -7.09 -19.38 81.27
CA MET H 442 -8.22 -18.51 81.51
C MET H 442 -9.45 -19.25 82.04
N GLN H 443 -9.30 -20.52 82.45
CA GLN H 443 -10.42 -21.30 82.98
C GLN H 443 -10.68 -20.84 84.41
N GLN H 444 -11.42 -19.75 84.53
CA GLN H 444 -11.75 -19.15 85.82
C GLN H 444 -13.24 -18.79 85.83
N GLU H 445 -13.64 -18.01 86.84
CA GLU H 445 -15.02 -17.57 86.95
C GLU H 445 -15.42 -16.60 85.84
N LYS H 446 -14.47 -15.83 85.31
CA LYS H 446 -14.81 -14.85 84.28
C LYS H 446 -15.35 -15.53 83.03
N VAL H 447 -14.68 -16.60 82.57
CA VAL H 447 -15.19 -17.32 81.41
C VAL H 447 -16.46 -18.08 81.75
N ALA H 448 -16.67 -18.43 83.02
CA ALA H 448 -17.96 -18.98 83.43
C ALA H 448 -19.08 -17.97 83.21
N GLN H 449 -18.82 -16.70 83.54
CA GLN H 449 -19.78 -15.64 83.20
C GLN H 449 -19.93 -15.48 81.69
N ILE H 450 -18.81 -15.53 80.97
CA ILE H 450 -18.85 -15.39 79.52
C ILE H 450 -19.68 -16.50 78.88
N LYS H 451 -19.76 -17.67 79.53
CA LYS H 451 -20.61 -18.74 79.03
C LYS H 451 -22.05 -18.26 78.86
N GLU H 452 -22.66 -17.79 79.95
CA GLU H 452 -24.04 -17.31 79.85
C GLU H 452 -24.13 -16.02 79.05
N PHE H 453 -23.08 -15.21 79.06
CA PHE H 453 -23.09 -14.00 78.24
C PHE H 453 -23.20 -14.34 76.76
N CYS H 454 -22.47 -15.36 76.31
CA CYS H 454 -22.56 -15.81 74.93
C CYS H 454 -23.88 -16.51 74.66
N LEU H 455 -24.38 -17.29 75.62
CA LEU H 455 -25.64 -18.00 75.43
C LEU H 455 -26.80 -17.02 75.28
N SER H 456 -26.76 -15.90 75.99
CA SER H 456 -27.88 -14.95 75.99
C SER H 456 -28.05 -14.27 74.64
N LYS H 457 -27.03 -14.29 73.77
CA LYS H 457 -27.13 -13.55 72.52
C LYS H 457 -27.26 -14.46 71.32
N MET H 458 -26.98 -15.75 71.46
CA MET H 458 -26.89 -16.67 70.33
C MET H 458 -28.25 -17.20 69.89
N GLU H 459 -29.35 -16.73 70.50
CA GLU H 459 -30.67 -17.14 70.05
C GLU H 459 -30.93 -16.67 68.63
N ASP H 460 -30.54 -15.43 68.31
CA ASP H 460 -30.71 -14.91 66.96
C ASP H 460 -29.58 -15.37 66.05
N PRO H 517 -29.42 -32.16 65.92
CA PRO H 517 -28.50 -31.90 67.02
C PRO H 517 -27.95 -30.48 67.01
N VAL H 518 -26.69 -30.33 66.56
CA VAL H 518 -25.96 -29.07 66.45
C VAL H 518 -26.28 -28.15 67.63
N CYS H 519 -26.21 -28.69 68.83
CA CYS H 519 -26.54 -27.95 70.04
C CYS H 519 -25.44 -26.94 70.37
N PRO H 520 -25.78 -25.76 70.90
CA PRO H 520 -24.73 -24.77 71.20
C PRO H 520 -23.78 -25.19 72.30
N SER H 521 -24.30 -25.69 73.43
CA SER H 521 -23.44 -25.99 74.57
C SER H 521 -22.40 -27.03 74.21
N ASP H 522 -22.81 -28.07 73.48
CA ASP H 522 -21.88 -29.11 73.08
C ASP H 522 -20.73 -28.54 72.25
N GLU H 523 -21.04 -27.62 71.33
CA GLU H 523 -19.97 -27.04 70.53
C GLU H 523 -19.10 -26.10 71.36
N PHE H 524 -19.64 -25.45 72.39
CA PHE H 524 -18.78 -24.65 73.26
C PHE H 524 -17.79 -25.54 74.01
N GLU H 525 -18.24 -26.66 74.58
CA GLU H 525 -17.26 -27.55 75.21
C GLU H 525 -16.29 -28.15 74.19
N PHE H 526 -16.77 -28.44 72.98
CA PHE H 526 -15.90 -29.00 71.97
C PHE H 526 -14.81 -28.01 71.58
N TYR H 527 -15.15 -26.72 71.50
CA TYR H 527 -14.11 -25.69 71.34
C TYR H 527 -13.19 -25.64 72.56
N ARG H 528 -13.75 -25.81 73.76
CA ARG H 528 -12.92 -25.84 74.95
C ARG H 528 -11.95 -27.01 74.94
N LYS H 529 -12.20 -28.03 74.11
CA LYS H 529 -11.37 -29.22 74.08
C LYS H 529 -10.19 -29.16 73.11
N GLU H 530 -10.02 -28.08 72.34
CA GLU H 530 -8.87 -27.95 71.47
C GLU H 530 -7.76 -27.15 72.14
N ILE H 531 -6.52 -27.52 71.85
CA ILE H 531 -5.32 -26.84 72.36
C ILE H 531 -4.30 -26.82 71.23
N VAL H 532 -4.00 -25.64 70.70
CA VAL H 532 -3.01 -25.49 69.64
C VAL H 532 -2.14 -24.28 69.96
N ILE H 533 -0.82 -24.45 69.82
CA ILE H 533 0.11 -23.38 70.13
C ILE H 533 0.21 -22.42 68.95
N LEU H 534 0.36 -21.14 69.28
CA LEU H 534 0.49 -20.11 68.25
C LEU H 534 1.78 -20.28 67.47
N SER H 535 1.70 -20.05 66.16
CA SER H 535 2.85 -20.06 65.26
C SER H 535 3.05 -18.67 64.68
N GLU H 536 4.16 -18.51 63.94
CA GLU H 536 4.46 -17.22 63.35
C GLU H 536 3.45 -16.82 62.28
N ASP H 537 2.83 -17.80 61.61
CA ASP H 537 1.91 -17.55 60.52
C ASP H 537 0.45 -17.75 60.91
N PHE H 538 0.16 -17.88 62.20
CA PHE H 538 -1.19 -18.17 62.67
C PHE H 538 -1.87 -16.90 63.17
N LYS H 539 -3.12 -16.70 62.75
CA LYS H 539 -3.95 -15.64 63.28
C LYS H 539 -5.39 -16.13 63.33
N VAL H 540 -6.14 -15.56 64.27
CA VAL H 540 -7.39 -16.17 64.72
C VAL H 540 -8.49 -16.06 63.66
N MET H 541 -8.58 -14.90 63.00
CA MET H 541 -9.71 -14.64 62.11
C MET H 541 -9.73 -15.61 60.94
N GLU H 542 -8.59 -15.83 60.29
CA GLU H 542 -8.55 -16.80 59.20
C GLU H 542 -8.78 -18.21 59.71
N TRP H 543 -8.41 -18.48 60.97
CA TRP H 543 -8.65 -19.81 61.53
C TRP H 543 -10.15 -20.08 61.61
N TRP H 544 -10.92 -19.15 62.17
CA TRP H 544 -12.38 -19.30 62.16
C TRP H 544 -12.94 -19.32 60.74
N ASN H 545 -12.39 -18.51 59.84
CA ASN H 545 -12.90 -18.47 58.48
C ASN H 545 -12.74 -19.83 57.79
N LEU H 546 -11.60 -20.49 58.02
CA LEU H 546 -11.37 -21.80 57.41
C LEU H 546 -12.02 -22.92 58.20
N ASN H 547 -12.36 -22.68 59.47
CA ASN H 547 -12.91 -23.71 60.34
C ASN H 547 -14.40 -23.55 60.59
N SER H 548 -15.12 -22.90 59.68
CA SER H 548 -16.56 -22.72 59.86
C SER H 548 -17.33 -24.03 59.72
N LYS H 549 -16.70 -25.07 59.18
CA LYS H 549 -17.40 -26.34 58.96
C LYS H 549 -17.83 -26.97 60.28
N LYS H 550 -16.92 -27.04 61.25
CA LYS H 550 -17.25 -27.69 62.52
C LYS H 550 -18.21 -26.84 63.35
N TYR H 551 -18.19 -25.52 63.18
CA TYR H 551 -19.02 -24.59 63.93
C TYR H 551 -19.83 -23.75 62.94
N PRO H 552 -20.91 -24.29 62.39
CA PRO H 552 -21.70 -23.52 61.41
C PRO H 552 -22.28 -22.24 61.99
N LYS H 553 -22.55 -22.19 63.29
CA LYS H 553 -23.20 -21.04 63.91
C LYS H 553 -22.26 -20.22 64.79
N LEU H 554 -21.25 -20.86 65.40
CA LEU H 554 -20.32 -20.12 66.24
C LEU H 554 -19.39 -19.22 65.44
N SER H 555 -19.13 -19.56 64.17
CA SER H 555 -18.20 -18.77 63.38
C SER H 555 -18.70 -17.35 63.18
N LYS H 556 -20.00 -17.18 62.91
CA LYS H 556 -20.55 -15.85 62.70
C LYS H 556 -20.40 -14.99 63.95
N LEU H 557 -20.73 -15.55 65.12
CA LEU H 557 -20.60 -14.79 66.36
C LEU H 557 -19.14 -14.46 66.64
N ALA H 558 -18.23 -15.41 66.38
CA ALA H 558 -16.81 -15.14 66.59
C ALA H 558 -16.33 -14.00 65.70
N LEU H 559 -16.68 -14.02 64.42
CA LEU H 559 -16.27 -12.96 63.51
C LEU H 559 -16.85 -11.62 63.94
N SER H 560 -18.14 -11.59 64.31
CA SER H 560 -18.77 -10.34 64.72
C SER H 560 -18.13 -9.78 65.98
N LEU H 561 -17.82 -10.64 66.95
CA LEU H 561 -17.22 -10.15 68.19
C LEU H 561 -15.77 -9.74 67.98
N LEU H 562 -15.07 -10.37 67.03
CA LEU H 562 -13.69 -9.98 66.75
C LEU H 562 -13.61 -8.82 65.79
N SER H 563 -14.73 -8.37 65.22
CA SER H 563 -14.72 -7.24 64.31
C SER H 563 -14.41 -5.91 65.00
N ILE H 564 -14.53 -5.83 66.32
CA ILE H 564 -14.35 -4.57 67.03
C ILE H 564 -12.86 -4.21 67.05
N PRO H 565 -12.50 -2.97 66.78
CA PRO H 565 -11.09 -2.56 66.89
C PRO H 565 -10.73 -2.20 68.33
N ALA H 566 -9.42 -2.16 68.58
CA ALA H 566 -8.94 -1.85 69.93
C ALA H 566 -9.06 -0.37 70.25
N SER H 567 -8.76 0.50 69.28
CA SER H 567 -8.72 1.93 69.55
C SER H 567 -9.43 2.73 68.46
N SER H 568 -9.33 4.05 68.54
CA SER H 568 -10.02 4.97 67.64
C SER H 568 -9.04 5.81 66.83
N ALA H 569 -7.97 5.18 66.32
CA ALA H 569 -6.99 5.91 65.53
C ALA H 569 -7.57 6.40 64.21
N ALA H 570 -8.65 5.76 63.74
CA ALA H 570 -9.24 6.16 62.46
C ALA H 570 -9.74 7.60 62.49
N SER H 571 -10.26 8.04 63.64
CA SER H 571 -10.78 9.39 63.75
C SER H 571 -9.68 10.42 63.51
N GLU H 572 -8.57 10.29 64.22
CA GLU H 572 -7.47 11.25 64.03
C GLU H 572 -6.81 11.07 62.67
N ARG H 573 -6.82 9.86 62.11
CA ARG H 573 -6.32 9.68 60.75
C ARG H 573 -7.16 10.49 59.76
N THR H 574 -8.48 10.40 59.86
CA THR H 574 -9.34 11.16 58.96
C THR H 574 -9.22 12.66 59.20
N PHE H 575 -9.04 13.08 60.45
CA PHE H 575 -8.85 14.49 60.73
C PHE H 575 -7.54 15.00 60.16
N SER H 576 -6.48 14.18 60.23
CA SER H 576 -5.22 14.54 59.59
C SER H 576 -5.39 14.64 58.08
N LEU H 577 -6.15 13.73 57.47
CA LEU H 577 -6.46 13.85 56.06
C LEU H 577 -7.16 15.17 55.76
N ALA H 578 -8.24 15.47 56.51
CA ALA H 578 -8.97 16.71 56.32
C ALA H 578 -8.05 17.92 56.41
N GLY H 579 -7.10 17.88 57.34
CA GLY H 579 -6.06 18.90 57.36
C GLY H 579 -5.20 18.89 56.12
N ASN H 580 -4.99 17.72 55.52
CA ASN H 580 -4.21 17.64 54.29
C ASN H 580 -4.91 18.36 53.14
N ILE H 581 -6.23 18.18 53.00
CA ILE H 581 -6.93 18.90 51.93
C ILE H 581 -6.90 20.40 52.17
N ILE H 582 -7.50 20.86 53.27
CA ILE H 582 -7.61 22.29 53.51
C ILE H 582 -6.25 22.85 53.89
N THR H 583 -5.85 23.95 53.25
CA THR H 583 -4.56 24.58 53.47
C THR H 583 -4.76 26.09 53.59
N GLU H 584 -3.65 26.82 53.58
CA GLU H 584 -3.72 28.29 53.62
C GLU H 584 -4.40 28.83 52.38
N LYS H 585 -3.95 28.42 51.19
CA LYS H 585 -4.54 28.93 49.96
C LYS H 585 -5.94 28.39 49.74
N ARG H 586 -6.13 27.09 49.94
CA ARG H 586 -7.45 26.46 49.82
C ARG H 586 -8.17 26.67 51.14
N ASN H 587 -8.87 27.79 51.27
CA ASN H 587 -9.60 28.11 52.48
C ASN H 587 -11.09 28.31 52.25
N ARG H 588 -11.48 28.96 51.15
CA ARG H 588 -12.89 29.17 50.83
C ARG H 588 -13.45 27.91 50.17
N ILE H 589 -13.58 26.87 50.98
CA ILE H 589 -14.05 25.57 50.53
C ILE H 589 -15.23 25.14 51.38
N GLY H 590 -16.26 24.59 50.73
CA GLY H 590 -17.44 24.15 51.44
C GLY H 590 -17.26 22.82 52.15
N GLN H 591 -18.19 22.52 53.04
CA GLN H 591 -18.15 21.25 53.77
C GLN H 591 -18.46 20.08 52.84
N GLN H 592 -19.40 20.26 51.91
CA GLN H 592 -19.82 19.17 51.04
C GLN H 592 -18.68 18.69 50.16
N THR H 593 -17.88 19.61 49.62
CA THR H 593 -16.77 19.23 48.76
C THR H 593 -15.73 18.43 49.54
N VAL H 594 -15.41 18.85 50.77
CA VAL H 594 -14.45 18.13 51.59
C VAL H 594 -14.98 16.74 51.92
N ASP H 595 -16.26 16.65 52.28
CA ASP H 595 -16.86 15.34 52.57
C ASP H 595 -16.79 14.42 51.36
N SER H 596 -17.13 14.94 50.18
CA SER H 596 -17.07 14.13 48.97
C SER H 596 -15.66 13.68 48.65
N LEU H 597 -14.68 14.58 48.80
CA LEU H 597 -13.30 14.22 48.52
C LEU H 597 -12.82 13.13 49.47
N LEU H 598 -13.14 13.24 50.76
CA LEU H 598 -12.77 12.22 51.72
C LEU H 598 -13.42 10.88 51.38
N PHE H 599 -14.71 10.89 51.04
CA PHE H 599 -15.41 9.65 50.74
C PHE H 599 -14.80 8.98 49.51
N LEU H 600 -14.54 9.75 48.45
CA LEU H 600 -13.94 9.17 47.25
C LEU H 600 -12.55 8.63 47.53
N ASN H 601 -11.74 9.35 48.32
CA ASN H 601 -10.41 8.86 48.64
C ASN H 601 -10.49 7.53 49.38
N SER H 602 -11.35 7.44 50.39
CA SER H 602 -11.48 6.19 51.14
C SER H 602 -11.99 5.06 50.26
N PHE H 603 -13.01 5.34 49.44
CA PHE H 603 -13.58 4.30 48.59
C PHE H 603 -12.56 3.77 47.59
N TYR H 604 -11.79 4.68 46.96
CA TYR H 604 -10.77 4.24 46.01
C TYR H 604 -9.65 3.49 46.71
N LYS H 605 -9.34 3.86 47.96
CA LYS H 605 -8.32 3.14 48.70
C LYS H 605 -8.79 1.72 49.05
N ASN H 606 -10.07 1.56 49.38
CA ASN H 606 -10.53 0.31 49.95
C ASN H 606 -11.02 -0.69 48.90
N PHE H 607 -12.07 -0.33 48.16
CA PHE H 607 -12.64 -1.27 47.18
C PHE H 607 -11.80 -1.33 45.91
N CYS H 608 -11.38 -0.18 45.41
CA CYS H 608 -10.70 -0.14 44.12
C CYS H 608 -9.33 -0.79 44.19
N LYS H 609 -8.84 -1.24 43.04
CA LYS H 609 -7.53 -1.87 42.96
C LYS H 609 -6.42 -0.83 42.96
N MET I 4 -48.01 7.47 26.38
CA MET I 4 -48.95 6.44 26.79
C MET I 4 -48.58 5.10 26.15
N ASP I 5 -48.72 5.02 24.83
CA ASP I 5 -48.43 3.78 24.12
C ASP I 5 -46.94 3.46 24.13
N ASN I 6 -46.08 4.47 24.18
CA ASN I 6 -44.63 4.23 24.13
C ASN I 6 -44.17 3.42 25.33
N LEU I 7 -44.53 3.85 26.53
CA LEU I 7 -44.14 3.12 27.74
C LEU I 7 -44.77 1.74 27.79
N GLU I 8 -46.02 1.60 27.34
CA GLU I 8 -46.67 0.30 27.32
C GLU I 8 -45.93 -0.67 26.41
N VAL I 9 -45.53 -0.21 25.21
CA VAL I 9 -44.79 -1.07 24.30
C VAL I 9 -43.42 -1.41 24.87
N LYS I 10 -42.75 -0.43 25.48
CA LYS I 10 -41.47 -0.69 26.13
C LYS I 10 -41.58 -1.80 27.17
N ALA I 11 -42.55 -1.66 28.08
CA ALA I 11 -42.73 -2.65 29.14
C ALA I 11 -43.11 -4.01 28.57
N LYS I 12 -43.98 -4.03 27.56
CA LYS I 12 -44.41 -5.29 26.98
C LYS I 12 -43.27 -6.03 26.30
N ILE I 13 -42.42 -5.33 25.56
CA ILE I 13 -41.32 -5.99 24.87
C ILE I 13 -40.23 -6.40 25.85
N ASN I 14 -39.90 -5.56 26.83
CA ASN I 14 -38.86 -5.92 27.80
C ASN I 14 -39.23 -7.19 28.56
N GLN I 15 -40.53 -7.46 28.74
CA GLN I 15 -40.94 -8.69 29.40
C GLN I 15 -40.68 -9.93 28.55
N GLY I 16 -40.36 -9.75 27.27
CA GLY I 16 -40.13 -10.87 26.38
C GLY I 16 -41.36 -11.46 25.74
N LEU I 17 -42.55 -10.92 26.01
CA LEU I 17 -43.76 -11.41 25.38
C LEU I 17 -43.71 -11.21 23.87
N TYR I 18 -43.22 -10.06 23.42
CA TYR I 18 -42.97 -9.83 22.01
C TYR I 18 -41.58 -10.31 21.64
N LYS I 19 -41.45 -10.80 20.41
CA LYS I 19 -40.20 -11.39 19.94
C LYS I 19 -39.39 -10.38 19.16
N ILE I 20 -38.08 -10.61 19.13
CA ILE I 20 -37.12 -9.69 18.50
C ILE I 20 -36.64 -10.33 17.20
N THR I 21 -37.25 -9.93 16.08
CA THR I 21 -36.79 -10.39 14.78
C THR I 21 -35.46 -9.74 14.43
N PRO I 22 -34.47 -10.52 14.02
CA PRO I 22 -33.12 -9.94 13.80
C PRO I 22 -33.11 -8.78 12.79
N ARG I 23 -33.89 -8.87 11.72
CA ARG I 23 -33.81 -7.85 10.68
C ARG I 23 -35.07 -7.93 9.81
N HIS I 24 -35.30 -6.86 9.05
CA HIS I 24 -36.46 -6.75 8.19
C HIS I 24 -36.12 -6.94 6.71
N LYS I 25 -34.84 -7.16 6.39
CA LYS I 25 -34.38 -7.31 5.00
C LYS I 25 -34.65 -6.05 4.19
N GLY I 26 -34.15 -4.92 4.69
CA GLY I 26 -34.29 -3.66 4.00
C GLY I 26 -33.20 -3.42 2.98
N THR I 27 -33.13 -2.19 2.49
CA THR I 27 -32.16 -1.79 1.48
C THR I 27 -31.27 -0.64 1.91
N SER I 28 -31.61 0.05 2.99
CA SER I 28 -30.84 1.18 3.49
C SER I 28 -29.84 0.73 4.55
N PHE I 29 -28.76 1.49 4.68
CA PHE I 29 -27.70 1.19 5.64
C PHE I 29 -28.06 1.57 7.07
N ILE I 30 -29.33 1.88 7.34
CA ILE I 30 -29.78 2.12 8.70
C ILE I 30 -30.24 0.84 9.39
N TRP I 31 -30.79 -0.11 8.64
CA TRP I 31 -31.29 -1.36 9.21
C TRP I 31 -30.17 -2.32 9.61
N ASN I 32 -28.91 -2.03 9.27
CA ASN I 32 -27.82 -2.89 9.70
C ASN I 32 -27.72 -2.94 11.21
N VAL I 33 -27.93 -1.80 11.87
CA VAL I 33 -27.95 -1.72 13.33
C VAL I 33 -29.36 -1.77 13.88
N LEU I 34 -30.37 -1.49 13.06
CA LEU I 34 -31.76 -1.48 13.49
C LEU I 34 -32.33 -2.90 13.38
N ALA I 35 -33.35 -3.18 14.19
CA ALA I 35 -33.88 -4.53 14.33
C ALA I 35 -35.34 -4.57 13.87
N ASP I 36 -35.99 -5.70 14.11
CA ASP I 36 -37.40 -5.90 13.77
C ASP I 36 -38.11 -6.55 14.95
N ILE I 37 -39.42 -6.34 15.00
CA ILE I 37 -40.24 -6.74 16.16
C ILE I 37 -41.43 -7.55 15.69
N GLN I 38 -41.78 -8.57 16.47
CA GLN I 38 -42.98 -9.37 16.26
C GLN I 38 -43.83 -9.37 17.52
N LYS I 39 -45.14 -9.50 17.35
CA LYS I 39 -46.06 -9.57 18.47
C LYS I 39 -45.94 -10.94 19.16
N GLU I 40 -46.78 -11.15 20.17
CA GLU I 40 -46.78 -12.42 20.89
C GLU I 40 -47.28 -13.57 20.03
N ASP I 41 -48.03 -13.29 18.97
CA ASP I 41 -48.53 -14.30 18.05
C ASP I 41 -47.76 -14.35 16.74
N ASP I 42 -46.48 -13.97 16.78
CA ASP I 42 -45.60 -13.98 15.59
C ASP I 42 -46.18 -13.13 14.46
N THR I 43 -46.61 -11.92 14.82
CA THR I 43 -47.12 -10.95 13.85
C THR I 43 -46.37 -9.64 14.00
N LEU I 44 -46.23 -8.93 12.88
CA LEU I 44 -45.42 -7.73 12.83
C LEU I 44 -46.07 -6.58 13.59
N VAL I 45 -45.24 -5.61 13.98
CA VAL I 45 -45.68 -4.39 14.63
C VAL I 45 -45.23 -3.21 13.76
N GLU I 46 -46.16 -2.31 13.48
CA GLU I 46 -45.87 -1.12 12.68
C GLU I 46 -45.96 0.13 13.56
N GLY I 47 -44.98 1.02 13.41
CA GLY I 47 -44.93 2.26 14.16
C GLY I 47 -43.84 2.32 15.21
N TRP I 48 -43.29 1.18 15.61
CA TRP I 48 -42.24 1.15 16.62
C TRP I 48 -41.19 0.12 16.21
N VAL I 49 -39.97 0.33 16.71
CA VAL I 49 -38.82 -0.47 16.30
C VAL I 49 -37.71 -0.31 17.33
N PHE I 50 -36.88 -1.35 17.45
CA PHE I 50 -35.75 -1.38 18.37
C PHE I 50 -34.44 -1.34 17.62
N CYS I 51 -33.47 -0.62 18.20
CA CYS I 51 -32.09 -0.67 17.73
C CYS I 51 -31.40 -1.87 18.38
N ARG I 52 -30.09 -2.02 18.14
CA ARG I 52 -29.36 -3.15 18.68
C ARG I 52 -28.11 -2.76 19.45
N LYS I 53 -27.79 -1.47 19.56
CA LYS I 53 -26.64 -1.05 20.35
C LYS I 53 -27.08 -0.22 21.55
N CYS I 54 -28.20 0.50 21.41
CA CYS I 54 -28.75 1.29 22.51
C CYS I 54 -30.01 0.69 23.11
N GLU I 55 -30.77 -0.09 22.33
CA GLU I 55 -31.95 -0.81 22.81
C GLU I 55 -32.98 0.13 23.43
N LYS I 56 -33.50 1.03 22.58
CA LYS I 56 -34.55 1.96 23.00
C LYS I 56 -35.64 2.01 21.94
N VAL I 57 -36.85 2.39 22.37
CA VAL I 57 -37.99 2.51 21.48
C VAL I 57 -37.97 3.89 20.84
N LEU I 58 -38.37 3.96 19.57
CA LEU I 58 -38.50 5.22 18.87
C LEU I 58 -39.52 5.05 17.74
N LYS I 59 -40.18 6.16 17.40
CA LYS I 59 -41.26 6.11 16.43
C LYS I 59 -40.76 5.67 15.06
N TYR I 60 -41.55 4.84 14.39
CA TYR I 60 -41.27 4.37 13.04
C TYR I 60 -42.42 4.74 12.13
N THR I 61 -42.10 5.19 10.92
CA THR I 61 -43.11 5.47 9.91
C THR I 61 -42.54 5.10 8.54
N THR I 62 -43.43 4.73 7.63
CA THR I 62 -42.99 4.24 6.32
C THR I 62 -42.34 5.34 5.49
N ARG I 63 -42.88 6.57 5.55
CA ARG I 63 -42.46 7.62 4.62
C ARG I 63 -41.49 8.63 5.24
N GLN I 64 -41.71 9.07 6.48
CA GLN I 64 -40.90 10.12 7.08
C GLN I 64 -39.80 9.52 7.96
N THR I 65 -38.83 8.89 7.32
CA THR I 65 -37.71 8.25 8.01
C THR I 65 -36.62 9.25 8.40
N SER I 66 -36.88 10.55 8.32
CA SER I 66 -35.83 11.54 8.59
C SER I 66 -35.33 11.46 10.02
N ASN I 67 -36.24 11.29 10.99
CA ASN I 67 -35.84 11.24 12.39
C ASN I 67 -34.97 10.02 12.70
N LEU I 68 -35.21 8.91 12.00
CA LEU I 68 -34.50 7.67 12.28
C LEU I 68 -33.00 7.77 11.99
N CYS I 69 -32.59 8.66 11.09
CA CYS I 69 -31.19 8.69 10.66
C CYS I 69 -30.29 9.42 11.65
N ARG I 70 -30.86 10.19 12.57
CA ARG I 70 -30.07 11.03 13.46
C ARG I 70 -29.77 10.37 14.81
N HIS I 71 -30.13 9.11 14.98
CA HIS I 71 -29.83 8.41 16.23
C HIS I 71 -28.32 8.23 16.38
N LYS I 72 -27.87 8.23 17.64
CA LYS I 72 -26.44 8.19 17.92
C LYS I 72 -25.80 6.90 17.39
N CYS I 73 -26.49 5.77 17.54
CA CYS I 73 -25.98 4.52 17.00
C CYS I 73 -25.86 4.58 15.49
N CYS I 74 -26.86 5.18 14.83
CA CYS I 74 -26.79 5.39 13.38
C CYS I 74 -25.68 6.37 13.02
N ALA I 75 -25.53 7.45 13.79
CA ALA I 75 -24.52 8.45 13.48
C ALA I 75 -23.11 7.92 13.69
N SER I 76 -22.96 6.87 14.52
CA SER I 76 -21.63 6.31 14.75
C SER I 76 -21.03 5.76 13.47
N LEU I 77 -21.83 5.07 12.66
CA LEU I 77 -21.35 4.52 11.40
C LEU I 77 -21.62 5.47 10.25
N MET J 4 -55.14 -7.05 -20.41
CA MET J 4 -54.05 -7.12 -21.39
C MET J 4 -53.74 -8.59 -21.68
N ASP J 5 -53.06 -8.85 -22.80
CA ASP J 5 -52.82 -10.23 -23.23
C ASP J 5 -51.97 -10.99 -22.23
N ASN J 6 -50.94 -10.35 -21.68
CA ASN J 6 -50.03 -11.05 -20.76
C ASN J 6 -50.74 -11.49 -19.50
N LEU J 7 -51.58 -10.62 -18.93
CA LEU J 7 -52.35 -10.99 -17.75
C LEU J 7 -53.30 -12.14 -18.07
N GLU J 8 -53.94 -12.09 -19.24
CA GLU J 8 -54.85 -13.16 -19.64
C GLU J 8 -54.13 -14.50 -19.73
N VAL J 9 -53.01 -14.55 -20.45
CA VAL J 9 -52.31 -15.82 -20.62
C VAL J 9 -51.72 -16.29 -19.29
N LYS J 10 -51.29 -15.35 -18.45
CA LYS J 10 -50.80 -15.72 -17.12
C LYS J 10 -51.90 -16.40 -16.30
N ALA J 11 -53.10 -15.81 -16.30
CA ALA J 11 -54.21 -16.42 -15.57
C ALA J 11 -54.57 -17.78 -16.14
N LYS J 12 -54.60 -17.91 -17.46
CA LYS J 12 -54.96 -19.18 -18.06
C LYS J 12 -53.93 -20.27 -17.76
N ILE J 13 -52.64 -19.95 -17.84
CA ILE J 13 -51.62 -20.96 -17.55
C ILE J 13 -51.61 -21.30 -16.07
N ASN J 14 -51.85 -20.32 -15.19
CA ASN J 14 -51.94 -20.64 -13.76
C ASN J 14 -53.12 -21.54 -13.46
N GLN J 15 -54.26 -21.32 -14.14
CA GLN J 15 -55.39 -22.22 -13.99
C GLN J 15 -55.13 -23.59 -14.61
N GLY J 16 -54.10 -23.73 -15.44
CA GLY J 16 -53.72 -25.02 -15.98
C GLY J 16 -54.29 -25.35 -17.34
N LEU J 17 -54.86 -24.39 -18.05
CA LEU J 17 -55.42 -24.68 -19.38
C LEU J 17 -54.33 -24.87 -20.41
N TYR J 18 -53.24 -24.12 -20.31
CA TYR J 18 -52.10 -24.27 -21.20
C TYR J 18 -50.96 -25.00 -20.49
N LYS J 19 -50.17 -25.72 -21.29
CA LYS J 19 -49.10 -26.57 -20.79
C LYS J 19 -47.76 -25.87 -20.95
N ILE J 20 -46.67 -26.59 -20.66
CA ILE J 20 -45.33 -26.01 -20.59
C ILE J 20 -44.39 -26.76 -21.52
N THR J 21 -43.27 -26.09 -21.84
CA THR J 21 -42.22 -26.69 -22.66
C THR J 21 -40.90 -26.09 -22.17
N PRO J 22 -40.03 -26.89 -21.54
CA PRO J 22 -38.89 -26.32 -20.83
C PRO J 22 -37.64 -26.10 -21.67
N ARG J 23 -37.49 -26.79 -22.80
CA ARG J 23 -36.26 -26.73 -23.58
C ARG J 23 -36.60 -26.26 -25.00
N HIS J 24 -35.71 -25.45 -25.57
CA HIS J 24 -35.91 -24.89 -26.90
C HIS J 24 -34.80 -25.25 -27.89
N LYS J 25 -33.75 -25.94 -27.44
CA LYS J 25 -32.59 -26.27 -28.26
C LYS J 25 -31.93 -24.99 -28.81
N GLY J 26 -31.42 -24.20 -27.88
CA GLY J 26 -30.74 -22.97 -28.21
C GLY J 26 -29.35 -22.94 -27.60
N THR J 27 -28.47 -22.20 -28.27
CA THR J 27 -27.06 -22.16 -27.87
C THR J 27 -26.80 -21.25 -26.68
N SER J 28 -27.72 -20.35 -26.36
CA SER J 28 -27.53 -19.44 -25.24
C SER J 28 -27.91 -20.11 -23.93
N PHE J 29 -27.45 -19.53 -22.82
CA PHE J 29 -27.74 -20.03 -21.49
C PHE J 29 -29.08 -19.58 -20.95
N ILE J 30 -29.73 -18.61 -21.60
CA ILE J 30 -31.00 -18.11 -21.11
C ILE J 30 -32.09 -19.17 -21.22
N TRP J 31 -32.05 -19.98 -22.27
CA TRP J 31 -33.06 -21.03 -22.45
C TRP J 31 -32.78 -22.27 -21.61
N ASN J 32 -31.63 -22.33 -20.92
CA ASN J 32 -31.41 -23.35 -19.92
C ASN J 32 -32.20 -23.10 -18.65
N VAL J 33 -32.78 -21.90 -18.50
CA VAL J 33 -33.64 -21.55 -17.39
C VAL J 33 -35.01 -21.08 -17.86
N LEU J 34 -35.03 -20.21 -18.87
CA LEU J 34 -36.29 -19.72 -19.40
C LEU J 34 -37.01 -20.81 -20.20
N ALA J 35 -38.32 -20.60 -20.38
CA ALA J 35 -39.16 -21.54 -21.11
C ALA J 35 -40.27 -20.77 -21.81
N ASP J 36 -41.06 -21.50 -22.59
CA ASP J 36 -42.19 -20.92 -23.33
C ASP J 36 -43.43 -21.78 -23.08
N ILE J 37 -44.54 -21.36 -23.72
CA ILE J 37 -45.84 -21.99 -23.56
C ILE J 37 -46.32 -22.44 -24.93
N GLN J 38 -47.19 -23.45 -24.96
CA GLN J 38 -47.87 -23.86 -26.17
C GLN J 38 -49.38 -23.81 -25.94
N LYS J 39 -50.13 -23.49 -27.01
CA LYS J 39 -51.57 -23.46 -26.90
C LYS J 39 -52.14 -24.86 -26.73
N GLU J 40 -53.48 -24.92 -26.61
CA GLU J 40 -54.15 -26.20 -26.43
C GLU J 40 -54.21 -26.99 -27.73
N ASP J 41 -53.95 -26.35 -28.88
CA ASP J 41 -53.92 -27.02 -30.16
C ASP J 41 -52.49 -27.22 -30.67
N ASP J 42 -51.53 -27.35 -29.74
CA ASP J 42 -50.13 -27.63 -30.08
C ASP J 42 -49.53 -26.56 -30.98
N THR J 43 -49.68 -25.29 -30.58
CA THR J 43 -49.12 -24.16 -31.29
C THR J 43 -48.22 -23.37 -30.36
N LEU J 44 -47.03 -23.00 -30.85
CA LEU J 44 -46.08 -22.27 -30.03
C LEU J 44 -46.59 -20.88 -29.70
N VAL J 45 -46.14 -20.34 -28.57
CA VAL J 45 -46.48 -18.98 -28.17
C VAL J 45 -45.44 -18.03 -28.75
N GLU J 46 -45.90 -17.01 -29.45
CA GLU J 46 -45.03 -16.03 -30.08
C GLU J 46 -45.13 -14.69 -29.38
N GLY J 47 -43.98 -14.08 -29.13
CA GLY J 47 -43.92 -12.75 -28.54
C GLY J 47 -43.76 -12.72 -27.03
N TRP J 48 -43.89 -13.85 -26.34
CA TRP J 48 -43.77 -13.86 -24.90
C TRP J 48 -43.11 -15.16 -24.43
N VAL J 49 -42.53 -15.11 -23.23
CA VAL J 49 -41.83 -16.24 -22.64
C VAL J 49 -42.29 -16.42 -21.20
N PHE J 50 -41.80 -17.48 -20.57
CA PHE J 50 -42.16 -17.84 -19.20
C PHE J 50 -40.92 -18.30 -18.45
N CYS J 51 -40.74 -17.76 -17.23
CA CYS J 51 -39.57 -18.07 -16.40
C CYS J 51 -39.86 -19.28 -15.53
N ARG J 52 -38.79 -19.99 -15.15
CA ARG J 52 -38.94 -21.21 -14.35
C ARG J 52 -38.85 -20.98 -12.86
N LYS J 53 -38.45 -19.79 -12.41
CA LYS J 53 -38.28 -19.52 -10.98
C LYS J 53 -39.22 -18.44 -10.46
N CYS J 54 -39.41 -17.35 -11.22
CA CYS J 54 -40.33 -16.30 -10.81
C CYS J 54 -41.75 -16.56 -11.28
N GLU J 55 -41.94 -17.41 -12.30
CA GLU J 55 -43.26 -17.69 -12.88
C GLU J 55 -43.95 -16.40 -13.33
N LYS J 56 -43.20 -15.55 -14.03
CA LYS J 56 -43.74 -14.34 -14.64
C LYS J 56 -43.58 -14.41 -16.15
N VAL J 57 -44.60 -13.97 -16.87
CA VAL J 57 -44.61 -13.99 -18.33
C VAL J 57 -43.91 -12.73 -18.83
N LEU J 58 -42.77 -12.90 -19.48
CA LEU J 58 -42.02 -11.79 -20.06
C LEU J 58 -42.17 -11.83 -21.58
N LYS J 59 -41.92 -10.68 -22.20
CA LYS J 59 -42.03 -10.57 -23.64
C LYS J 59 -40.88 -11.32 -24.34
N TYR J 60 -41.14 -11.74 -25.57
CA TYR J 60 -40.17 -12.41 -26.41
C TYR J 60 -39.99 -11.62 -27.70
N THR J 61 -38.75 -11.39 -28.09
CA THR J 61 -38.41 -10.68 -29.32
C THR J 61 -37.42 -11.52 -30.11
N THR J 62 -37.74 -11.75 -31.39
CA THR J 62 -36.83 -12.51 -32.25
C THR J 62 -35.57 -11.72 -32.57
N ARG J 63 -35.69 -10.41 -32.76
CA ARG J 63 -34.56 -9.59 -33.17
C ARG J 63 -33.58 -9.30 -32.04
N GLN J 64 -33.99 -9.46 -30.79
CA GLN J 64 -33.12 -9.13 -29.67
C GLN J 64 -33.57 -9.88 -28.43
N THR J 65 -32.60 -10.25 -27.60
CA THR J 65 -32.89 -10.96 -26.35
C THR J 65 -32.12 -10.38 -25.17
N SER J 66 -31.51 -9.22 -25.32
CA SER J 66 -30.74 -8.64 -24.23
C SER J 66 -31.62 -8.26 -23.05
N ASN J 67 -32.83 -7.75 -23.33
CA ASN J 67 -33.72 -7.34 -22.25
C ASN J 67 -34.11 -8.51 -21.35
N LEU J 68 -34.03 -9.74 -21.88
CA LEU J 68 -34.45 -10.91 -21.11
C LEU J 68 -33.37 -11.42 -20.16
N CYS J 69 -32.12 -11.01 -20.32
CA CYS J 69 -31.04 -11.52 -19.49
C CYS J 69 -30.80 -10.69 -18.23
N ARG J 70 -31.47 -9.55 -18.10
CA ARG J 70 -31.33 -8.73 -16.90
C ARG J 70 -32.38 -9.05 -15.85
N HIS J 71 -33.22 -10.06 -16.08
CA HIS J 71 -34.22 -10.46 -15.10
C HIS J 71 -33.53 -11.00 -13.85
N LYS J 72 -34.19 -10.82 -12.71
CA LYS J 72 -33.57 -11.18 -11.43
C LYS J 72 -33.32 -12.69 -11.33
N CYS J 73 -34.26 -13.50 -11.81
CA CYS J 73 -34.10 -14.95 -11.71
C CYS J 73 -32.90 -15.44 -12.51
N CYS J 74 -32.72 -14.92 -13.72
CA CYS J 74 -31.61 -15.34 -14.56
C CYS J 74 -30.31 -14.61 -14.27
N ALA J 75 -30.35 -13.58 -13.41
CA ALA J 75 -29.14 -12.84 -13.07
C ALA J 75 -28.17 -13.71 -12.28
N SER J 76 -28.69 -14.48 -11.32
CA SER J 76 -27.82 -15.24 -10.43
C SER J 76 -27.14 -16.40 -11.17
N LEU J 77 -27.80 -16.96 -12.19
CA LEU J 77 -27.23 -18.11 -12.89
C LEU J 77 -25.93 -17.77 -13.58
N LYS J 78 -25.86 -16.60 -14.22
CA LYS J 78 -24.77 -16.16 -15.09
C LYS J 78 -24.16 -17.34 -15.86
N GLN J 79 -22.84 -17.47 -15.81
CA GLN J 79 -22.16 -18.58 -16.47
C GLN J 79 -20.86 -18.88 -15.73
N SER J 80 -20.19 -19.96 -16.14
CA SER J 80 -18.98 -20.40 -15.45
C SER J 80 -17.91 -19.33 -15.49
N ARG J 81 -17.20 -19.18 -14.38
CA ARG J 81 -16.19 -18.13 -14.27
C ARG J 81 -15.08 -18.34 -15.29
N GLU J 82 -14.70 -17.27 -15.97
CA GLU J 82 -13.65 -17.27 -16.97
C GLU J 82 -12.49 -16.40 -16.51
N LEU J 83 -11.38 -16.48 -17.24
CA LEU J 83 -10.25 -15.62 -16.94
C LEU J 83 -10.60 -14.16 -17.22
N LYS J 84 -9.84 -13.26 -16.61
CA LYS J 84 -10.21 -11.84 -16.61
C LYS J 84 -10.34 -11.31 -18.03
N THR J 85 -11.46 -10.65 -18.29
CA THR J 85 -11.82 -10.18 -19.62
C THR J 85 -11.52 -8.68 -19.72
N VAL J 86 -11.57 -8.15 -20.94
CA VAL J 86 -11.29 -6.75 -21.22
C VAL J 86 -12.54 -6.12 -21.81
N SER J 87 -12.45 -4.82 -22.09
CA SER J 87 -13.58 -4.08 -22.63
C SER J 87 -13.63 -4.20 -24.15
N ALA J 88 -14.60 -3.50 -24.74
CA ALA J 88 -14.80 -3.58 -26.18
C ALA J 88 -13.67 -2.91 -26.95
N ASP J 89 -13.11 -1.83 -26.42
CA ASP J 89 -12.06 -1.11 -27.14
C ASP J 89 -10.87 -2.00 -27.43
N CYS J 90 -10.34 -2.65 -26.39
CA CYS J 90 -9.18 -3.53 -26.55
C CYS J 90 -9.42 -4.57 -27.63
N LYS J 91 -10.63 -5.13 -27.66
CA LYS J 91 -10.98 -6.05 -28.74
C LYS J 91 -10.95 -5.36 -30.09
N LYS J 92 -11.42 -4.12 -30.16
CA LYS J 92 -11.42 -3.40 -31.42
C LYS J 92 -10.00 -3.21 -31.95
N GLU J 93 -9.09 -2.71 -31.11
CA GLU J 93 -7.71 -2.57 -31.57
C GLU J 93 -7.05 -3.93 -31.84
N ALA J 94 -7.44 -4.97 -31.11
CA ALA J 94 -6.90 -6.30 -31.38
C ALA J 94 -7.27 -6.77 -32.79
N ILE J 95 -8.55 -6.67 -33.13
CA ILE J 95 -8.98 -7.07 -34.47
C ILE J 95 -8.38 -6.15 -35.52
N GLU J 96 -8.14 -4.88 -35.16
CA GLU J 96 -7.52 -3.96 -36.10
C GLU J 96 -6.09 -4.39 -36.44
N LYS J 97 -5.28 -4.67 -35.41
CA LYS J 97 -3.91 -5.11 -35.66
C LYS J 97 -3.89 -6.45 -36.38
N CYS J 98 -4.84 -7.33 -36.05
CA CYS J 98 -4.94 -8.60 -36.78
C CYS J 98 -5.28 -8.35 -38.25
N ALA J 99 -6.11 -7.36 -38.52
CA ALA J 99 -6.44 -7.01 -39.91
C ALA J 99 -5.21 -6.54 -40.66
N GLN J 100 -4.40 -5.67 -40.02
CA GLN J 100 -3.15 -5.27 -40.67
C GLN J 100 -2.23 -6.46 -40.91
N TRP J 101 -2.13 -7.37 -39.94
CA TRP J 101 -1.28 -8.55 -40.13
C TRP J 101 -1.77 -9.38 -41.31
N VAL J 102 -3.07 -9.61 -41.41
CA VAL J 102 -3.58 -10.52 -42.43
C VAL J 102 -3.57 -9.85 -43.80
N VAL J 103 -3.58 -8.52 -43.86
CA VAL J 103 -3.56 -7.85 -45.15
C VAL J 103 -2.14 -7.59 -45.65
N ARG J 104 -1.18 -7.37 -44.75
CA ARG J 104 0.15 -6.96 -45.18
C ARG J 104 1.04 -8.13 -45.59
N ASP J 105 0.61 -9.37 -45.35
CA ASP J 105 1.43 -10.53 -45.63
C ASP J 105 0.76 -11.55 -46.54
N CYS J 106 -0.39 -11.21 -47.12
CA CYS J 106 -1.10 -12.08 -48.06
C CYS J 106 -1.35 -13.47 -47.47
N ARG J 107 -1.79 -13.47 -46.21
CA ARG J 107 -1.97 -14.72 -45.49
C ARG J 107 -3.45 -15.11 -45.45
N PRO J 108 -3.75 -16.40 -45.34
CA PRO J 108 -5.14 -16.82 -45.25
C PRO J 108 -5.79 -16.34 -43.95
N PHE J 109 -7.11 -16.11 -44.04
CA PHE J 109 -7.85 -15.59 -42.89
C PHE J 109 -7.90 -16.59 -41.75
N SER J 110 -8.02 -17.89 -42.05
CA SER J 110 -8.17 -18.89 -41.00
C SER J 110 -6.89 -19.12 -40.21
N ALA J 111 -5.85 -18.34 -40.44
CA ALA J 111 -4.61 -18.48 -39.69
C ALA J 111 -4.78 -18.18 -38.21
N VAL J 112 -5.63 -17.21 -37.86
CA VAL J 112 -5.76 -16.77 -36.48
C VAL J 112 -6.31 -17.88 -35.58
N SER J 113 -7.07 -18.83 -36.12
CA SER J 113 -7.68 -19.88 -35.33
C SER J 113 -6.77 -21.10 -35.15
N GLY J 114 -5.48 -20.96 -35.46
CA GLY J 114 -4.58 -22.09 -35.30
C GLY J 114 -4.21 -22.32 -33.85
N SER J 115 -4.07 -23.59 -33.47
CA SER J 115 -3.74 -23.94 -32.10
C SER J 115 -2.34 -23.46 -31.72
N GLY J 116 -1.37 -23.63 -32.62
CA GLY J 116 -0.02 -23.16 -32.34
C GLY J 116 0.04 -21.66 -32.13
N PHE J 117 -0.77 -20.91 -32.89
CA PHE J 117 -0.85 -19.47 -32.68
C PHE J 117 -1.38 -19.16 -31.28
N ILE J 118 -2.36 -19.95 -30.82
CA ILE J 118 -2.90 -19.75 -29.48
C ILE J 118 -1.83 -20.03 -28.43
N ASP J 119 -1.04 -21.09 -28.64
CA ASP J 119 0.06 -21.38 -27.72
C ASP J 119 1.06 -20.23 -27.68
N MET J 120 1.41 -19.69 -28.86
CA MET J 120 2.35 -18.58 -28.92
C MET J 120 1.80 -17.35 -28.21
N ILE J 121 0.52 -17.03 -28.40
CA ILE J 121 -0.02 -15.83 -27.76
C ILE J 121 -0.11 -16.02 -26.26
N LYS J 122 -0.41 -17.25 -25.80
CA LYS J 122 -0.38 -17.50 -24.36
C LYS J 122 1.02 -17.26 -23.80
N PHE J 123 2.03 -17.81 -24.48
CA PHE J 123 3.40 -17.61 -24.01
C PHE J 123 3.77 -16.12 -23.99
N PHE J 124 3.41 -15.41 -25.06
CA PHE J 124 3.83 -14.01 -25.19
C PHE J 124 3.12 -13.13 -24.18
N ILE J 125 1.83 -13.38 -23.94
CA ILE J 125 1.11 -12.60 -22.94
C ILE J 125 1.64 -12.91 -21.54
N LYS J 126 2.02 -14.16 -21.29
CA LYS J 126 2.61 -14.51 -20.00
C LYS J 126 3.93 -13.77 -19.79
N VAL J 127 4.82 -13.83 -20.78
CA VAL J 127 6.14 -13.21 -20.61
C VAL J 127 5.99 -11.69 -20.53
N GLY J 128 5.04 -11.12 -21.28
CA GLY J 128 4.82 -9.68 -21.19
C GLY J 128 4.32 -9.24 -19.83
N ALA J 129 3.37 -10.00 -19.26
CA ALA J 129 2.91 -9.70 -17.92
C ALA J 129 4.04 -9.87 -16.91
N GLU J 130 4.92 -10.85 -17.13
CA GLU J 130 6.00 -11.10 -16.20
C GLU J 130 7.03 -9.97 -16.21
N TYR J 131 7.48 -9.57 -17.39
CA TYR J 131 8.60 -8.64 -17.51
C TYR J 131 8.19 -7.26 -18.01
N GLY J 132 6.93 -6.87 -17.80
CA GLY J 132 6.54 -5.49 -18.03
C GLY J 132 6.28 -5.14 -19.49
N GLU J 133 6.13 -3.84 -19.71
CA GLU J 133 5.70 -3.31 -21.00
C GLU J 133 6.87 -2.75 -21.82
N HIS J 134 8.10 -2.96 -21.39
CA HIS J 134 9.24 -2.35 -22.06
C HIS J 134 10.30 -3.37 -22.46
N VAL J 135 9.88 -4.47 -23.10
CA VAL J 135 10.79 -5.52 -23.53
C VAL J 135 11.00 -5.41 -25.03
N ASN J 136 12.25 -5.48 -25.47
CA ASN J 136 12.61 -5.36 -26.89
C ASN J 136 12.16 -6.63 -27.60
N VAL J 137 11.23 -6.47 -28.55
CA VAL J 137 10.67 -7.64 -29.22
C VAL J 137 11.58 -8.14 -30.33
N GLU J 138 12.24 -7.24 -31.06
CA GLU J 138 12.98 -7.64 -32.26
C GLU J 138 14.12 -8.60 -31.93
N GLU J 139 14.74 -8.47 -30.76
CA GLU J 139 15.75 -9.44 -30.35
C GLU J 139 15.13 -10.75 -29.90
N LEU J 140 13.89 -10.71 -29.42
CA LEU J 140 13.26 -11.92 -28.91
C LEU J 140 12.89 -12.88 -30.03
N LEU J 141 12.36 -12.37 -31.12
CA LEU J 141 11.95 -13.23 -32.23
C LEU J 141 13.17 -13.71 -33.02
N PRO J 142 13.37 -15.00 -33.18
CA PRO J 142 14.51 -15.51 -33.95
C PRO J 142 14.29 -15.36 -35.45
N SER J 143 15.22 -15.96 -36.23
CA SER J 143 15.29 -16.00 -37.68
C SER J 143 14.99 -17.40 -38.19
N PRO J 144 14.45 -17.53 -39.41
CA PRO J 144 14.07 -18.85 -39.92
C PRO J 144 15.19 -19.86 -39.99
N ILE J 145 16.44 -19.41 -40.17
CA ILE J 145 17.56 -20.35 -40.20
C ILE J 145 17.70 -21.07 -38.86
N THR J 146 17.59 -20.32 -37.76
CA THR J 146 17.59 -20.93 -36.44
C THR J 146 16.42 -21.89 -36.29
N LEU J 147 15.26 -21.53 -36.85
CA LEU J 147 14.10 -22.41 -36.79
C LEU J 147 14.39 -23.74 -37.48
N SER J 148 15.00 -23.70 -38.66
CA SER J 148 15.31 -24.93 -39.39
C SER J 148 16.33 -25.76 -38.63
N ARG J 149 17.39 -25.12 -38.13
CA ARG J 149 18.40 -25.86 -37.38
C ARG J 149 17.79 -26.53 -36.16
N LYS J 150 16.95 -25.80 -35.42
CA LYS J 150 16.40 -26.34 -34.19
C LYS J 150 15.36 -27.43 -34.47
N VAL J 151 14.59 -27.29 -35.55
CA VAL J 151 13.62 -28.34 -35.86
C VAL J 151 14.35 -29.61 -36.29
N THR J 152 15.46 -29.49 -37.01
CA THR J 152 16.25 -30.67 -37.36
C THR J 152 16.81 -31.33 -36.10
N SER J 153 17.38 -30.54 -35.19
CA SER J 153 17.93 -31.11 -33.96
C SER J 153 16.84 -31.76 -33.11
N ASP J 154 15.67 -31.11 -33.04
CA ASP J 154 14.57 -31.67 -32.27
C ASP J 154 14.05 -32.96 -32.89
N ALA J 155 14.02 -33.03 -34.22
CA ALA J 155 13.68 -34.29 -34.87
C ALA J 155 14.66 -35.38 -34.50
N LYS J 156 15.95 -35.07 -34.53
CA LYS J 156 16.97 -36.06 -34.16
C LYS J 156 16.76 -36.55 -32.73
N GLU J 157 16.56 -35.62 -31.79
CA GLU J 157 16.44 -36.00 -30.39
C GLU J 157 15.15 -36.76 -30.13
N LYS J 158 14.04 -36.37 -30.78
CA LYS J 158 12.79 -37.11 -30.62
C LYS J 158 12.91 -38.53 -31.17
N LYS J 159 13.56 -38.68 -32.33
CA LYS J 159 13.77 -40.03 -32.86
C LYS J 159 14.62 -40.86 -31.91
N ALA J 160 15.67 -40.25 -31.33
CA ALA J 160 16.49 -40.97 -30.37
C ALA J 160 15.67 -41.41 -29.16
N LEU J 161 14.80 -40.52 -28.65
CA LEU J 161 13.95 -40.89 -27.52
C LEU J 161 13.00 -42.03 -27.86
N ILE J 162 12.37 -42.00 -29.04
CA ILE J 162 11.33 -42.96 -29.34
C ILE J 162 11.86 -44.31 -29.85
N SER J 163 13.11 -44.36 -30.35
CA SER J 163 13.64 -45.60 -30.88
C SER J 163 13.53 -46.76 -29.90
N ARG J 164 13.62 -46.47 -28.60
CA ARG J 164 13.49 -47.52 -27.60
C ARG J 164 12.12 -48.19 -27.65
N GLU J 165 11.06 -47.39 -27.78
CA GLU J 165 9.73 -48.00 -27.86
C GLU J 165 9.42 -48.58 -29.23
N ILE J 166 10.04 -48.10 -30.31
CA ILE J 166 9.99 -48.89 -31.55
C ILE J 166 10.59 -50.26 -31.35
N LYS J 167 11.73 -50.34 -30.64
CA LYS J 167 12.31 -51.66 -30.35
C LYS J 167 11.36 -52.50 -29.50
N SER J 168 10.76 -51.89 -28.48
CA SER J 168 9.85 -52.62 -27.60
C SER J 168 8.62 -53.12 -28.36
N ALA J 169 8.20 -52.38 -29.38
CA ALA J 169 7.06 -52.82 -30.19
C ALA J 169 7.48 -53.91 -31.17
N VAL J 170 8.69 -53.82 -31.72
CA VAL J 170 9.09 -54.78 -32.75
C VAL J 170 9.47 -56.12 -32.13
N GLU J 171 9.92 -56.13 -30.87
CA GLU J 171 10.28 -57.41 -30.25
C GLU J 171 9.07 -58.31 -30.06
N LYS J 172 7.88 -57.75 -29.86
CA LYS J 172 6.65 -58.53 -29.69
C LYS J 172 5.94 -58.83 -31.01
N ASP J 173 6.66 -58.77 -32.13
CA ASP J 173 6.17 -59.21 -33.43
C ASP J 173 5.08 -58.32 -34.01
N GLY J 174 4.78 -57.20 -33.36
CA GLY J 174 3.87 -56.23 -33.94
C GLY J 174 4.62 -55.24 -34.81
N ALA J 175 4.68 -55.51 -36.11
CA ALA J 175 5.57 -54.76 -36.99
C ALA J 175 4.91 -54.45 -38.32
N SER J 176 3.67 -53.98 -38.29
CA SER J 176 2.96 -53.65 -39.53
C SER J 176 3.39 -52.27 -40.02
N ALA J 177 3.81 -52.19 -41.28
CA ALA J 177 4.29 -50.93 -41.86
C ALA J 177 4.34 -51.06 -43.37
N THR J 178 3.81 -50.06 -44.06
CA THR J 178 3.74 -50.08 -45.52
C THR J 178 4.71 -49.08 -46.13
N ILE J 179 5.09 -49.34 -47.38
CA ILE J 179 6.03 -48.51 -48.11
C ILE J 179 5.44 -48.19 -49.49
N ASP J 180 5.84 -47.05 -50.03
CA ASP J 180 5.35 -46.62 -51.34
C ASP J 180 6.34 -45.64 -51.96
N LEU J 181 6.20 -45.44 -53.26
CA LEU J 181 7.03 -44.52 -54.03
C LEU J 181 6.15 -43.46 -54.67
N TRP J 182 6.67 -42.23 -54.73
CA TRP J 182 5.91 -41.11 -55.27
C TRP J 182 6.87 -40.10 -55.89
N THR J 183 6.38 -39.38 -56.89
CA THR J 183 7.16 -38.40 -57.63
C THR J 183 6.59 -37.00 -57.39
N ASP J 184 7.48 -36.05 -57.11
CA ASP J 184 7.06 -34.67 -56.89
C ASP J 184 6.71 -34.03 -58.23
N ASN J 185 6.35 -32.75 -58.21
CA ASN J 185 5.82 -32.07 -59.39
C ASN J 185 6.82 -31.16 -60.10
N TYR J 186 7.84 -30.67 -59.41
CA TYR J 186 8.71 -29.64 -59.96
C TYR J 186 10.16 -30.06 -60.11
N ILE J 187 10.69 -30.86 -59.16
CA ILE J 187 12.09 -31.27 -59.19
C ILE J 187 12.27 -32.63 -59.86
N LYS J 188 11.21 -33.38 -60.07
CA LYS J 188 11.24 -34.74 -60.61
C LYS J 188 12.01 -35.70 -59.71
N ARG J 189 12.21 -35.31 -58.45
CA ARG J 189 12.81 -36.21 -57.47
C ARG J 189 11.83 -37.30 -57.08
N ASN J 190 12.37 -38.48 -56.77
CA ASN J 190 11.59 -39.61 -56.32
C ASN J 190 11.83 -39.80 -54.83
N PHE J 191 10.75 -39.82 -54.06
CA PHE J 191 10.83 -39.90 -52.61
C PHE J 191 10.31 -41.25 -52.14
N LEU J 192 10.96 -41.80 -51.12
CA LEU J 192 10.56 -43.06 -50.52
C LEU J 192 9.86 -42.78 -49.21
N GLY J 193 8.65 -43.28 -49.05
CA GLY J 193 7.84 -43.02 -47.87
C GLY J 193 7.49 -44.32 -47.16
N VAL J 194 7.46 -44.26 -45.83
CA VAL J 194 7.14 -45.41 -45.00
C VAL J 194 6.54 -44.92 -43.69
N THR J 195 5.51 -45.61 -43.22
CA THR J 195 4.86 -45.35 -41.95
C THR J 195 5.10 -46.53 -41.01
N LEU J 196 4.47 -46.49 -39.84
CA LEU J 196 4.59 -47.57 -38.88
C LEU J 196 3.31 -47.64 -38.05
N HIS J 197 2.90 -48.87 -37.72
CA HIS J 197 1.69 -49.12 -36.93
C HIS J 197 2.01 -50.10 -35.83
N TYR J 198 1.54 -49.81 -34.62
CA TYR J 198 1.71 -50.72 -33.48
C TYR J 198 0.66 -50.38 -32.44
N HIS J 199 0.39 -51.35 -31.56
CA HIS J 199 -0.63 -51.22 -30.52
C HIS J 199 0.02 -51.29 -29.15
N GLU J 200 -0.17 -50.25 -28.35
CA GLU J 200 0.36 -50.28 -26.99
C GLU J 200 -0.67 -49.90 -25.93
N ASN J 201 -1.57 -48.96 -26.23
CA ASN J 201 -2.42 -48.35 -25.23
C ASN J 201 -3.88 -48.38 -25.64
N ASN J 202 -4.31 -49.53 -26.17
CA ASN J 202 -5.71 -49.87 -26.49
C ASN J 202 -6.25 -49.18 -27.75
N GLU J 203 -5.41 -48.48 -28.52
CA GLU J 203 -5.72 -48.12 -29.90
C GLU J 203 -4.42 -48.10 -30.69
N LEU J 204 -4.53 -48.37 -31.99
CA LEU J 204 -3.36 -48.38 -32.86
C LEU J 204 -2.71 -47.00 -32.92
N ARG J 205 -1.38 -46.98 -33.02
CA ARG J 205 -0.60 -45.75 -33.10
C ARG J 205 -0.20 -45.54 -34.56
N ASP J 206 -0.71 -44.46 -35.15
CA ASP J 206 -0.41 -44.11 -36.54
C ASP J 206 0.72 -43.08 -36.55
N LEU J 207 1.90 -43.49 -37.01
CA LEU J 207 3.04 -42.59 -37.12
C LEU J 207 3.89 -43.02 -38.30
N ILE J 208 4.68 -42.08 -38.81
CA ILE J 208 5.57 -42.36 -39.93
C ILE J 208 6.98 -42.60 -39.44
N LEU J 209 7.60 -43.67 -39.94
CA LEU J 209 9.00 -43.97 -39.64
C LEU J 209 9.94 -42.91 -40.21
N GLY J 210 9.66 -42.44 -41.41
CA GLY J 210 10.47 -41.42 -42.04
C GLY J 210 10.18 -41.36 -43.53
N LEU J 211 10.79 -40.36 -44.17
CA LEU J 211 10.64 -40.17 -45.61
C LEU J 211 11.96 -39.61 -46.14
N LYS J 212 12.81 -40.50 -46.66
CA LYS J 212 14.11 -40.13 -47.17
C LYS J 212 14.12 -40.28 -48.68
N SER J 213 14.76 -39.33 -49.37
CA SER J 213 14.84 -39.34 -50.81
C SER J 213 15.99 -40.22 -51.28
N LEU J 214 15.76 -40.94 -52.36
CA LEU J 214 16.77 -41.84 -52.94
C LEU J 214 17.62 -41.13 -53.99
N ASP J 215 18.12 -39.94 -53.62
CA ASP J 215 18.90 -39.09 -54.50
C ASP J 215 18.24 -38.93 -55.87
N PHE J 216 19.02 -39.03 -56.94
CA PHE J 216 18.50 -39.00 -58.29
C PHE J 216 18.82 -40.26 -59.09
N GLU J 217 19.61 -41.18 -58.53
CA GLU J 217 20.02 -42.36 -59.27
C GLU J 217 18.81 -43.20 -59.66
N ARG J 218 18.99 -44.00 -60.71
CA ARG J 218 17.88 -44.72 -61.31
C ARG J 218 17.24 -45.68 -60.31
N SER J 219 15.91 -45.79 -60.38
CA SER J 219 15.18 -46.64 -59.46
C SER J 219 15.58 -48.10 -59.63
N THR J 220 15.84 -48.78 -58.52
CA THR J 220 16.20 -50.18 -58.54
C THR J 220 15.88 -50.80 -57.18
N ALA J 221 15.79 -52.13 -57.18
CA ALA J 221 15.43 -52.86 -55.96
C ALA J 221 16.49 -52.67 -54.87
N GLU J 222 17.76 -52.71 -55.25
CA GLU J 222 18.83 -52.59 -54.27
C GLU J 222 18.81 -51.23 -53.58
N ASN J 223 18.53 -50.16 -54.35
CA ASN J 223 18.44 -48.85 -53.74
C ASN J 223 17.34 -48.80 -52.69
N ILE J 224 16.18 -49.37 -53.00
CA ILE J 224 15.08 -49.39 -52.04
C ILE J 224 15.46 -50.18 -50.80
N TYR J 225 16.09 -51.34 -50.99
CA TYR J 225 16.44 -52.16 -49.83
C TYR J 225 17.46 -51.47 -48.94
N LYS J 226 18.51 -50.89 -49.53
CA LYS J 226 19.48 -50.16 -48.72
C LYS J 226 18.87 -48.94 -48.05
N LYS J 227 17.97 -48.24 -48.74
CA LYS J 227 17.34 -47.07 -48.14
C LYS J 227 16.51 -47.46 -46.92
N LEU J 228 15.69 -48.49 -47.05
CA LEU J 228 14.88 -48.92 -45.91
C LEU J 228 15.76 -49.48 -44.80
N LYS J 229 16.84 -50.17 -45.16
CA LYS J 229 17.77 -50.67 -44.15
C LYS J 229 18.38 -49.52 -43.35
N ALA J 230 18.81 -48.46 -44.04
CA ALA J 230 19.36 -47.30 -43.35
C ALA J 230 18.31 -46.64 -42.47
N ILE J 231 17.08 -46.49 -42.99
CA ILE J 231 16.03 -45.82 -42.24
C ILE J 231 15.73 -46.58 -40.95
N PHE J 232 15.64 -47.89 -41.03
CA PHE J 232 15.51 -48.70 -39.83
C PHE J 232 16.77 -48.67 -38.97
N SER J 233 17.93 -48.40 -39.58
CA SER J 233 19.18 -48.39 -38.83
C SER J 233 19.30 -47.14 -37.96
N GLN J 234 18.72 -46.02 -38.37
CA GLN J 234 18.73 -44.85 -37.50
C GLN J 234 18.01 -45.11 -36.18
N PHE J 235 17.14 -46.11 -36.11
CA PHE J 235 16.57 -46.57 -34.86
C PHE J 235 17.27 -47.80 -34.31
N ASN J 236 18.36 -48.23 -34.94
CA ASN J 236 19.13 -49.41 -34.52
C ASN J 236 18.25 -50.67 -34.54
N VAL J 237 17.69 -50.93 -35.70
CA VAL J 237 16.81 -52.09 -35.92
C VAL J 237 17.44 -52.98 -36.97
N GLU J 238 17.63 -54.25 -36.62
CA GLU J 238 18.22 -55.23 -37.53
C GLU J 238 17.36 -56.47 -37.72
N ASP J 239 16.16 -56.50 -37.16
CA ASP J 239 15.26 -57.64 -37.39
C ASP J 239 14.89 -57.74 -38.86
N LEU J 240 14.14 -56.76 -39.37
CA LEU J 240 13.88 -56.57 -40.79
C LEU J 240 13.23 -57.79 -41.44
N SER J 241 12.68 -58.70 -40.65
CA SER J 241 12.05 -59.91 -41.18
C SER J 241 10.62 -60.10 -40.73
N SER J 242 10.28 -59.71 -39.50
CA SER J 242 8.91 -59.80 -39.03
C SER J 242 8.06 -58.60 -39.42
N ILE J 243 8.63 -57.66 -40.18
CA ILE J 243 7.90 -56.46 -40.58
C ILE J 243 6.87 -56.82 -41.63
N LYS J 244 5.61 -56.43 -41.38
CA LYS J 244 4.53 -56.75 -42.30
C LYS J 244 4.45 -55.67 -43.38
N PHE J 245 4.64 -56.08 -44.63
CA PHE J 245 4.68 -55.16 -45.77
C PHE J 245 3.35 -55.20 -46.53
N VAL J 246 2.85 -54.02 -46.90
CA VAL J 246 1.62 -53.89 -47.65
C VAL J 246 1.92 -53.01 -48.86
N THR J 247 2.20 -53.64 -50.01
CA THR J 247 2.43 -52.94 -51.26
C THR J 247 1.65 -53.66 -52.35
N ASP J 248 1.06 -52.89 -53.27
CA ASP J 248 0.08 -53.46 -54.18
C ASP J 248 0.72 -54.19 -55.35
N ARG J 249 1.37 -53.44 -56.26
CA ARG J 249 2.06 -54.07 -57.40
C ARG J 249 3.36 -53.36 -57.76
N GLY J 250 4.06 -52.78 -56.78
CA GLY J 250 5.35 -52.19 -57.10
C GLY J 250 6.34 -53.26 -57.50
N ALA J 251 6.66 -53.33 -58.79
CA ALA J 251 7.43 -54.46 -59.30
C ALA J 251 8.84 -54.49 -58.70
N ASN J 252 9.56 -53.38 -58.81
CA ASN J 252 10.90 -53.32 -58.23
C ASN J 252 10.84 -53.41 -56.70
N VAL J 253 9.82 -52.79 -56.10
CA VAL J 253 9.67 -52.84 -54.65
C VAL J 253 9.43 -54.28 -54.19
N VAL J 254 8.53 -54.99 -54.87
CA VAL J 254 8.26 -56.38 -54.53
C VAL J 254 9.50 -57.23 -54.74
N LYS J 255 10.24 -56.99 -55.82
CA LYS J 255 11.47 -57.74 -56.07
C LYS J 255 12.49 -57.52 -54.97
N SER J 256 12.59 -56.29 -54.46
CA SER J 256 13.56 -56.00 -53.42
C SER J 256 13.23 -56.75 -52.12
N LEU J 257 11.95 -56.80 -51.76
CA LEU J 257 11.52 -57.30 -50.45
C LEU J 257 10.88 -58.68 -50.58
N ALA J 258 11.13 -59.37 -51.69
CA ALA J 258 10.58 -60.70 -51.89
C ALA J 258 11.05 -61.71 -50.86
N ASN J 259 12.19 -61.47 -50.21
CA ASN J 259 12.66 -62.38 -49.17
C ASN J 259 11.85 -62.22 -47.89
N ASN J 260 11.30 -61.03 -47.64
CA ASN J 260 10.54 -60.76 -46.44
C ASN J 260 9.06 -61.06 -46.67
N ILE J 261 8.24 -60.75 -45.66
CA ILE J 261 6.81 -60.99 -45.73
C ILE J 261 6.16 -59.87 -46.54
N ARG J 262 5.33 -60.25 -47.51
CA ARG J 262 4.67 -59.31 -48.39
C ARG J 262 3.18 -59.60 -48.44
N ILE J 263 2.37 -58.55 -48.41
CA ILE J 263 0.92 -58.66 -48.47
C ILE J 263 0.39 -57.62 -49.46
N ASN J 264 -0.57 -58.03 -50.29
CA ASN J 264 -1.14 -57.15 -51.30
C ASN J 264 -2.01 -56.08 -50.67
N CYS J 265 -2.34 -55.06 -51.47
CA CYS J 265 -3.18 -53.94 -51.03
C CYS J 265 -4.57 -54.10 -51.63
N SER J 266 -5.59 -54.02 -50.77
CA SER J 266 -6.97 -54.30 -51.20
C SER J 266 -7.57 -53.15 -51.99
N SER J 267 -7.25 -51.91 -51.65
CA SER J 267 -7.91 -50.77 -52.30
C SER J 267 -7.58 -50.69 -53.78
N HIS J 268 -6.28 -50.71 -54.12
CA HIS J 268 -5.91 -50.69 -55.53
C HIS J 268 -6.34 -51.96 -56.24
N LEU J 269 -6.39 -53.08 -55.52
CA LEU J 269 -6.92 -54.31 -56.09
C LEU J 269 -8.37 -54.13 -56.53
N LEU J 270 -9.19 -53.52 -55.67
CA LEU J 270 -10.59 -53.30 -56.02
C LEU J 270 -10.72 -52.29 -57.15
N SER J 271 -9.86 -51.26 -57.16
CA SER J 271 -9.89 -50.31 -58.27
C SER J 271 -9.59 -51.00 -59.59
N ASN J 272 -8.58 -51.88 -59.59
CA ASN J 272 -8.23 -52.62 -60.80
C ASN J 272 -9.36 -53.57 -61.18
N VAL J 273 -10.03 -54.15 -60.19
CA VAL J 273 -11.17 -55.02 -60.47
C VAL J 273 -12.28 -54.25 -61.18
N LEU J 274 -12.58 -53.04 -60.70
CA LEU J 274 -13.57 -52.21 -61.37
C LEU J 274 -13.11 -51.84 -62.78
N GLU J 275 -11.83 -51.55 -62.95
CA GLU J 275 -11.32 -51.24 -64.28
C GLU J 275 -11.51 -52.42 -65.24
N ASN J 276 -11.18 -53.63 -64.79
CA ASN J 276 -11.38 -54.80 -65.63
C ASN J 276 -12.86 -55.02 -65.93
N SER J 277 -13.72 -54.82 -64.92
CA SER J 277 -15.15 -55.03 -65.11
C SER J 277 -15.70 -54.07 -66.16
N PHE J 278 -15.30 -52.79 -66.10
CA PHE J 278 -15.78 -51.83 -67.08
C PHE J 278 -15.10 -51.98 -68.43
N GLU J 279 -13.92 -52.63 -68.45
CA GLU J 279 -13.21 -52.80 -69.71
C GLU J 279 -13.93 -53.78 -70.65
N GLU J 280 -14.58 -54.78 -70.08
CA GLU J 280 -15.12 -55.87 -70.89
C GLU J 280 -16.47 -55.55 -71.51
N THR J 281 -17.04 -54.37 -71.23
CA THR J 281 -18.35 -53.99 -71.75
C THR J 281 -18.21 -52.71 -72.57
N PRO J 282 -17.96 -52.82 -73.88
CA PRO J 282 -17.84 -51.61 -74.72
C PRO J 282 -19.12 -50.79 -74.77
N GLU J 283 -20.28 -51.47 -74.74
CA GLU J 283 -21.56 -50.77 -74.80
C GLU J 283 -21.71 -49.79 -73.65
N LEU J 284 -21.11 -50.08 -72.49
CA LEU J 284 -20.99 -49.08 -71.44
C LEU J 284 -19.69 -48.29 -71.51
N ASN J 285 -18.75 -48.71 -72.37
CA ASN J 285 -17.49 -47.97 -72.48
C ASN J 285 -17.66 -46.67 -73.24
N MET J 286 -18.39 -46.68 -74.37
CA MET J 286 -18.49 -45.45 -75.15
C MET J 286 -19.42 -44.39 -74.53
N PRO J 287 -20.46 -44.71 -73.74
CA PRO J 287 -21.17 -43.62 -73.05
C PRO J 287 -20.30 -42.87 -72.06
N ILE J 288 -19.38 -43.55 -71.39
CA ILE J 288 -18.45 -42.86 -70.48
C ILE J 288 -17.57 -41.90 -71.27
N LEU J 289 -17.11 -42.32 -72.44
CA LEU J 289 -16.34 -41.44 -73.31
C LEU J 289 -17.18 -40.27 -73.80
N ALA J 290 -18.46 -40.50 -74.10
CA ALA J 290 -19.34 -39.41 -74.49
C ALA J 290 -19.49 -38.39 -73.36
N CYS J 291 -19.66 -38.88 -72.12
CA CYS J 291 -19.72 -37.96 -70.99
C CYS J 291 -18.40 -37.21 -70.82
N LYS J 292 -17.27 -37.89 -71.03
CA LYS J 292 -15.96 -37.23 -70.97
C LYS J 292 -15.87 -36.10 -71.97
N ASN J 293 -16.28 -36.35 -73.21
CA ASN J 293 -16.24 -35.31 -74.24
C ASN J 293 -17.23 -34.19 -73.93
N ILE J 294 -18.37 -34.52 -73.33
CA ILE J 294 -19.33 -33.48 -72.94
C ILE J 294 -18.73 -32.56 -71.88
N VAL J 295 -18.08 -33.15 -70.88
CA VAL J 295 -17.43 -32.35 -69.84
C VAL J 295 -16.32 -31.50 -70.45
N LYS J 296 -15.53 -32.08 -71.34
CA LYS J 296 -14.49 -31.31 -72.02
C LYS J 296 -15.10 -30.18 -72.85
N TYR J 297 -16.27 -30.41 -73.43
CA TYR J 297 -16.95 -29.38 -74.20
C TYR J 297 -17.37 -28.22 -73.33
N PHE J 298 -17.89 -28.50 -72.13
CA PHE J 298 -18.17 -27.40 -71.20
C PHE J 298 -16.89 -26.70 -70.76
N LYS J 299 -15.82 -27.46 -70.49
CA LYS J 299 -14.63 -26.86 -69.92
C LYS J 299 -13.82 -26.04 -70.93
N LYS J 300 -13.87 -26.40 -72.22
CA LYS J 300 -13.05 -25.71 -73.20
C LYS J 300 -13.49 -24.25 -73.37
N ALA J 301 -14.79 -23.99 -73.37
CA ALA J 301 -15.33 -22.66 -73.54
C ALA J 301 -15.99 -22.14 -72.26
N ASN J 302 -15.42 -22.51 -71.11
CA ASN J 302 -15.83 -22.09 -69.77
C ASN J 302 -17.34 -21.87 -69.65
N LEU J 303 -18.09 -22.85 -70.15
CA LEU J 303 -19.54 -22.85 -70.04
C LEU J 303 -20.04 -23.30 -68.68
N GLN J 304 -19.15 -23.34 -67.69
CA GLN J 304 -19.49 -23.79 -66.34
C GLN J 304 -20.30 -22.75 -65.57
N HIS J 305 -20.36 -21.50 -66.06
CA HIS J 305 -21.05 -20.45 -65.32
C HIS J 305 -22.56 -20.65 -65.33
N ARG J 306 -23.11 -21.09 -66.46
CA ARG J 306 -24.56 -21.22 -66.59
C ARG J 306 -25.12 -22.27 -65.63
N LEU J 307 -24.39 -23.36 -65.43
CA LEU J 307 -24.88 -24.46 -64.61
C LEU J 307 -24.98 -24.04 -63.15
N ARG J 308 -25.89 -24.68 -62.41
CA ARG J 308 -26.10 -24.31 -61.02
C ARG J 308 -25.20 -25.10 -60.08
N SER J 309 -24.79 -26.30 -60.47
CA SER J 309 -23.87 -27.14 -59.70
C SER J 309 -22.82 -27.66 -60.66
N SER J 310 -21.62 -27.07 -60.63
CA SER J 310 -20.60 -27.34 -61.62
C SER J 310 -20.15 -28.80 -61.57
N LEU J 311 -19.76 -29.30 -62.74
CA LEU J 311 -19.34 -30.70 -62.85
C LEU J 311 -18.00 -30.90 -62.15
N LYS J 312 -17.66 -32.16 -61.91
CA LYS J 312 -16.48 -32.51 -61.13
C LYS J 312 -15.32 -32.86 -62.05
N SER J 313 -14.15 -33.09 -61.46
CA SER J 313 -12.95 -33.39 -62.24
C SER J 313 -13.14 -34.69 -63.02
N GLU J 314 -12.54 -34.76 -64.21
CA GLU J 314 -12.74 -35.89 -65.10
C GLU J 314 -12.24 -37.20 -64.51
N CYS J 315 -10.91 -37.35 -64.40
CA CYS J 315 -10.30 -38.59 -63.96
C CYS J 315 -8.84 -38.38 -63.59
N PRO J 316 -8.52 -37.95 -62.37
CA PRO J 316 -7.13 -37.75 -61.98
C PRO J 316 -6.39 -39.02 -61.55
N THR J 317 -6.94 -40.21 -61.85
CA THR J 317 -6.38 -41.48 -61.36
C THR J 317 -6.26 -41.47 -59.85
N ARG J 318 -7.34 -41.06 -59.20
CA ARG J 318 -7.40 -40.79 -57.76
C ARG J 318 -8.61 -41.48 -57.14
N TRP J 319 -8.70 -42.79 -57.36
CA TRP J 319 -9.80 -43.63 -56.90
C TRP J 319 -11.13 -43.26 -57.57
N ASN J 320 -11.15 -43.28 -58.90
CA ASN J 320 -12.39 -43.33 -59.68
C ASN J 320 -13.30 -42.12 -59.41
N SER J 321 -12.81 -40.94 -59.83
CA SER J 321 -13.61 -39.73 -59.72
C SER J 321 -14.81 -39.74 -60.66
N THR J 322 -14.87 -40.69 -61.59
CA THR J 322 -16.01 -40.77 -62.49
C THR J 322 -17.33 -40.97 -61.74
N TYR J 323 -17.27 -41.46 -60.51
CA TYR J 323 -18.48 -41.53 -59.69
C TYR J 323 -19.10 -40.16 -59.50
N THR J 324 -18.38 -39.24 -58.86
CA THR J 324 -18.91 -37.90 -58.66
C THR J 324 -19.09 -37.17 -59.98
N MET J 325 -18.30 -37.51 -60.99
CA MET J 325 -18.54 -36.97 -62.33
C MET J 325 -19.95 -37.30 -62.82
N LEU J 326 -20.32 -38.58 -62.78
CA LEU J 326 -21.63 -39.00 -63.24
C LEU J 326 -22.73 -38.53 -62.31
N ARG J 327 -22.45 -38.40 -61.01
CA ARG J 327 -23.44 -37.83 -60.09
C ARG J 327 -23.76 -36.39 -60.47
N SER J 328 -22.73 -35.58 -60.72
CA SER J 328 -22.95 -34.19 -61.12
C SER J 328 -23.66 -34.10 -62.46
N ILE J 329 -23.33 -35.00 -63.39
CA ILE J 329 -24.02 -35.00 -64.68
C ILE J 329 -25.49 -35.36 -64.50
N LEU J 330 -25.78 -36.39 -63.71
CA LEU J 330 -27.14 -36.91 -63.59
C LEU J 330 -28.04 -35.92 -62.84
N ASP J 331 -27.58 -35.41 -61.71
CA ASP J 331 -28.46 -34.66 -60.82
C ASP J 331 -28.84 -33.28 -61.38
N ASN J 332 -28.34 -32.90 -62.54
CA ASN J 332 -28.69 -31.64 -63.20
C ASN J 332 -28.89 -31.86 -64.69
N TRP J 333 -29.60 -32.95 -65.04
CA TRP J 333 -29.65 -33.41 -66.42
C TRP J 333 -30.39 -32.43 -67.32
N GLU J 334 -31.51 -31.87 -66.84
CA GLU J 334 -32.36 -31.05 -67.70
C GLU J 334 -31.60 -29.81 -68.19
N SER J 335 -30.89 -29.13 -67.29
CA SER J 335 -30.18 -27.92 -67.66
C SER J 335 -29.07 -28.20 -68.67
N VAL J 336 -28.31 -29.28 -68.45
CA VAL J 336 -27.21 -29.57 -69.37
C VAL J 336 -27.73 -30.01 -70.73
N ILE J 337 -28.82 -30.79 -70.76
CA ILE J 337 -29.35 -31.17 -72.07
C ILE J 337 -29.94 -29.97 -72.78
N GLN J 338 -30.51 -29.00 -72.04
CA GLN J 338 -30.94 -27.76 -72.67
C GLN J 338 -29.74 -27.02 -73.28
N ILE J 339 -28.70 -26.83 -72.47
CA ILE J 339 -27.51 -26.11 -72.95
C ILE J 339 -26.95 -26.77 -74.20
N LEU J 340 -26.93 -28.11 -74.22
CA LEU J 340 -26.57 -28.83 -75.43
C LEU J 340 -27.57 -28.57 -76.56
N SER J 341 -28.85 -28.35 -76.23
CA SER J 341 -29.85 -28.11 -77.26
C SER J 341 -29.55 -26.81 -78.01
N GLU J 342 -29.21 -25.74 -77.30
CA GLU J 342 -28.81 -24.57 -78.09
C GLU J 342 -27.30 -24.55 -78.39
N ALA J 343 -26.54 -25.56 -77.99
CA ALA J 343 -25.13 -25.64 -78.34
C ALA J 343 -24.87 -26.21 -79.73
N GLY J 344 -25.89 -26.78 -80.37
CA GLY J 344 -25.73 -27.35 -81.69
C GLY J 344 -25.11 -28.73 -81.73
N GLU J 345 -24.80 -29.32 -80.58
CA GLU J 345 -24.20 -30.65 -80.50
C GLU J 345 -25.19 -31.66 -79.90
N THR J 346 -26.46 -31.56 -80.28
CA THR J 346 -27.51 -32.37 -79.68
C THR J 346 -27.32 -33.86 -79.93
N GLN J 347 -26.50 -34.24 -80.91
CA GLN J 347 -26.34 -35.66 -81.23
C GLN J 347 -25.61 -36.45 -80.14
N ARG J 348 -24.92 -35.76 -79.23
CA ARG J 348 -24.08 -36.47 -78.27
C ARG J 348 -24.90 -37.13 -77.16
N ILE J 349 -26.07 -36.56 -76.84
CA ILE J 349 -26.84 -37.06 -75.69
C ILE J 349 -27.72 -38.26 -76.06
N VAL J 350 -27.92 -38.52 -77.35
CA VAL J 350 -28.86 -39.57 -77.76
C VAL J 350 -28.37 -40.94 -77.33
N HIS J 351 -27.06 -41.11 -77.15
CA HIS J 351 -26.49 -42.42 -76.86
C HIS J 351 -26.65 -42.85 -75.42
N ILE J 352 -27.15 -41.99 -74.54
CA ILE J 352 -27.14 -42.22 -73.10
C ILE J 352 -28.54 -42.06 -72.55
N ASN J 353 -28.96 -43.02 -71.71
CA ASN J 353 -30.28 -43.02 -71.10
C ASN J 353 -30.16 -42.89 -69.58
N LYS J 354 -31.19 -42.30 -68.98
CA LYS J 354 -31.11 -41.90 -67.56
C LYS J 354 -31.23 -43.09 -66.61
N SER J 355 -32.03 -44.10 -66.98
CA SER J 355 -32.25 -45.22 -66.07
C SER J 355 -30.95 -45.99 -65.81
N ILE J 356 -30.18 -46.25 -66.86
CA ILE J 356 -28.89 -46.90 -66.69
C ILE J 356 -27.97 -46.03 -65.85
N ILE J 357 -28.01 -44.71 -66.06
CA ILE J 357 -27.21 -43.79 -65.25
C ILE J 357 -27.54 -43.97 -63.78
N GLN J 358 -28.84 -44.02 -63.44
CA GLN J 358 -29.23 -44.09 -62.04
C GLN J 358 -28.88 -45.44 -61.42
N THR J 359 -29.04 -46.53 -62.17
CA THR J 359 -28.67 -47.85 -61.64
C THR J 359 -27.16 -47.92 -61.40
N MET J 360 -26.38 -47.40 -62.34
CA MET J 360 -24.93 -47.39 -62.17
C MET J 360 -24.53 -46.48 -61.00
N VAL J 361 -25.27 -45.38 -60.82
CA VAL J 361 -25.03 -44.52 -59.66
C VAL J 361 -25.25 -45.29 -58.37
N ASN J 362 -26.33 -46.07 -58.31
CA ASN J 362 -26.60 -46.87 -57.12
C ASN J 362 -25.47 -47.85 -56.84
N ILE J 363 -25.07 -48.64 -57.85
CA ILE J 363 -24.08 -49.68 -57.59
C ILE J 363 -22.71 -49.07 -57.29
N LEU J 364 -22.34 -48.01 -58.00
CA LEU J 364 -21.05 -47.38 -57.76
C LEU J 364 -21.03 -46.56 -56.47
N ASP J 365 -22.18 -46.10 -55.99
CA ASP J 365 -22.26 -45.54 -54.65
C ASP J 365 -22.09 -46.62 -53.60
N GLY J 366 -22.61 -47.82 -53.86
CA GLY J 366 -22.30 -48.95 -52.99
C GLY J 366 -20.81 -49.22 -52.95
N PHE J 367 -20.15 -49.19 -54.12
CA PHE J 367 -18.70 -49.38 -54.15
C PHE J 367 -17.97 -48.27 -53.41
N GLU J 368 -18.46 -47.02 -53.53
CA GLU J 368 -17.89 -45.92 -52.76
C GLU J 368 -18.02 -46.15 -51.27
N ARG J 369 -19.19 -46.64 -50.84
CA ARG J 369 -19.38 -46.97 -49.43
C ARG J 369 -18.40 -48.05 -48.99
N ILE J 370 -18.17 -49.04 -49.84
CA ILE J 370 -17.18 -50.07 -49.52
C ILE J 370 -15.80 -49.45 -49.36
N PHE J 371 -15.43 -48.55 -50.26
CA PHE J 371 -14.16 -47.84 -50.16
C PHE J 371 -14.05 -47.10 -48.83
N LYS J 372 -15.09 -46.36 -48.46
CA LYS J 372 -15.06 -45.58 -47.22
C LYS J 372 -14.96 -46.48 -46.00
N GLU J 373 -15.69 -47.60 -46.00
CA GLU J 373 -15.66 -48.52 -44.87
C GLU J 373 -14.28 -49.16 -44.72
N LEU J 374 -13.70 -49.61 -45.83
CA LEU J 374 -12.45 -50.35 -45.74
C LEU J 374 -11.26 -49.44 -45.43
N GLN J 375 -11.27 -48.21 -45.94
CA GLN J 375 -10.13 -47.30 -45.79
C GLN J 375 -10.31 -46.49 -44.52
N THR J 376 -9.66 -46.91 -43.44
CA THR J 376 -9.72 -46.19 -42.16
C THR J 376 -8.40 -46.41 -41.44
N CYS J 377 -7.64 -45.34 -41.25
CA CYS J 377 -6.32 -45.46 -40.62
C CYS J 377 -6.43 -45.70 -39.12
N SER J 378 -7.36 -45.00 -38.45
CA SER J 378 -7.41 -45.05 -36.99
C SER J 378 -7.98 -46.36 -36.49
N SER J 379 -9.23 -46.66 -36.84
CA SER J 379 -9.85 -47.90 -36.41
C SER J 379 -9.32 -49.08 -37.22
N PRO J 380 -9.25 -50.27 -36.61
CA PRO J 380 -8.86 -51.46 -37.38
C PRO J 380 -9.85 -51.74 -38.50
N SER J 381 -9.33 -52.21 -39.63
CA SER J 381 -10.15 -52.40 -40.81
C SER J 381 -9.89 -53.69 -41.57
N LEU J 382 -8.99 -54.56 -41.09
CA LEU J 382 -8.68 -55.78 -41.81
C LEU J 382 -9.80 -56.81 -41.73
N CYS J 383 -10.61 -56.78 -40.67
CA CYS J 383 -11.61 -57.82 -40.45
C CYS J 383 -12.65 -57.84 -41.58
N PHE J 384 -13.25 -56.69 -41.88
CA PHE J 384 -14.33 -56.60 -42.85
C PHE J 384 -13.79 -56.58 -44.27
N VAL J 385 -13.27 -57.73 -44.71
CA VAL J 385 -12.77 -57.91 -46.07
C VAL J 385 -13.58 -58.95 -46.85
N VAL J 386 -13.69 -60.17 -46.31
CA VAL J 386 -14.52 -61.20 -46.97
C VAL J 386 -15.98 -60.77 -47.09
N PRO J 387 -16.60 -60.16 -46.07
CA PRO J 387 -17.97 -59.66 -46.28
C PRO J 387 -18.08 -58.65 -47.40
N SER J 388 -17.00 -57.94 -47.73
CA SER J 388 -17.04 -57.07 -48.92
C SER J 388 -17.26 -57.89 -50.18
N ILE J 389 -16.54 -59.01 -50.34
CA ILE J 389 -16.77 -59.88 -51.48
C ILE J 389 -18.19 -60.44 -51.46
N LEU J 390 -18.66 -60.85 -50.29
CA LEU J 390 -20.02 -61.38 -50.21
C LEU J 390 -21.05 -60.33 -50.62
N LYS J 391 -20.88 -59.09 -50.16
CA LYS J 391 -21.83 -58.04 -50.47
C LYS J 391 -21.78 -57.67 -51.96
N VAL J 392 -20.58 -57.57 -52.54
CA VAL J 392 -20.52 -57.27 -53.97
C VAL J 392 -21.08 -58.42 -54.79
N LYS J 393 -20.98 -59.65 -54.28
CA LYS J 393 -21.63 -60.78 -54.95
C LYS J 393 -23.15 -60.64 -54.91
N GLU J 394 -23.71 -60.32 -53.74
CA GLU J 394 -25.16 -60.31 -53.63
C GLU J 394 -25.80 -59.09 -54.28
N ILE J 395 -25.10 -57.96 -54.34
CA ILE J 395 -25.67 -56.79 -55.01
C ILE J 395 -25.78 -57.01 -56.51
N CYS J 396 -24.78 -57.68 -57.10
CA CYS J 396 -24.79 -57.92 -58.55
C CYS J 396 -25.58 -59.17 -58.90
N SER J 397 -26.79 -59.26 -58.37
CA SER J 397 -27.64 -60.41 -58.62
C SER J 397 -28.27 -60.30 -60.01
N PRO J 398 -28.06 -61.29 -60.88
CA PRO J 398 -28.71 -61.24 -62.20
C PRO J 398 -30.23 -61.30 -62.09
N ASP J 399 -30.90 -60.23 -62.49
CA ASP J 399 -32.34 -60.11 -62.38
C ASP J 399 -32.93 -59.73 -63.74
N VAL J 400 -34.23 -59.42 -63.74
CA VAL J 400 -34.93 -59.04 -64.96
C VAL J 400 -35.13 -57.54 -64.97
N GLY J 401 -34.99 -56.90 -63.81
CA GLY J 401 -35.15 -55.45 -63.75
C GLY J 401 -34.10 -54.71 -64.56
N ASP J 402 -32.84 -55.15 -64.47
CA ASP J 402 -31.78 -54.54 -65.24
C ASP J 402 -31.77 -55.06 -66.67
N VAL J 403 -31.04 -54.37 -67.54
CA VAL J 403 -30.92 -54.77 -68.93
C VAL J 403 -29.84 -55.85 -69.02
N ALA J 404 -29.85 -56.62 -70.12
CA ALA J 404 -28.88 -57.71 -70.27
C ALA J 404 -27.45 -57.18 -70.27
N ASP J 405 -27.25 -55.92 -70.65
CA ASP J 405 -25.91 -55.34 -70.62
C ASP J 405 -25.42 -55.15 -69.19
N ILE J 406 -26.33 -54.75 -68.28
CA ILE J 406 -25.98 -54.71 -66.87
C ILE J 406 -25.69 -56.10 -66.34
N ALA J 407 -26.40 -57.12 -66.84
CA ALA J 407 -26.06 -58.50 -66.49
C ALA J 407 -24.66 -58.86 -66.95
N LYS J 408 -24.29 -58.42 -68.15
CA LYS J 408 -22.93 -58.66 -68.64
C LYS J 408 -21.90 -58.00 -67.74
N LEU J 409 -22.17 -56.76 -67.30
CA LEU J 409 -21.26 -56.08 -66.39
C LEU J 409 -21.16 -56.81 -65.05
N LYS J 410 -22.28 -57.32 -64.53
CA LYS J 410 -22.25 -58.06 -63.27
C LYS J 410 -21.46 -59.36 -63.41
N VAL J 411 -21.63 -60.04 -64.55
CA VAL J 411 -20.85 -61.25 -64.82
C VAL J 411 -19.37 -60.92 -64.90
N ASN J 412 -19.03 -59.78 -65.53
CA ASN J 412 -17.64 -59.34 -65.55
C ASN J 412 -17.12 -59.10 -64.15
N ILE J 413 -17.91 -58.46 -63.29
CA ILE J 413 -17.49 -58.21 -61.92
C ILE J 413 -17.22 -59.53 -61.19
N ILE J 414 -18.15 -60.49 -61.29
CA ILE J 414 -17.98 -61.72 -60.54
C ILE J 414 -16.78 -62.52 -61.07
N LYS J 415 -16.60 -62.55 -62.40
CA LYS J 415 -15.46 -63.25 -62.96
C LYS J 415 -14.15 -62.61 -62.52
N ASN J 416 -14.07 -61.28 -62.57
CA ASN J 416 -12.84 -60.59 -62.19
C ASN J 416 -12.54 -60.76 -60.71
N VAL J 417 -13.56 -60.69 -59.85
CA VAL J 417 -13.30 -60.87 -58.43
C VAL J 417 -12.92 -62.32 -58.12
N ARG J 418 -13.47 -63.28 -58.86
CA ARG J 418 -13.10 -64.67 -58.63
C ARG J 418 -11.68 -64.96 -59.09
N ILE J 419 -11.26 -64.40 -60.23
CA ILE J 419 -9.95 -64.70 -60.79
C ILE J 419 -8.88 -63.68 -60.41
N ILE J 420 -9.21 -62.70 -59.56
CA ILE J 420 -8.24 -61.69 -59.18
C ILE J 420 -8.11 -61.61 -57.67
N TRP J 421 -9.24 -61.43 -56.98
CA TRP J 421 -9.20 -61.16 -55.54
C TRP J 421 -8.84 -62.40 -54.73
N GLU J 422 -9.66 -63.44 -54.80
CA GLU J 422 -9.54 -64.55 -53.86
C GLU J 422 -8.27 -65.36 -54.08
N GLU J 423 -7.84 -65.49 -55.34
CA GLU J 423 -6.61 -66.24 -55.60
C GLU J 423 -5.38 -65.49 -55.10
N ASN J 424 -5.47 -64.17 -54.97
CA ASN J 424 -4.39 -63.35 -54.45
C ASN J 424 -4.56 -63.02 -52.97
N LEU J 425 -5.33 -63.83 -52.25
CA LEU J 425 -5.61 -63.61 -50.83
C LEU J 425 -4.76 -64.53 -49.98
N SER J 426 -3.96 -63.95 -49.09
CA SER J 426 -3.11 -64.73 -48.21
C SER J 426 -3.93 -65.34 -47.07
N ILE J 427 -3.35 -66.35 -46.42
CA ILE J 427 -4.02 -66.99 -45.30
C ILE J 427 -4.17 -66.04 -44.12
N TRP J 428 -3.35 -64.98 -44.06
CA TRP J 428 -3.47 -64.02 -42.96
C TRP J 428 -4.82 -63.32 -42.98
N HIS J 429 -5.36 -63.06 -44.18
CA HIS J 429 -6.70 -62.48 -44.27
C HIS J 429 -7.74 -63.44 -43.70
N TYR J 430 -7.60 -64.75 -43.99
CA TYR J 430 -8.50 -65.72 -43.40
C TYR J 430 -8.38 -65.74 -41.88
N THR J 431 -7.15 -65.64 -41.35
CA THR J 431 -6.96 -65.62 -39.91
C THR J 431 -7.63 -64.40 -39.30
N ALA J 432 -7.48 -63.24 -39.95
CA ALA J 432 -8.12 -62.02 -39.45
C ALA J 432 -9.64 -62.14 -39.49
N PHE J 433 -10.19 -62.73 -40.55
CA PHE J 433 -11.64 -62.89 -40.64
C PHE J 433 -12.15 -63.90 -39.62
N PHE J 434 -11.30 -64.85 -39.21
CA PHE J 434 -11.74 -65.89 -38.31
C PHE J 434 -12.06 -65.35 -36.91
N PHE J 435 -11.34 -64.31 -36.48
CA PHE J 435 -11.52 -63.79 -35.13
C PHE J 435 -12.81 -63.00 -34.95
N TYR J 436 -13.68 -62.96 -35.94
CA TYR J 436 -14.95 -62.25 -35.81
C TYR J 436 -15.81 -62.99 -34.79
N PRO J 437 -16.35 -62.28 -33.79
CA PRO J 437 -16.99 -62.98 -32.64
C PRO J 437 -18.13 -63.87 -33.06
N PRO J 438 -19.06 -63.42 -33.95
CA PRO J 438 -19.98 -64.40 -34.55
C PRO J 438 -19.33 -65.12 -35.71
N ALA J 439 -18.99 -66.39 -35.51
CA ALA J 439 -18.31 -67.20 -36.52
C ALA J 439 -19.18 -68.37 -36.97
N LEU J 440 -20.49 -68.17 -37.04
CA LEU J 440 -21.38 -69.28 -37.36
C LEU J 440 -21.40 -69.60 -38.85
N HIS J 441 -21.01 -68.66 -39.72
CA HIS J 441 -21.01 -68.89 -41.15
C HIS J 441 -19.93 -69.85 -41.62
N MET J 442 -18.77 -69.87 -40.99
CA MET J 442 -17.63 -70.63 -41.49
C MET J 442 -17.30 -71.77 -40.54
N GLN J 443 -17.33 -73.00 -41.06
CA GLN J 443 -16.86 -74.19 -40.37
C GLN J 443 -16.16 -75.10 -41.38
N GLN J 444 -15.74 -74.52 -42.49
CA GLN J 444 -15.15 -75.22 -43.62
C GLN J 444 -13.66 -75.44 -43.39
N GLU J 445 -12.95 -75.81 -44.46
CA GLU J 445 -11.54 -76.16 -44.35
C GLU J 445 -10.67 -75.00 -43.85
N LYS J 446 -11.18 -73.77 -43.92
CA LYS J 446 -10.37 -72.62 -43.48
C LYS J 446 -10.00 -72.75 -42.01
N VAL J 447 -10.96 -73.15 -41.17
CA VAL J 447 -10.64 -73.38 -39.77
C VAL J 447 -9.68 -74.56 -39.63
N ALA J 448 -9.82 -75.57 -40.49
CA ALA J 448 -8.93 -76.72 -40.44
C ALA J 448 -7.47 -76.30 -40.64
N GLN J 449 -7.23 -75.43 -41.63
CA GLN J 449 -5.86 -74.95 -41.85
C GLN J 449 -5.42 -73.98 -40.75
N ILE J 450 -6.31 -73.07 -40.35
CA ILE J 450 -5.90 -72.04 -39.39
C ILE J 450 -5.54 -72.66 -38.05
N LYS J 451 -6.08 -73.83 -37.74
CA LYS J 451 -5.70 -74.51 -36.50
C LYS J 451 -4.17 -74.68 -36.43
N GLU J 452 -3.60 -75.46 -37.34
CA GLU J 452 -2.16 -75.67 -37.29
C GLU J 452 -1.38 -74.41 -37.64
N PHE J 453 -1.92 -73.53 -38.48
CA PHE J 453 -1.21 -72.27 -38.74
C PHE J 453 -1.02 -71.48 -37.45
N CYS J 454 -2.09 -71.27 -36.68
CA CYS J 454 -1.99 -70.53 -35.43
C CYS J 454 -1.11 -71.27 -34.43
N LEU J 455 -1.25 -72.59 -34.34
CA LEU J 455 -0.45 -73.35 -33.39
C LEU J 455 1.04 -73.22 -33.70
N SER J 456 1.41 -73.29 -34.98
CA SER J 456 2.81 -73.10 -35.35
C SER J 456 3.27 -71.67 -35.09
N LYS J 457 2.41 -70.68 -35.38
CA LYS J 457 2.81 -69.29 -35.21
C LYS J 457 3.05 -68.93 -33.75
N MET J 458 2.22 -69.45 -32.84
CA MET J 458 2.31 -69.08 -31.43
C MET J 458 3.34 -69.89 -30.66
N GLU J 459 4.22 -70.61 -31.36
CA GLU J 459 5.20 -71.44 -30.67
C GLU J 459 6.09 -70.63 -29.74
N ASP J 460 6.48 -69.43 -30.17
CA ASP J 460 7.30 -68.55 -29.34
C ASP J 460 6.55 -68.09 -28.10
N PRO J 517 -2.87 -78.38 -18.35
CA PRO J 517 -3.37 -77.02 -18.17
C PRO J 517 -2.76 -76.03 -19.15
N VAL J 518 -3.35 -74.83 -19.24
CA VAL J 518 -2.94 -73.73 -20.11
C VAL J 518 -2.56 -74.25 -21.50
N CYS J 519 -3.27 -75.27 -21.97
CA CYS J 519 -3.00 -75.85 -23.28
C CYS J 519 -3.44 -74.89 -24.39
N PRO J 520 -2.63 -74.74 -25.43
CA PRO J 520 -3.04 -73.84 -26.53
C PRO J 520 -4.21 -74.36 -27.33
N SER J 521 -4.21 -75.66 -27.67
CA SER J 521 -5.32 -76.22 -28.43
C SER J 521 -6.61 -76.16 -27.63
N ASP J 522 -6.56 -76.50 -26.35
CA ASP J 522 -7.77 -76.52 -25.53
C ASP J 522 -8.39 -75.13 -25.42
N GLU J 523 -7.56 -74.10 -25.21
CA GLU J 523 -8.10 -72.74 -25.20
C GLU J 523 -8.54 -72.30 -26.59
N PHE J 524 -7.96 -72.85 -27.66
CA PHE J 524 -8.43 -72.53 -29.00
C PHE J 524 -9.85 -73.05 -29.21
N GLU J 525 -10.11 -74.30 -28.83
CA GLU J 525 -11.49 -74.77 -28.92
C GLU J 525 -12.40 -74.05 -27.91
N PHE J 526 -11.87 -73.61 -26.78
CA PHE J 526 -12.66 -72.80 -25.87
C PHE J 526 -13.12 -71.51 -26.53
N TYR J 527 -12.22 -70.85 -27.26
CA TYR J 527 -12.62 -69.74 -28.11
C TYR J 527 -13.61 -70.17 -29.18
N ARG J 528 -13.48 -71.39 -29.68
CA ARG J 528 -14.40 -71.88 -30.70
C ARG J 528 -15.83 -71.95 -30.17
N LYS J 529 -16.02 -72.43 -28.93
CA LYS J 529 -17.37 -72.56 -28.40
C LYS J 529 -18.00 -71.20 -28.12
N GLU J 530 -17.26 -70.29 -27.48
CA GLU J 530 -17.86 -69.02 -27.06
C GLU J 530 -18.31 -68.21 -28.28
N ILE J 531 -19.58 -67.82 -28.28
CA ILE J 531 -20.20 -67.13 -29.41
C ILE J 531 -21.15 -66.06 -28.85
N VAL J 532 -20.95 -64.82 -29.28
CA VAL J 532 -21.86 -63.72 -28.97
C VAL J 532 -22.08 -62.92 -30.25
N ILE J 533 -23.34 -62.59 -30.53
CA ILE J 533 -23.68 -61.90 -31.77
C ILE J 533 -23.28 -60.43 -31.67
N LEU J 534 -23.28 -59.74 -32.81
CA LEU J 534 -22.72 -58.40 -32.88
C LEU J 534 -23.68 -57.36 -32.32
N SER J 535 -23.12 -56.36 -31.64
CA SER J 535 -23.83 -55.16 -31.23
C SER J 535 -23.38 -53.99 -32.08
N GLU J 536 -24.24 -52.97 -32.16
CA GLU J 536 -23.99 -51.85 -33.06
C GLU J 536 -22.76 -51.04 -32.65
N ASP J 537 -22.41 -51.05 -31.37
CA ASP J 537 -21.30 -50.27 -30.85
C ASP J 537 -20.15 -51.13 -30.36
N PHE J 538 -19.92 -52.28 -30.99
CA PHE J 538 -18.93 -53.24 -30.52
C PHE J 538 -17.58 -52.99 -31.17
N LYS J 539 -16.51 -53.19 -30.39
CA LYS J 539 -15.14 -53.11 -30.87
C LYS J 539 -14.39 -54.37 -30.49
N VAL J 540 -13.66 -54.95 -31.45
CA VAL J 540 -12.94 -56.21 -31.21
C VAL J 540 -11.75 -55.98 -30.29
N MET J 541 -11.04 -54.86 -30.46
CA MET J 541 -9.80 -54.63 -29.74
C MET J 541 -10.04 -54.56 -28.24
N GLU J 542 -11.01 -53.75 -27.81
CA GLU J 542 -11.36 -53.73 -26.40
C GLU J 542 -11.97 -55.05 -25.95
N TRP J 543 -12.60 -55.77 -26.89
CA TRP J 543 -13.20 -57.06 -26.54
C TRP J 543 -12.14 -58.05 -26.07
N TRP J 544 -11.05 -58.20 -26.82
CA TRP J 544 -9.99 -59.05 -26.30
C TRP J 544 -9.11 -58.34 -25.27
N ASN J 545 -9.20 -57.01 -25.15
CA ASN J 545 -8.61 -56.36 -24.00
C ASN J 545 -9.24 -56.86 -22.71
N LEU J 546 -10.56 -57.00 -22.71
CA LEU J 546 -11.26 -57.61 -21.58
C LEU J 546 -10.99 -59.11 -21.48
N ASN J 547 -10.88 -59.79 -22.62
CA ASN J 547 -10.64 -61.23 -22.65
C ASN J 547 -9.16 -61.60 -22.57
N SER J 548 -8.26 -60.62 -22.48
CA SER J 548 -6.84 -60.92 -22.41
C SER J 548 -6.50 -61.75 -21.19
N LYS J 549 -7.21 -61.55 -20.08
CA LYS J 549 -7.01 -62.39 -18.90
C LYS J 549 -7.42 -63.83 -19.18
N LYS J 550 -8.52 -64.02 -19.92
CA LYS J 550 -8.97 -65.37 -20.25
C LYS J 550 -8.00 -66.09 -21.16
N TYR J 551 -7.42 -65.37 -22.13
CA TYR J 551 -6.46 -65.94 -23.07
C TYR J 551 -5.21 -65.08 -23.06
N PRO J 552 -4.26 -65.37 -22.16
CA PRO J 552 -3.08 -64.49 -22.04
C PRO J 552 -2.21 -64.45 -23.30
N LYS J 553 -2.10 -65.55 -24.05
CA LYS J 553 -1.17 -65.60 -25.16
C LYS J 553 -1.80 -65.29 -26.52
N LEU J 554 -3.03 -65.77 -26.78
CA LEU J 554 -3.68 -65.47 -28.04
C LEU J 554 -4.00 -63.99 -28.20
N SER J 555 -4.10 -63.25 -27.10
CA SER J 555 -4.39 -61.83 -27.16
C SER J 555 -3.33 -61.08 -27.95
N LYS J 556 -2.05 -61.40 -27.71
CA LYS J 556 -0.98 -60.75 -28.46
C LYS J 556 -1.07 -61.07 -29.94
N LEU J 557 -1.40 -62.31 -30.28
CA LEU J 557 -1.54 -62.69 -31.69
C LEU J 557 -2.65 -61.91 -32.35
N ALA J 558 -3.80 -61.78 -31.69
CA ALA J 558 -4.91 -61.06 -32.29
C ALA J 558 -4.64 -59.56 -32.36
N LEU J 559 -3.91 -59.03 -31.38
CA LEU J 559 -3.50 -57.63 -31.45
C LEU J 559 -2.58 -57.39 -32.66
N SER J 560 -1.65 -58.31 -32.89
CA SER J 560 -0.79 -58.21 -34.06
C SER J 560 -1.61 -58.30 -35.35
N LEU J 561 -2.57 -59.22 -35.39
CA LEU J 561 -3.41 -59.36 -36.59
C LEU J 561 -4.25 -58.11 -36.83
N LEU J 562 -4.82 -57.53 -35.78
CA LEU J 562 -5.62 -56.32 -35.91
C LEU J 562 -4.77 -55.08 -36.11
N SER J 563 -3.45 -55.17 -35.92
CA SER J 563 -2.55 -54.07 -36.23
C SER J 563 -2.20 -54.01 -37.71
N ILE J 564 -2.63 -54.98 -38.51
CA ILE J 564 -2.37 -55.00 -39.94
C ILE J 564 -3.47 -54.19 -40.62
N PRO J 565 -3.15 -53.09 -41.31
CA PRO J 565 -4.18 -52.32 -42.00
C PRO J 565 -4.74 -53.06 -43.19
N ALA J 566 -5.98 -52.74 -43.54
CA ALA J 566 -6.61 -53.32 -44.72
C ALA J 566 -5.90 -52.88 -45.99
N SER J 567 -5.49 -51.61 -46.06
CA SER J 567 -4.83 -51.05 -47.23
C SER J 567 -3.67 -50.19 -46.75
N SER J 568 -3.09 -49.43 -47.68
CA SER J 568 -1.91 -48.61 -47.43
C SER J 568 -2.18 -47.16 -47.78
N ALA J 569 -3.32 -46.65 -47.36
CA ALA J 569 -3.68 -45.26 -47.61
C ALA J 569 -2.83 -44.28 -46.81
N ALA J 570 -2.10 -44.74 -45.80
CA ALA J 570 -1.24 -43.85 -45.02
C ALA J 570 -0.17 -43.23 -45.91
N SER J 571 0.40 -44.01 -46.82
CA SER J 571 1.39 -43.47 -47.74
C SER J 571 0.78 -42.40 -48.62
N GLU J 572 -0.45 -42.61 -49.09
CA GLU J 572 -1.13 -41.59 -49.89
C GLU J 572 -1.35 -40.31 -49.08
N ARG J 573 -1.75 -40.45 -47.81
CA ARG J 573 -1.94 -39.29 -46.97
C ARG J 573 -0.62 -38.53 -46.78
N THR J 574 0.47 -39.26 -46.54
CA THR J 574 1.77 -38.62 -46.36
C THR J 574 2.22 -37.91 -47.64
N PHE J 575 1.99 -38.54 -48.79
CA PHE J 575 2.38 -37.91 -50.05
C PHE J 575 1.55 -36.66 -50.33
N SER J 576 0.25 -36.70 -50.00
CA SER J 576 -0.57 -35.50 -50.14
C SER J 576 -0.09 -34.40 -49.20
N LEU J 577 0.28 -34.76 -47.97
CA LEU J 577 0.81 -33.76 -47.05
C LEU J 577 2.11 -33.16 -47.57
N ALA J 578 2.98 -33.99 -48.15
CA ALA J 578 4.21 -33.49 -48.74
C ALA J 578 3.93 -32.56 -49.90
N GLY J 579 2.96 -32.91 -50.74
CA GLY J 579 2.56 -32.02 -51.83
C GLY J 579 2.01 -30.70 -51.32
N ASN J 580 1.33 -30.75 -50.17
CA ASN J 580 0.91 -29.51 -49.51
C ASN J 580 2.12 -28.72 -49.05
N ILE J 581 3.15 -29.40 -48.54
CA ILE J 581 4.36 -28.73 -48.07
C ILE J 581 5.08 -28.08 -49.25
N ILE J 582 5.28 -28.84 -50.32
CA ILE J 582 6.05 -28.37 -51.47
C ILE J 582 5.09 -27.76 -52.48
N THR J 583 5.16 -26.44 -52.64
CA THR J 583 4.33 -25.72 -53.59
C THR J 583 5.20 -25.07 -54.65
N GLU J 584 4.56 -24.47 -55.65
CA GLU J 584 5.30 -23.78 -56.70
C GLU J 584 6.13 -22.64 -56.13
N LYS J 585 5.71 -22.09 -54.99
CA LYS J 585 6.38 -20.92 -54.45
C LYS J 585 7.48 -21.32 -53.48
N ARG J 586 7.43 -22.57 -52.99
CA ARG J 586 8.45 -23.13 -52.11
C ARG J 586 9.02 -24.37 -52.79
N ASN J 587 10.17 -24.23 -53.45
CA ASN J 587 10.74 -25.33 -54.22
C ASN J 587 12.19 -25.67 -53.87
N ARG J 588 12.92 -24.80 -53.18
CA ARG J 588 14.29 -25.08 -52.78
C ARG J 588 14.35 -25.89 -51.48
N ILE J 589 13.19 -26.18 -50.87
CA ILE J 589 13.15 -26.98 -49.66
C ILE J 589 13.89 -28.30 -49.84
N GLY J 590 14.58 -28.73 -48.78
CA GLY J 590 15.34 -29.96 -48.83
C GLY J 590 14.60 -31.15 -48.25
N GLN J 591 15.08 -32.34 -48.58
CA GLN J 591 14.41 -33.56 -48.15
C GLN J 591 14.54 -33.77 -46.65
N GLN J 592 15.68 -33.38 -46.05
CA GLN J 592 15.85 -33.54 -44.62
C GLN J 592 14.84 -32.72 -43.84
N THR J 593 14.64 -31.46 -44.25
CA THR J 593 13.67 -30.61 -43.58
C THR J 593 12.24 -31.15 -43.74
N VAL J 594 11.91 -31.64 -44.94
CA VAL J 594 10.59 -32.21 -45.17
C VAL J 594 10.37 -33.42 -44.26
N ASP J 595 11.36 -34.30 -44.18
CA ASP J 595 11.23 -35.48 -43.34
C ASP J 595 11.08 -35.08 -41.88
N SER J 596 11.86 -34.11 -41.42
CA SER J 596 11.78 -33.67 -40.04
C SER J 596 10.41 -33.08 -39.73
N LEU J 597 9.90 -32.22 -40.63
CA LEU J 597 8.59 -31.60 -40.41
C LEU J 597 7.49 -32.64 -40.37
N LEU J 598 7.52 -33.60 -41.32
CA LEU J 598 6.51 -34.65 -41.32
C LEU J 598 6.57 -35.49 -40.06
N PHE J 599 7.78 -35.86 -39.63
CA PHE J 599 7.92 -36.67 -38.42
C PHE J 599 7.42 -35.93 -37.20
N LEU J 600 7.75 -34.64 -37.08
CA LEU J 600 7.28 -33.87 -35.93
C LEU J 600 5.76 -33.72 -35.93
N ASN J 601 5.17 -33.45 -37.10
CA ASN J 601 3.72 -33.33 -37.19
C ASN J 601 3.05 -34.64 -36.79
N SER J 602 3.54 -35.76 -37.32
CA SER J 602 2.96 -37.06 -36.99
C SER J 602 3.11 -37.38 -35.50
N PHE J 603 4.29 -37.10 -34.94
CA PHE J 603 4.53 -37.40 -33.52
C PHE J 603 3.63 -36.54 -32.63
N TYR J 604 3.46 -35.26 -32.97
CA TYR J 604 2.58 -34.41 -32.18
C TYR J 604 1.12 -34.87 -32.30
N LYS J 605 0.71 -35.29 -33.50
CA LYS J 605 -0.66 -35.75 -33.67
C LYS J 605 -0.90 -37.08 -32.95
N ASN J 606 0.12 -37.92 -32.84
CA ASN J 606 -0.05 -39.28 -32.32
C ASN J 606 0.33 -39.41 -30.86
N PHE J 607 1.59 -39.11 -30.52
CA PHE J 607 2.13 -39.49 -29.21
C PHE J 607 1.99 -38.38 -28.17
N CYS J 608 1.80 -37.14 -28.61
CA CYS J 608 1.63 -36.02 -27.68
C CYS J 608 0.19 -36.00 -27.18
N LYS J 609 -0.18 -34.91 -26.50
CA LYS J 609 -1.53 -34.74 -25.99
C LYS J 609 -2.54 -34.68 -27.13
N MET K 4 53.57 -4.01 -17.56
CA MET K 4 54.29 -4.84 -18.52
C MET K 4 54.13 -4.29 -19.93
N ASP K 5 52.96 -4.52 -20.52
CA ASP K 5 52.66 -4.05 -21.88
C ASP K 5 51.54 -3.01 -21.93
N ASN K 6 50.64 -3.02 -20.95
CA ASN K 6 49.53 -2.07 -20.96
C ASN K 6 50.01 -0.66 -20.62
N LEU K 7 51.02 -0.55 -19.76
CA LEU K 7 51.48 0.77 -19.33
C LEU K 7 52.06 1.57 -20.48
N GLU K 8 52.84 0.91 -21.35
CA GLU K 8 53.49 1.64 -22.43
C GLU K 8 52.50 2.08 -23.50
N VAL K 9 51.55 1.22 -23.87
CA VAL K 9 50.52 1.64 -24.81
C VAL K 9 49.66 2.73 -24.19
N LYS K 10 49.39 2.66 -22.89
CA LYS K 10 48.63 3.71 -22.23
C LYS K 10 49.37 5.04 -22.27
N ALA K 11 50.69 5.02 -22.05
CA ALA K 11 51.49 6.23 -22.15
C ALA K 11 51.46 6.79 -23.57
N LYS K 12 51.54 5.91 -24.56
CA LYS K 12 51.44 6.35 -25.95
C LYS K 12 50.07 6.97 -26.25
N ILE K 13 49.00 6.42 -25.66
CA ILE K 13 47.68 7.04 -25.78
C ILE K 13 47.70 8.43 -25.18
N ASN K 14 48.25 8.56 -23.97
CA ASN K 14 48.26 9.86 -23.30
C ASN K 14 49.06 10.87 -24.10
N GLN K 15 50.12 10.44 -24.78
CA GLN K 15 50.86 11.33 -25.65
C GLN K 15 50.42 11.25 -27.11
N GLY K 16 49.48 10.38 -27.44
CA GLY K 16 48.75 10.48 -28.69
C GLY K 16 49.41 9.92 -29.93
N LEU K 17 50.42 9.05 -29.78
CA LEU K 17 51.06 8.47 -30.96
C LEU K 17 50.17 7.45 -31.65
N TYR K 18 49.50 6.59 -30.88
CA TYR K 18 48.63 5.55 -31.44
C TYR K 18 47.22 6.12 -31.59
N LYS K 19 46.71 6.13 -32.83
CA LYS K 19 45.45 6.78 -33.15
C LYS K 19 44.26 5.88 -32.84
N ILE K 20 43.09 6.50 -32.79
CA ILE K 20 41.83 5.85 -32.42
C ILE K 20 40.87 5.91 -33.61
N THR K 21 40.30 4.75 -33.98
CA THR K 21 39.18 4.80 -34.89
C THR K 21 37.91 4.32 -34.20
N PRO K 22 36.81 5.07 -34.30
CA PRO K 22 35.59 4.67 -33.59
C PRO K 22 34.97 3.40 -34.13
N ARG K 23 34.75 3.33 -35.45
CA ARG K 23 34.03 2.22 -36.05
C ARG K 23 35.00 1.27 -36.73
N HIS K 24 34.79 -0.03 -36.50
CA HIS K 24 35.63 -1.08 -37.06
C HIS K 24 34.84 -2.04 -37.94
N LYS K 25 33.74 -1.57 -38.54
CA LYS K 25 32.80 -2.46 -39.24
C LYS K 25 32.37 -3.58 -38.31
N GLY K 26 31.74 -3.22 -37.20
CA GLY K 26 31.51 -4.15 -36.11
C GLY K 26 30.44 -5.17 -36.42
N THR K 27 30.41 -6.20 -35.59
CA THR K 27 29.42 -7.27 -35.66
C THR K 27 28.50 -7.27 -34.45
N SER K 28 29.07 -7.30 -33.25
CA SER K 28 28.28 -7.21 -32.02
C SER K 28 28.12 -5.75 -31.60
N PHE K 29 27.35 -5.56 -30.52
CA PHE K 29 27.10 -4.24 -29.99
C PHE K 29 28.11 -3.81 -28.93
N ILE K 30 29.11 -4.65 -28.65
CA ILE K 30 30.07 -4.32 -27.60
C ILE K 30 30.93 -3.13 -28.00
N TRP K 31 31.25 -3.00 -29.29
CA TRP K 31 32.14 -1.94 -29.75
C TRP K 31 31.45 -0.58 -29.84
N ASN K 32 30.26 -0.42 -29.28
CA ASN K 32 29.67 0.91 -29.13
C ASN K 32 30.37 1.71 -28.05
N VAL K 33 30.99 1.05 -27.08
CA VAL K 33 31.82 1.72 -26.08
C VAL K 33 33.29 1.35 -26.20
N LEU K 34 33.66 0.48 -27.14
CA LEU K 34 35.04 0.06 -27.33
C LEU K 34 35.50 0.52 -28.72
N ALA K 35 36.66 1.18 -28.76
CA ALA K 35 37.25 1.66 -30.00
C ALA K 35 38.63 1.03 -30.14
N ASP K 36 38.95 0.55 -31.34
CA ASP K 36 40.20 -0.17 -31.54
C ASP K 36 41.37 0.81 -31.67
N ILE K 37 42.58 0.26 -31.52
CA ILE K 37 43.81 1.02 -31.53
C ILE K 37 44.66 0.63 -32.73
N GLN K 38 45.38 1.62 -33.27
CA GLN K 38 46.21 1.45 -34.45
C GLN K 38 47.60 2.02 -34.18
N LYS K 39 48.60 1.44 -34.85
CA LYS K 39 49.98 1.88 -34.67
C LYS K 39 50.20 3.22 -35.38
N GLU K 40 51.42 3.74 -35.21
CA GLU K 40 51.78 5.02 -35.82
C GLU K 40 51.94 4.90 -37.33
N ASP K 41 52.24 3.71 -37.83
CA ASP K 41 52.52 3.50 -39.25
C ASP K 41 51.28 3.03 -40.01
N ASP K 42 50.11 3.47 -39.55
CA ASP K 42 48.82 3.14 -40.17
C ASP K 42 48.63 1.62 -40.24
N THR K 43 48.79 0.98 -39.09
CA THR K 43 48.65 -0.46 -38.97
C THR K 43 47.86 -0.78 -37.72
N LEU K 44 46.94 -1.74 -37.83
CA LEU K 44 46.12 -2.14 -36.69
C LEU K 44 46.98 -2.81 -35.62
N VAL K 45 46.60 -2.60 -34.36
CA VAL K 45 47.30 -3.19 -33.23
C VAL K 45 46.64 -4.52 -32.89
N GLU K 46 47.46 -5.54 -32.67
CA GLU K 46 46.98 -6.88 -32.34
C GLU K 46 46.90 -7.04 -30.83
N GLY K 47 45.73 -7.42 -30.33
CA GLY K 47 45.56 -7.80 -28.96
C GLY K 47 45.20 -6.69 -27.99
N TRP K 48 45.04 -5.45 -28.45
CA TRP K 48 44.77 -4.33 -27.56
C TRP K 48 43.62 -3.49 -28.10
N VAL K 49 42.77 -3.03 -27.18
CA VAL K 49 41.64 -2.16 -27.51
C VAL K 49 41.54 -1.06 -26.46
N PHE K 50 41.39 0.17 -26.91
CA PHE K 50 41.24 1.33 -26.03
C PHE K 50 39.78 1.69 -25.84
N CYS K 51 39.22 1.37 -24.69
CA CYS K 51 37.91 1.89 -24.30
C CYS K 51 38.01 3.38 -23.99
N ARG K 52 36.97 4.12 -24.38
CA ARG K 52 36.89 5.54 -24.04
C ARG K 52 35.84 5.82 -22.97
N LYS K 53 35.39 4.79 -22.25
CA LYS K 53 34.56 4.96 -21.06
C LYS K 53 35.36 4.73 -19.79
N CYS K 54 36.15 3.66 -19.75
CA CYS K 54 37.08 3.41 -18.65
C CYS K 54 38.47 3.97 -18.93
N GLU K 55 38.75 4.41 -20.15
CA GLU K 55 40.03 4.98 -20.55
C GLU K 55 41.19 4.05 -20.20
N LYS K 56 41.01 2.77 -20.54
CA LYS K 56 42.03 1.76 -20.30
C LYS K 56 42.15 0.87 -21.54
N VAL K 57 43.32 0.24 -21.66
CA VAL K 57 43.60 -0.68 -22.76
C VAL K 57 43.51 -2.10 -22.23
N LEU K 58 42.72 -2.93 -22.90
CA LEU K 58 42.45 -4.29 -22.45
C LEU K 58 42.87 -5.28 -23.52
N LYS K 59 43.05 -6.54 -23.10
CA LYS K 59 43.42 -7.59 -24.02
C LYS K 59 42.30 -7.84 -25.03
N TYR K 60 42.69 -8.04 -26.29
CA TYR K 60 41.76 -8.28 -27.38
C TYR K 60 42.11 -9.57 -28.09
N THR K 61 41.10 -10.36 -28.41
CA THR K 61 41.28 -11.63 -29.12
C THR K 61 40.05 -11.89 -29.96
N THR K 62 40.25 -12.09 -31.27
CA THR K 62 39.12 -12.22 -32.19
C THR K 62 38.34 -13.50 -31.94
N ARG K 63 39.04 -14.60 -31.61
CA ARG K 63 38.38 -15.91 -31.52
C ARG K 63 37.29 -15.91 -30.45
N GLN K 64 37.55 -15.32 -29.29
CA GLN K 64 36.55 -15.22 -28.24
C GLN K 64 36.58 -13.83 -27.62
N THR K 65 35.39 -13.28 -27.34
CA THR K 65 35.27 -11.95 -26.77
C THR K 65 34.38 -11.92 -25.54
N SER K 66 34.24 -13.05 -24.83
CA SER K 66 33.38 -13.10 -23.67
C SER K 66 33.92 -12.23 -22.54
N ASN K 67 35.23 -12.24 -22.32
CA ASN K 67 35.82 -11.48 -21.23
C ASN K 67 35.64 -9.97 -21.44
N LEU K 68 35.74 -9.50 -22.68
CA LEU K 68 35.55 -8.08 -22.95
C LEU K 68 34.14 -7.63 -22.60
N CYS K 69 33.17 -8.55 -22.62
CA CYS K 69 31.78 -8.20 -22.36
C CYS K 69 31.49 -7.94 -20.88
N ARG K 70 32.32 -8.45 -19.97
CA ARG K 70 32.10 -8.28 -18.55
C ARG K 70 32.81 -7.07 -17.97
N HIS K 71 33.46 -6.27 -18.81
CA HIS K 71 34.07 -5.02 -18.35
C HIS K 71 33.00 -4.07 -17.83
N LYS K 72 33.39 -3.26 -16.83
CA LYS K 72 32.41 -2.40 -16.16
C LYS K 72 31.73 -1.46 -17.15
N CYS K 73 32.49 -0.93 -18.11
CA CYS K 73 31.90 -0.06 -19.12
C CYS K 73 30.91 -0.82 -19.98
N CYS K 74 31.26 -2.06 -20.36
CA CYS K 74 30.34 -2.88 -21.13
C CYS K 74 29.14 -3.30 -20.29
N ALA K 75 29.36 -3.56 -18.99
CA ALA K 75 28.25 -3.88 -18.10
C ALA K 75 27.27 -2.72 -18.01
N SER K 76 27.78 -1.49 -17.92
CA SER K 76 26.91 -0.32 -17.98
C SER K 76 26.22 -0.21 -19.32
N LEU K 77 26.96 -0.43 -20.41
CA LEU K 77 26.37 -0.37 -21.75
C LEU K 77 25.31 -1.45 -21.93
N LYS K 78 25.54 -2.62 -21.36
CA LYS K 78 24.61 -3.74 -21.53
C LYS K 78 23.28 -3.38 -20.89
N GLN K 79 22.30 -3.08 -21.74
CA GLN K 79 20.96 -2.65 -21.32
C GLN K 79 21.05 -1.46 -20.36
N SER K 80 21.52 -0.35 -20.91
CA SER K 80 21.71 0.89 -20.14
C SER K 80 20.38 1.58 -19.87
N ARG K 81 19.51 0.83 -19.17
CA ARG K 81 18.18 1.31 -18.79
C ARG K 81 17.40 1.84 -20.00
N GLU K 82 17.23 0.95 -20.97
CA GLU K 82 16.44 1.22 -22.17
C GLU K 82 15.37 0.14 -22.29
N LEU K 83 14.72 0.04 -23.44
CA LEU K 83 13.79 -1.07 -23.69
C LEU K 83 14.46 -2.38 -23.33
N LYS K 84 13.88 -3.10 -22.37
CA LYS K 84 14.60 -4.16 -21.69
C LYS K 84 14.73 -5.42 -22.56
N THR K 85 15.75 -6.19 -22.27
CA THR K 85 15.99 -7.49 -22.88
C THR K 85 15.56 -8.59 -21.91
N VAL K 86 15.83 -9.84 -22.27
CA VAL K 86 15.47 -10.99 -21.46
C VAL K 86 16.70 -11.88 -21.32
N SER K 87 16.52 -13.00 -20.61
CA SER K 87 17.59 -13.95 -20.37
C SER K 87 17.60 -15.00 -21.47
N ALA K 88 18.46 -16.01 -21.34
CA ALA K 88 18.56 -17.06 -22.35
C ALA K 88 17.40 -18.04 -22.27
N ASP K 89 16.85 -18.27 -21.07
CA ASP K 89 15.70 -19.16 -20.94
C ASP K 89 14.51 -18.62 -21.71
N CYS K 90 14.27 -17.30 -21.64
CA CYS K 90 13.18 -16.70 -22.37
C CYS K 90 13.36 -16.87 -23.88
N LYS K 91 14.58 -16.66 -24.37
CA LYS K 91 14.86 -16.86 -25.79
C LYS K 91 14.61 -18.32 -26.19
N LYS K 92 15.08 -19.25 -25.37
CA LYS K 92 14.91 -20.67 -25.67
C LYS K 92 13.45 -21.06 -25.75
N GLU K 93 12.66 -20.64 -24.76
CA GLU K 93 11.24 -21.00 -24.77
C GLU K 93 10.49 -20.27 -25.87
N ALA K 94 10.89 -19.04 -26.20
CA ALA K 94 10.26 -18.31 -27.30
C ALA K 94 10.48 -19.02 -28.62
N ILE K 95 11.73 -19.44 -28.89
CA ILE K 95 11.98 -20.15 -30.13
C ILE K 95 11.34 -21.53 -30.10
N GLU K 96 11.20 -22.13 -28.92
CA GLU K 96 10.42 -23.36 -28.80
C GLU K 96 8.99 -23.15 -29.27
N LYS K 97 8.33 -22.10 -28.77
CA LYS K 97 6.94 -21.83 -29.17
C LYS K 97 6.85 -21.52 -30.66
N CYS K 98 7.80 -20.74 -31.19
CA CYS K 98 7.78 -20.43 -32.61
C CYS K 98 7.93 -21.69 -33.46
N ALA K 99 8.85 -22.58 -33.07
CA ALA K 99 9.01 -23.84 -33.79
C ALA K 99 7.75 -24.69 -33.69
N GLN K 100 7.13 -24.74 -32.51
CA GLN K 100 5.88 -25.49 -32.35
C GLN K 100 4.84 -25.01 -33.33
N TRP K 101 4.62 -23.69 -33.38
CA TRP K 101 3.63 -23.14 -34.30
C TRP K 101 3.98 -23.45 -35.75
N VAL K 102 5.23 -23.21 -36.14
CA VAL K 102 5.63 -23.39 -37.54
C VAL K 102 5.43 -24.83 -37.98
N VAL K 103 5.86 -25.79 -37.15
CA VAL K 103 5.74 -27.19 -37.55
C VAL K 103 4.28 -27.65 -37.49
N ARG K 104 3.50 -27.17 -36.53
CA ARG K 104 2.16 -27.69 -36.34
C ARG K 104 1.15 -27.14 -37.35
N ASP K 105 1.27 -25.87 -37.73
CA ASP K 105 0.26 -25.25 -38.59
C ASP K 105 0.61 -25.29 -40.06
N CYS K 106 1.82 -25.74 -40.42
CA CYS K 106 2.27 -25.83 -41.81
C CYS K 106 2.21 -24.46 -42.50
N ARG K 107 3.01 -23.55 -41.94
CA ARG K 107 3.18 -22.20 -42.46
C ARG K 107 4.62 -21.98 -42.88
N PRO K 108 4.86 -21.04 -43.79
CA PRO K 108 6.25 -20.78 -44.21
C PRO K 108 7.09 -20.25 -43.06
N PHE K 109 8.39 -20.54 -43.15
CA PHE K 109 9.31 -20.18 -42.08
C PHE K 109 9.43 -18.67 -41.93
N SER K 110 9.42 -17.93 -43.04
CA SER K 110 9.62 -16.49 -43.03
C SER K 110 8.49 -15.72 -42.35
N ALA K 111 7.51 -16.42 -41.79
CA ALA K 111 6.40 -15.74 -41.11
C ALA K 111 6.88 -14.91 -39.93
N VAL K 112 7.83 -15.43 -39.15
CA VAL K 112 8.34 -14.72 -37.98
C VAL K 112 9.07 -13.44 -38.32
N SER K 113 9.32 -13.18 -39.61
CA SER K 113 9.96 -11.95 -40.06
C SER K 113 8.96 -10.99 -40.71
N GLY K 114 7.68 -11.18 -40.45
CA GLY K 114 6.67 -10.32 -41.04
C GLY K 114 6.63 -8.95 -40.40
N SER K 115 6.39 -7.94 -41.24
CA SER K 115 6.34 -6.57 -40.76
C SER K 115 5.19 -6.35 -39.78
N GLY K 116 4.00 -6.89 -40.10
CA GLY K 116 2.89 -6.79 -39.18
C GLY K 116 2.96 -7.73 -38.00
N PHE K 117 3.74 -8.81 -38.13
CA PHE K 117 3.87 -9.78 -37.04
C PHE K 117 4.50 -9.14 -35.81
N ILE K 118 5.56 -8.36 -36.00
CA ILE K 118 6.22 -7.72 -34.87
C ILE K 118 5.31 -6.67 -34.25
N ASP K 119 4.49 -5.99 -35.06
CA ASP K 119 3.53 -5.04 -34.52
C ASP K 119 2.48 -5.73 -33.67
N MET K 120 1.99 -6.89 -34.14
CA MET K 120 1.07 -7.67 -33.32
C MET K 120 1.72 -8.11 -32.02
N ILE K 121 3.00 -8.50 -32.09
CA ILE K 121 3.73 -8.86 -30.88
C ILE K 121 3.81 -7.68 -29.92
N LYS K 122 4.08 -6.49 -30.45
CA LYS K 122 4.04 -5.27 -29.63
C LYS K 122 2.70 -5.12 -28.93
N PHE K 123 1.61 -5.22 -29.69
CA PHE K 123 0.29 -5.02 -29.11
C PHE K 123 0.01 -6.06 -28.02
N PHE K 124 0.36 -7.32 -28.28
CA PHE K 124 0.07 -8.37 -27.31
C PHE K 124 0.91 -8.24 -26.05
N ILE K 125 2.19 -7.92 -26.18
CA ILE K 125 3.02 -7.75 -24.98
C ILE K 125 2.54 -6.54 -24.18
N LYS K 126 2.15 -5.46 -24.86
CA LYS K 126 1.59 -4.29 -24.18
C LYS K 126 0.35 -4.67 -23.39
N VAL K 127 -0.60 -5.36 -24.04
CA VAL K 127 -1.85 -5.71 -23.38
C VAL K 127 -1.60 -6.65 -22.20
N GLY K 128 -0.73 -7.64 -22.39
CA GLY K 128 -0.45 -8.57 -21.31
C GLY K 128 0.22 -7.91 -20.13
N ALA K 129 1.17 -7.00 -20.39
CA ALA K 129 1.81 -6.28 -19.30
C ALA K 129 0.82 -5.40 -18.56
N GLU K 130 -0.09 -4.76 -19.29
CA GLU K 130 -1.03 -3.85 -18.66
C GLU K 130 -2.21 -4.56 -18.00
N TYR K 131 -2.44 -5.84 -18.31
CA TYR K 131 -3.59 -6.56 -17.78
C TYR K 131 -3.24 -7.91 -17.16
N GLY K 132 -1.99 -8.11 -16.76
CA GLY K 132 -1.66 -9.31 -16.01
C GLY K 132 -1.59 -10.57 -16.87
N GLU K 133 -1.49 -11.71 -16.17
CA GLU K 133 -1.27 -13.00 -16.80
C GLU K 133 -2.39 -14.00 -16.48
N HIS K 134 -3.60 -13.51 -16.25
CA HIS K 134 -4.76 -14.36 -15.97
C HIS K 134 -5.96 -13.91 -16.78
N VAL K 135 -5.74 -13.66 -18.08
CA VAL K 135 -6.79 -13.19 -18.97
C VAL K 135 -7.11 -14.28 -19.99
N ASN K 136 -8.32 -14.23 -20.53
CA ASN K 136 -8.79 -15.22 -21.49
C ASN K 136 -8.20 -14.90 -22.86
N VAL K 137 -7.14 -15.63 -23.21
CA VAL K 137 -6.46 -15.39 -24.49
C VAL K 137 -7.40 -15.69 -25.66
N GLU K 138 -8.17 -16.79 -25.56
CA GLU K 138 -9.00 -17.21 -26.68
C GLU K 138 -10.05 -16.17 -27.04
N GLU K 139 -10.68 -15.57 -26.03
CA GLU K 139 -11.74 -14.61 -26.29
C GLU K 139 -11.25 -13.35 -27.01
N LEU K 140 -10.03 -12.90 -26.72
CA LEU K 140 -9.53 -11.67 -27.32
C LEU K 140 -9.31 -11.81 -28.83
N LEU K 141 -9.13 -13.02 -29.34
CA LEU K 141 -8.88 -13.23 -30.75
C LEU K 141 -10.18 -13.50 -31.49
N PRO K 142 -10.51 -12.72 -32.52
CA PRO K 142 -11.80 -12.88 -33.20
C PRO K 142 -11.84 -14.08 -34.14
N SER K 143 -12.92 -14.15 -34.97
CA SER K 143 -13.18 -15.13 -36.01
C SER K 143 -12.85 -14.54 -37.39
N PRO K 144 -12.52 -15.40 -38.36
CA PRO K 144 -12.19 -14.89 -39.70
C PRO K 144 -13.31 -14.09 -40.36
N ILE K 145 -14.57 -14.46 -40.12
CA ILE K 145 -15.69 -13.74 -40.74
C ILE K 145 -15.71 -12.30 -40.25
N THR K 146 -15.40 -12.09 -38.97
CA THR K 146 -15.28 -10.74 -38.45
C THR K 146 -14.16 -9.99 -39.16
N LEU K 147 -13.05 -10.68 -39.44
CA LEU K 147 -11.97 -10.06 -40.19
C LEU K 147 -12.42 -9.63 -41.57
N SER K 148 -13.20 -10.47 -42.26
CA SER K 148 -13.70 -10.12 -43.58
C SER K 148 -14.61 -8.89 -43.52
N ARG K 149 -15.57 -8.88 -42.57
CA ARG K 149 -16.45 -7.73 -42.46
C ARG K 149 -15.66 -6.46 -42.13
N LYS K 150 -14.69 -6.58 -41.22
CA LYS K 150 -13.89 -5.42 -40.83
C LYS K 150 -13.08 -4.89 -42.01
N VAL K 151 -12.48 -5.78 -42.80
CA VAL K 151 -11.67 -5.32 -43.92
C VAL K 151 -12.56 -4.69 -45.00
N THR K 152 -13.77 -5.22 -45.19
CA THR K 152 -14.69 -4.59 -46.14
C THR K 152 -15.08 -3.19 -45.67
N SER K 153 -15.42 -3.06 -44.39
CA SER K 153 -15.80 -1.75 -43.86
C SER K 153 -14.65 -0.76 -43.95
N ASP K 154 -13.42 -1.21 -43.64
CA ASP K 154 -12.27 -0.34 -43.77
C ASP K 154 -12.01 0.03 -45.22
N ALA K 155 -12.27 -0.89 -46.15
CA ALA K 155 -12.13 -0.57 -47.56
C ALA K 155 -13.07 0.55 -47.96
N LYS K 156 -14.35 0.44 -47.57
CA LYS K 156 -15.31 1.50 -47.89
C LYS K 156 -14.90 2.82 -47.26
N GLU K 157 -14.53 2.80 -45.98
CA GLU K 157 -14.18 4.03 -45.28
C GLU K 157 -12.94 4.68 -45.89
N LYS K 158 -11.91 3.88 -46.22
CA LYS K 158 -10.69 4.42 -46.77
C LYS K 158 -10.91 4.96 -48.18
N LYS K 159 -11.73 4.27 -48.98
CA LYS K 159 -12.06 4.79 -50.30
C LYS K 159 -12.78 6.13 -50.20
N ALA K 160 -13.73 6.25 -49.26
CA ALA K 160 -14.42 7.52 -49.06
C ALA K 160 -13.46 8.60 -48.61
N LEU K 161 -12.53 8.26 -47.71
CA LEU K 161 -11.56 9.25 -47.24
C LEU K 161 -10.64 9.72 -48.35
N ILE K 162 -10.21 8.81 -49.23
CA ILE K 162 -9.20 9.15 -50.22
C ILE K 162 -9.80 9.74 -51.49
N SER K 163 -11.11 9.57 -51.71
CA SER K 163 -11.72 10.07 -52.94
C SER K 163 -11.57 11.58 -53.09
N ARG K 164 -11.50 12.31 -51.98
CA ARG K 164 -11.34 13.77 -52.08
C ARG K 164 -10.02 14.14 -52.74
N GLU K 165 -8.91 13.58 -52.24
CA GLU K 165 -7.62 13.84 -52.85
C GLU K 165 -7.54 13.23 -54.24
N ILE K 166 -8.24 12.13 -54.48
CA ILE K 166 -8.26 11.54 -55.82
C ILE K 166 -8.87 12.53 -56.82
N LYS K 167 -10.01 13.12 -56.47
CA LYS K 167 -10.66 14.07 -57.36
C LYS K 167 -9.82 15.33 -57.50
N SER K 168 -9.16 15.75 -56.41
CA SER K 168 -8.27 16.91 -56.50
C SER K 168 -7.12 16.67 -57.46
N ALA K 169 -6.53 15.48 -57.42
CA ALA K 169 -5.42 15.17 -58.32
C ALA K 169 -5.88 15.04 -59.76
N VAL K 170 -7.02 14.37 -60.00
CA VAL K 170 -7.45 14.16 -61.37
C VAL K 170 -7.98 15.44 -61.99
N GLU K 171 -8.45 16.39 -61.17
CA GLU K 171 -9.00 17.63 -61.71
C GLU K 171 -7.93 18.47 -62.40
N LYS K 172 -6.68 18.41 -61.93
CA LYS K 172 -5.60 19.27 -62.41
C LYS K 172 -4.95 18.74 -63.69
N ASP K 173 -5.65 17.90 -64.46
CA ASP K 173 -5.18 17.34 -65.73
C ASP K 173 -4.02 16.37 -65.56
N GLY K 174 -3.50 16.20 -64.34
CA GLY K 174 -2.44 15.25 -64.11
C GLY K 174 -2.94 13.94 -63.53
N ALA K 175 -3.14 12.94 -64.38
CA ALA K 175 -3.58 11.62 -63.92
C ALA K 175 -3.27 10.62 -65.03
N SER K 176 -2.41 9.65 -64.75
CA SER K 176 -2.00 8.66 -65.72
C SER K 176 -2.33 7.27 -65.20
N ALA K 177 -3.03 6.47 -66.01
CA ALA K 177 -3.46 5.16 -65.61
C ALA K 177 -3.25 4.18 -66.76
N THR K 178 -2.75 2.99 -66.43
CA THR K 178 -2.61 1.91 -67.40
C THR K 178 -3.76 0.93 -67.26
N ILE K 179 -4.22 0.42 -68.39
CA ILE K 179 -5.40 -0.44 -68.45
C ILE K 179 -5.05 -1.73 -69.16
N ASP K 180 -5.37 -2.86 -68.54
CA ASP K 180 -5.21 -4.17 -69.15
C ASP K 180 -6.12 -5.15 -68.41
N LEU K 181 -6.64 -6.11 -69.16
CA LEU K 181 -7.52 -7.14 -68.61
C LEU K 181 -6.76 -8.45 -68.44
N TRP K 182 -7.31 -9.32 -67.62
CA TRP K 182 -6.67 -10.59 -67.29
C TRP K 182 -7.73 -11.61 -66.93
N THR K 183 -7.50 -12.85 -67.34
CA THR K 183 -8.42 -13.96 -67.10
C THR K 183 -7.87 -14.86 -65.99
N ASP K 184 -8.74 -15.20 -65.04
CA ASP K 184 -8.34 -16.03 -63.92
C ASP K 184 -7.92 -17.42 -64.40
N ASN K 185 -6.96 -18.01 -63.69
CA ASN K 185 -6.41 -19.29 -64.11
C ASN K 185 -7.39 -20.44 -63.88
N TYR K 186 -8.06 -20.48 -62.72
CA TYR K 186 -8.94 -21.59 -62.38
C TYR K 186 -10.38 -21.34 -62.80
N ILE K 187 -11.00 -20.27 -62.30
CA ILE K 187 -12.42 -20.03 -62.56
C ILE K 187 -12.64 -19.25 -63.86
N LYS K 188 -11.59 -18.65 -64.42
CA LYS K 188 -11.65 -17.97 -65.72
C LYS K 188 -12.59 -16.76 -65.71
N ARG K 189 -12.89 -16.23 -64.53
CA ARG K 189 -13.64 -14.99 -64.45
C ARG K 189 -12.82 -13.84 -65.00
N ASN K 190 -13.42 -13.04 -65.87
CA ASN K 190 -12.74 -11.89 -66.44
C ASN K 190 -12.69 -10.74 -65.44
N PHE K 191 -11.59 -10.01 -65.42
CA PHE K 191 -11.39 -8.89 -64.51
C PHE K 191 -10.72 -7.74 -65.25
N LEU K 192 -10.69 -6.59 -64.58
CA LEU K 192 -10.00 -5.40 -65.07
C LEU K 192 -9.44 -4.64 -63.88
N GLY K 193 -8.19 -4.21 -63.99
CA GLY K 193 -7.50 -3.52 -62.91
C GLY K 193 -7.10 -2.12 -63.33
N VAL K 194 -7.15 -1.19 -62.39
CA VAL K 194 -6.83 0.22 -62.63
C VAL K 194 -5.89 0.71 -61.54
N THR K 195 -4.84 1.41 -61.94
CA THR K 195 -3.91 2.06 -61.03
C THR K 195 -3.77 3.53 -61.42
N LEU K 196 -2.84 4.23 -60.80
CA LEU K 196 -2.61 5.64 -61.10
C LEU K 196 -1.15 5.99 -60.83
N HIS K 197 -0.56 6.74 -61.77
CA HIS K 197 0.79 7.25 -61.63
C HIS K 197 0.74 8.77 -61.65
N TYR K 198 1.11 9.39 -60.54
CA TYR K 198 1.09 10.85 -60.45
C TYR K 198 2.04 11.29 -59.35
N HIS K 199 2.46 12.55 -59.44
CA HIS K 199 3.49 13.12 -58.57
C HIS K 199 2.85 14.02 -57.54
N GLU K 200 2.96 13.64 -56.26
CA GLU K 200 2.42 14.48 -55.18
C GLU K 200 3.43 15.55 -54.77
N ASN K 201 4.53 15.14 -54.13
CA ASN K 201 5.53 16.04 -53.58
C ASN K 201 6.88 15.37 -53.68
N ASN K 202 7.71 15.83 -54.62
CA ASN K 202 9.05 15.31 -54.87
C ASN K 202 9.08 13.79 -55.08
N GLU K 203 7.94 13.19 -55.41
CA GLU K 203 7.87 11.75 -55.60
C GLU K 203 6.64 11.44 -56.44
N LEU K 204 6.68 10.28 -57.10
CA LEU K 204 5.57 9.82 -57.93
C LEU K 204 4.75 8.81 -57.13
N ARG K 205 3.58 9.24 -56.68
CA ARG K 205 2.72 8.38 -55.87
C ARG K 205 1.93 7.44 -56.76
N ASP K 206 1.94 6.15 -56.42
CA ASP K 206 1.20 5.13 -57.17
C ASP K 206 0.32 4.36 -56.21
N LEU K 207 -0.97 4.29 -56.53
CA LEU K 207 -1.91 3.46 -55.79
C LEU K 207 -2.96 2.93 -56.76
N ILE K 208 -3.34 1.67 -56.55
CA ILE K 208 -4.29 1.02 -57.45
C ILE K 208 -5.70 1.41 -57.06
N LEU K 209 -6.49 1.83 -58.05
CA LEU K 209 -7.82 2.36 -57.77
C LEU K 209 -8.78 1.24 -57.40
N GLY K 210 -8.75 0.13 -58.13
CA GLY K 210 -9.65 -0.97 -57.84
C GLY K 210 -9.52 -2.04 -58.91
N LEU K 211 -10.30 -3.10 -58.74
CA LEU K 211 -10.28 -4.23 -59.66
C LEU K 211 -11.65 -4.89 -59.64
N LYS K 212 -12.40 -4.71 -60.73
CA LYS K 212 -13.78 -5.17 -60.81
C LYS K 212 -13.92 -6.17 -61.95
N SER K 213 -14.80 -7.15 -61.76
CA SER K 213 -15.02 -8.21 -62.73
C SER K 213 -16.14 -7.85 -63.68
N LEU K 214 -16.02 -8.35 -64.92
CA LEU K 214 -17.07 -8.17 -65.93
C LEU K 214 -18.03 -9.36 -65.93
N ASP K 215 -18.52 -9.73 -64.75
CA ASP K 215 -19.44 -10.85 -64.57
C ASP K 215 -18.98 -12.09 -65.33
N PHE K 216 -19.82 -12.56 -66.26
CA PHE K 216 -19.49 -13.70 -67.10
C PHE K 216 -19.75 -13.46 -68.58
N GLU K 217 -20.28 -12.30 -68.95
CA GLU K 217 -20.57 -12.02 -70.35
C GLU K 217 -19.27 -11.88 -71.15
N ARG K 218 -19.38 -12.15 -72.45
CA ARG K 218 -18.24 -12.01 -73.33
C ARG K 218 -17.77 -10.56 -73.38
N SER K 219 -16.45 -10.37 -73.42
CA SER K 219 -15.86 -9.04 -73.31
C SER K 219 -16.25 -8.16 -74.48
N THR K 220 -16.53 -6.89 -74.18
CA THR K 220 -16.89 -5.91 -75.21
C THR K 220 -16.41 -4.54 -74.78
N ALA K 221 -16.26 -3.65 -75.76
CA ALA K 221 -15.76 -2.31 -75.49
C ALA K 221 -16.72 -1.53 -74.60
N GLU K 222 -18.02 -1.66 -74.86
CA GLU K 222 -19.02 -0.91 -74.09
C GLU K 222 -18.98 -1.28 -72.61
N ASN K 223 -18.86 -2.57 -72.30
CA ASN K 223 -18.81 -2.99 -70.91
C ASN K 223 -17.58 -2.44 -70.21
N ILE K 224 -16.42 -2.48 -70.87
CA ILE K 224 -15.20 -1.93 -70.29
C ILE K 224 -15.37 -0.45 -70.02
N TYR K 225 -15.93 0.28 -70.98
CA TYR K 225 -16.09 1.73 -70.83
C TYR K 225 -17.05 2.05 -69.70
N LYS K 226 -18.16 1.30 -69.60
CA LYS K 226 -19.10 1.51 -68.51
C LYS K 226 -18.46 1.21 -67.16
N LYS K 227 -17.72 0.11 -67.06
CA LYS K 227 -17.10 -0.24 -65.78
C LYS K 227 -16.08 0.81 -65.36
N LEU K 228 -15.27 1.30 -66.30
CA LEU K 228 -14.29 2.31 -65.95
C LEU K 228 -14.96 3.61 -65.53
N LYS K 229 -16.02 4.03 -66.24
CA LYS K 229 -16.69 5.24 -65.80
C LYS K 229 -17.36 5.05 -64.45
N ALA K 230 -17.88 3.86 -64.18
CA ALA K 230 -18.50 3.60 -62.88
C ALA K 230 -17.48 3.66 -61.76
N ILE K 231 -16.29 3.09 -61.97
CA ILE K 231 -15.25 3.15 -60.95
C ILE K 231 -14.81 4.59 -60.71
N PHE K 232 -14.56 5.33 -61.79
CA PHE K 232 -14.14 6.72 -61.62
C PHE K 232 -15.25 7.56 -61.01
N SER K 233 -16.52 7.21 -61.24
CA SER K 233 -17.62 7.98 -60.69
C SER K 233 -17.81 7.70 -59.20
N GLN K 234 -17.71 6.43 -58.80
CA GLN K 234 -17.73 6.14 -57.36
C GLN K 234 -16.48 6.67 -56.68
N PHE K 235 -15.45 7.00 -57.45
CA PHE K 235 -14.34 7.81 -56.95
C PHE K 235 -14.45 9.27 -57.34
N ASN K 236 -15.66 9.71 -57.74
CA ASN K 236 -15.97 11.11 -58.01
C ASN K 236 -15.11 11.69 -59.13
N VAL K 237 -15.23 11.09 -60.31
CA VAL K 237 -14.63 11.59 -61.54
C VAL K 237 -15.69 11.60 -62.62
N GLU K 238 -15.80 12.73 -63.33
CA GLU K 238 -16.79 12.86 -64.40
C GLU K 238 -16.20 13.37 -65.70
N ASP K 239 -14.89 13.61 -65.76
CA ASP K 239 -14.27 14.15 -66.97
C ASP K 239 -14.03 13.07 -68.01
N LEU K 240 -13.21 12.07 -67.65
CA LEU K 240 -12.83 10.96 -68.52
C LEU K 240 -12.14 11.41 -69.79
N SER K 241 -11.61 12.64 -69.83
CA SER K 241 -10.90 13.16 -70.98
C SER K 241 -9.48 13.60 -70.67
N SER K 242 -9.28 14.27 -69.54
CA SER K 242 -7.96 14.79 -69.16
C SER K 242 -6.98 13.69 -68.77
N ILE K 243 -7.46 12.55 -68.29
CA ILE K 243 -6.56 11.52 -67.78
C ILE K 243 -5.86 10.83 -68.94
N LYS K 244 -4.75 10.15 -68.64
CA LYS K 244 -3.87 9.58 -69.65
C LYS K 244 -3.88 8.05 -69.56
N PHE K 245 -3.66 7.41 -70.71
CA PHE K 245 -3.63 5.97 -70.81
C PHE K 245 -2.41 5.52 -71.59
N VAL K 246 -1.71 4.53 -71.06
CA VAL K 246 -0.67 3.79 -71.79
C VAL K 246 -1.07 2.33 -71.72
N THR K 247 -1.48 1.76 -72.84
CA THR K 247 -2.08 0.43 -72.84
C THR K 247 -1.72 -0.28 -74.14
N ASP K 248 -2.44 -1.35 -74.44
CA ASP K 248 -2.13 -2.23 -75.56
C ASP K 248 -2.83 -1.75 -76.83
N ARG K 249 -2.76 -2.56 -77.88
CA ARG K 249 -3.42 -2.28 -79.15
C ARG K 249 -4.71 -3.09 -79.31
N GLY K 250 -5.34 -3.47 -78.20
CA GLY K 250 -6.59 -4.20 -78.26
C GLY K 250 -7.67 -3.38 -78.93
N ALA K 251 -8.13 -3.83 -80.10
CA ALA K 251 -9.07 -3.04 -80.89
C ALA K 251 -10.32 -2.73 -80.09
N ASN K 252 -10.78 -3.68 -79.27
CA ASN K 252 -11.88 -3.38 -78.34
C ASN K 252 -11.49 -2.27 -77.37
N VAL K 253 -10.28 -2.33 -76.82
CA VAL K 253 -9.82 -1.27 -75.94
C VAL K 253 -9.63 0.04 -76.72
N VAL K 254 -9.19 -0.06 -77.97
CA VAL K 254 -9.00 1.13 -78.79
C VAL K 254 -10.33 1.85 -78.99
N LYS K 255 -11.38 1.11 -79.31
CA LYS K 255 -12.69 1.74 -79.49
C LYS K 255 -13.34 2.06 -78.15
N SER K 256 -12.84 1.47 -77.07
CA SER K 256 -13.40 1.76 -75.75
C SER K 256 -13.19 3.22 -75.37
N LEU K 257 -12.00 3.76 -75.64
CA LEU K 257 -11.60 5.08 -75.17
C LEU K 257 -11.12 5.95 -76.33
N ALA K 258 -11.89 5.95 -77.43
CA ALA K 258 -11.48 6.69 -78.63
C ALA K 258 -11.47 8.20 -78.41
N ASN K 259 -12.18 8.71 -77.41
CA ASN K 259 -12.24 10.15 -77.18
C ASN K 259 -11.01 10.70 -76.48
N ASN K 260 -10.16 9.84 -75.94
CA ASN K 260 -8.93 10.25 -75.27
C ASN K 260 -7.72 9.67 -76.01
N ILE K 261 -6.55 9.88 -75.45
CA ILE K 261 -5.31 9.41 -76.07
C ILE K 261 -5.11 7.94 -75.75
N ARG K 262 -4.48 7.23 -76.68
CA ARG K 262 -4.10 5.83 -76.48
C ARG K 262 -2.67 5.66 -76.95
N ILE K 263 -1.78 5.32 -76.02
CA ILE K 263 -0.35 5.22 -76.29
C ILE K 263 0.04 3.75 -76.25
N ASN K 264 0.72 3.30 -77.30
CA ASN K 264 1.11 1.91 -77.40
C ASN K 264 2.19 1.58 -76.38
N CYS K 265 2.07 0.41 -75.77
CA CYS K 265 3.05 -0.02 -74.77
C CYS K 265 4.41 -0.21 -75.44
N SER K 266 5.42 0.51 -74.92
CA SER K 266 6.75 0.43 -75.50
C SER K 266 7.32 -0.99 -75.42
N SER K 267 7.11 -1.65 -74.29
CA SER K 267 7.59 -3.02 -74.14
C SER K 267 6.94 -3.94 -75.16
N HIS K 268 5.63 -3.81 -75.36
CA HIS K 268 4.94 -4.67 -76.32
C HIS K 268 5.35 -4.36 -77.75
N LEU K 269 5.52 -3.07 -78.07
CA LEU K 269 6.03 -2.69 -79.38
C LEU K 269 7.39 -3.31 -79.64
N LEU K 270 8.30 -3.22 -78.66
CA LEU K 270 9.64 -3.79 -78.84
C LEU K 270 9.59 -5.30 -78.93
N SER K 271 8.67 -5.95 -78.19
CA SER K 271 8.51 -7.39 -78.34
C SER K 271 8.09 -7.76 -79.76
N ASN K 272 7.15 -7.00 -80.33
CA ASN K 272 6.78 -7.21 -81.73
C ASN K 272 7.97 -6.99 -82.66
N VAL K 273 8.78 -5.96 -82.39
CA VAL K 273 9.94 -5.68 -83.21
C VAL K 273 10.91 -6.86 -83.18
N LEU K 274 11.18 -7.40 -82.00
CA LEU K 274 12.06 -8.55 -81.89
C LEU K 274 11.48 -9.77 -82.58
N GLU K 275 10.16 -9.99 -82.45
CA GLU K 275 9.53 -11.12 -83.12
C GLU K 275 9.71 -11.03 -84.62
N ASN K 276 9.47 -9.84 -85.19
CA ASN K 276 9.69 -9.64 -86.62
C ASN K 276 11.16 -9.81 -86.98
N SER K 277 12.07 -9.38 -86.10
CA SER K 277 13.50 -9.50 -86.37
C SER K 277 13.91 -10.97 -86.48
N PHE K 278 13.51 -11.79 -85.51
CA PHE K 278 13.84 -13.21 -85.57
C PHE K 278 13.16 -13.90 -86.74
N GLU K 279 11.89 -13.59 -86.99
CA GLU K 279 11.12 -14.37 -87.94
C GLU K 279 11.54 -14.15 -89.39
N GLU K 280 12.38 -13.17 -89.68
CA GLU K 280 12.80 -12.92 -91.06
C GLU K 280 14.11 -13.60 -91.42
N THR K 281 14.74 -14.32 -90.48
CA THR K 281 16.02 -14.97 -90.71
C THR K 281 15.91 -16.43 -90.29
N PRO K 282 15.26 -17.27 -91.11
CA PRO K 282 15.15 -18.70 -90.76
C PRO K 282 16.48 -19.41 -90.65
N GLU K 283 17.49 -18.98 -91.42
CA GLU K 283 18.80 -19.63 -91.36
C GLU K 283 19.40 -19.53 -89.97
N LEU K 284 19.30 -18.35 -89.35
CA LEU K 284 19.74 -18.18 -87.97
C LEU K 284 18.65 -18.56 -86.97
N ASN K 285 17.42 -18.77 -87.42
CA ASN K 285 16.40 -19.33 -86.54
C ASN K 285 16.63 -20.81 -86.28
N MET K 286 17.24 -21.51 -87.24
CA MET K 286 17.54 -22.93 -87.05
C MET K 286 18.38 -23.19 -85.80
N PRO K 287 19.43 -22.40 -85.49
CA PRO K 287 20.12 -22.61 -84.20
C PRO K 287 19.20 -22.46 -83.00
N ILE K 288 18.22 -21.55 -83.06
CA ILE K 288 17.29 -21.42 -81.95
C ILE K 288 16.45 -22.68 -81.80
N LEU K 289 15.99 -23.24 -82.92
CA LEU K 289 15.26 -24.51 -82.86
C LEU K 289 16.14 -25.61 -82.30
N ALA K 290 17.41 -25.65 -82.70
CA ALA K 290 18.32 -26.65 -82.16
C ALA K 290 18.46 -26.51 -80.65
N CYS K 291 18.65 -25.28 -80.16
CA CYS K 291 18.83 -25.06 -78.73
C CYS K 291 17.56 -25.41 -77.95
N LYS K 292 16.38 -25.05 -78.48
CA LYS K 292 15.15 -25.36 -77.76
C LYS K 292 14.89 -26.87 -77.75
N ASN K 293 15.22 -27.57 -78.83
CA ASN K 293 15.06 -29.03 -78.81
C ASN K 293 16.11 -29.67 -77.92
N ILE K 294 17.27 -29.04 -77.75
CA ILE K 294 18.27 -29.57 -76.82
C ILE K 294 17.80 -29.40 -75.38
N VAL K 295 17.20 -28.26 -75.05
CA VAL K 295 16.69 -28.12 -73.69
C VAL K 295 15.48 -29.04 -73.47
N LYS K 296 14.69 -29.30 -74.53
CA LYS K 296 13.65 -30.32 -74.44
C LYS K 296 14.25 -31.69 -74.15
N TYR K 297 15.34 -32.03 -74.84
CA TYR K 297 16.05 -33.29 -74.57
C TYR K 297 16.54 -33.35 -73.14
N PHE K 298 17.02 -32.21 -72.62
CA PHE K 298 17.43 -32.14 -71.22
C PHE K 298 16.28 -32.44 -70.28
N LYS K 299 15.15 -31.74 -70.45
CA LYS K 299 14.07 -31.86 -69.49
C LYS K 299 13.33 -33.18 -69.61
N LYS K 300 13.35 -33.81 -70.79
CA LYS K 300 12.59 -35.05 -70.97
C LYS K 300 13.28 -36.24 -70.33
N ALA K 301 14.61 -36.25 -70.27
CA ALA K 301 15.36 -37.40 -69.78
C ALA K 301 15.97 -37.18 -68.41
N ASN K 302 15.59 -36.13 -67.69
CA ASN K 302 16.10 -35.82 -66.36
C ASN K 302 17.63 -35.73 -66.39
N LEU K 303 18.11 -34.79 -67.21
CA LEU K 303 19.55 -34.61 -67.41
C LEU K 303 20.09 -33.34 -66.80
N GLN K 304 19.28 -32.57 -66.07
CA GLN K 304 19.78 -31.39 -65.37
C GLN K 304 20.35 -31.72 -64.00
N HIS K 305 20.38 -33.00 -63.63
CA HIS K 305 20.86 -33.39 -62.31
C HIS K 305 22.36 -33.19 -62.17
N ARG K 306 23.14 -33.64 -63.15
CA ARG K 306 24.58 -33.47 -63.13
C ARG K 306 25.03 -32.11 -63.66
N LEU K 307 24.15 -31.41 -64.36
CA LEU K 307 24.47 -30.08 -64.85
C LEU K 307 24.68 -29.10 -63.70
N ARG K 308 25.71 -28.26 -63.83
CA ARG K 308 26.07 -27.36 -62.75
C ARG K 308 24.94 -26.37 -62.45
N SER K 309 24.35 -25.79 -63.49
CA SER K 309 23.25 -24.85 -63.34
C SER K 309 22.11 -25.28 -64.26
N SER K 310 20.94 -25.56 -63.67
CA SER K 310 19.82 -26.07 -64.44
C SER K 310 19.32 -25.03 -65.44
N LEU K 311 18.75 -25.52 -66.54
CA LEU K 311 18.27 -24.66 -67.60
C LEU K 311 16.89 -24.12 -67.26
N LYS K 312 16.48 -23.09 -67.99
CA LYS K 312 15.20 -22.41 -67.78
C LYS K 312 14.18 -22.86 -68.82
N SER K 313 13.03 -22.20 -68.81
CA SER K 313 11.93 -22.59 -69.68
C SER K 313 12.29 -22.39 -71.15
N GLU K 314 11.83 -23.31 -71.99
CA GLU K 314 12.14 -23.31 -73.41
C GLU K 314 11.63 -22.07 -74.12
N CYS K 315 10.30 -21.91 -74.18
CA CYS K 315 9.70 -20.80 -74.90
C CYS K 315 8.42 -20.33 -74.20
N PRO K 316 8.54 -19.53 -73.14
CA PRO K 316 7.35 -19.00 -72.47
C PRO K 316 6.77 -17.75 -73.09
N THR K 317 7.35 -17.28 -74.21
CA THR K 317 6.95 -16.02 -74.84
C THR K 317 7.00 -14.87 -73.84
N ARG K 318 8.07 -14.83 -73.05
CA ARG K 318 8.21 -13.89 -71.94
C ARG K 318 9.44 -13.02 -72.20
N TRP K 319 9.26 -11.99 -73.01
CA TRP K 319 10.30 -11.00 -73.36
C TRP K 319 11.66 -11.65 -73.55
N ASN K 320 11.71 -12.58 -74.50
CA ASN K 320 12.95 -13.22 -74.94
C ASN K 320 13.65 -13.95 -73.79
N SER K 321 12.93 -14.95 -73.25
CA SER K 321 13.58 -15.88 -72.33
C SER K 321 14.68 -16.67 -73.02
N THR K 322 14.65 -16.72 -74.36
CA THR K 322 15.74 -17.33 -75.11
C THR K 322 17.07 -16.62 -74.85
N TYR K 323 17.03 -15.36 -74.43
CA TYR K 323 18.25 -14.67 -74.02
C TYR K 323 18.87 -15.35 -72.80
N THR K 324 18.05 -15.63 -71.78
CA THR K 324 18.53 -16.38 -70.62
C THR K 324 18.95 -17.79 -71.01
N MET K 325 18.22 -18.40 -71.94
CA MET K 325 18.62 -19.69 -72.46
C MET K 325 20.02 -19.64 -73.07
N LEU K 326 20.29 -18.62 -73.88
CA LEU K 326 21.60 -18.47 -74.48
C LEU K 326 22.69 -18.27 -73.42
N ARG K 327 22.42 -17.43 -72.42
CA ARG K 327 23.42 -17.22 -71.37
C ARG K 327 23.72 -18.53 -70.64
N SER K 328 22.69 -19.26 -70.25
CA SER K 328 22.90 -20.51 -69.53
C SER K 328 23.63 -21.54 -70.38
N ILE K 329 23.22 -21.68 -71.65
CA ILE K 329 23.85 -22.65 -72.53
C ILE K 329 25.31 -22.30 -72.76
N LEU K 330 25.62 -21.03 -72.96
CA LEU K 330 26.99 -20.66 -73.25
C LEU K 330 27.84 -20.53 -72.00
N ASP K 331 27.23 -20.59 -70.82
CA ASP K 331 28.02 -20.65 -69.60
C ASP K 331 28.20 -22.10 -69.12
N ASN K 332 27.40 -23.03 -69.62
CA ASN K 332 27.63 -24.45 -69.37
C ASN K 332 27.93 -25.23 -70.63
N TRP K 333 28.45 -24.56 -71.67
CA TRP K 333 28.78 -25.21 -72.93
C TRP K 333 29.78 -26.34 -72.74
N GLU K 334 30.82 -26.12 -71.93
CA GLU K 334 31.82 -27.16 -71.72
C GLU K 334 31.18 -28.40 -71.09
N SER K 335 30.34 -28.19 -70.08
CA SER K 335 29.69 -29.31 -69.41
C SER K 335 28.73 -30.05 -70.35
N VAL K 336 27.95 -29.30 -71.15
CA VAL K 336 26.99 -29.96 -72.03
C VAL K 336 27.70 -30.72 -73.13
N ILE K 337 28.80 -30.17 -73.66
CA ILE K 337 29.57 -30.89 -74.68
C ILE K 337 30.19 -32.14 -74.07
N GLN K 338 30.71 -32.05 -72.85
CA GLN K 338 31.25 -33.22 -72.19
C GLN K 338 30.18 -34.30 -72.00
N ILE K 339 28.97 -33.89 -71.61
CA ILE K 339 27.89 -34.85 -71.42
C ILE K 339 27.49 -35.48 -72.75
N LEU K 340 27.36 -34.66 -73.80
CA LEU K 340 26.85 -35.13 -75.08
C LEU K 340 27.90 -35.84 -75.92
N SER K 341 29.17 -35.79 -75.52
CA SER K 341 30.21 -36.53 -76.26
C SER K 341 29.94 -38.02 -76.22
N GLU K 342 29.54 -38.55 -75.07
CA GLU K 342 29.20 -39.95 -74.91
C GLU K 342 27.69 -40.20 -75.04
N ALA K 343 26.90 -39.18 -75.36
CA ALA K 343 25.46 -39.33 -75.50
C ALA K 343 25.01 -39.53 -76.94
N GLY K 344 25.86 -39.20 -77.92
CA GLY K 344 25.56 -39.45 -79.31
C GLY K 344 24.79 -38.37 -80.03
N GLU K 345 24.49 -37.25 -79.38
CA GLU K 345 23.83 -36.12 -80.03
C GLU K 345 24.76 -34.92 -80.19
N THR K 346 26.05 -35.10 -79.96
CA THR K 346 27.01 -34.00 -80.04
C THR K 346 27.14 -33.45 -81.46
N GLN K 347 26.72 -34.21 -82.48
CA GLN K 347 26.82 -33.71 -83.85
C GLN K 347 25.87 -32.54 -84.09
N ARG K 348 24.77 -32.46 -83.33
CA ARG K 348 23.78 -31.42 -83.57
C ARG K 348 24.25 -30.07 -83.04
N ILE K 349 24.91 -30.06 -81.88
CA ILE K 349 25.35 -28.81 -81.26
C ILE K 349 26.46 -28.16 -82.07
N VAL K 350 27.38 -28.97 -82.61
CA VAL K 350 28.56 -28.43 -83.28
C VAL K 350 28.24 -27.79 -84.62
N HIS K 351 27.00 -27.86 -85.09
CA HIS K 351 26.64 -27.25 -86.36
C HIS K 351 26.80 -25.74 -86.36
N ILE K 352 26.75 -25.10 -85.19
CA ILE K 352 26.75 -23.64 -85.09
C ILE K 352 27.96 -23.20 -84.28
N ASN K 353 28.72 -22.27 -84.83
CA ASN K 353 29.88 -21.72 -84.15
C ASN K 353 29.45 -20.78 -83.03
N LYS K 354 30.35 -20.61 -82.05
CA LYS K 354 30.03 -19.82 -80.87
C LYS K 354 30.03 -18.32 -81.13
N SER K 355 30.79 -17.84 -82.12
CA SER K 355 31.01 -16.41 -82.26
C SER K 355 29.71 -15.66 -82.51
N ILE K 356 28.90 -16.14 -83.44
CA ILE K 356 27.62 -15.49 -83.71
C ILE K 356 26.71 -15.57 -82.50
N ILE K 357 26.82 -16.65 -81.73
CA ILE K 357 26.02 -16.81 -80.52
C ILE K 357 26.37 -15.72 -79.52
N GLN K 358 27.66 -15.50 -79.27
CA GLN K 358 28.05 -14.42 -78.36
C GLN K 358 27.67 -13.05 -78.90
N THR K 359 27.71 -12.88 -80.23
CA THR K 359 27.30 -11.59 -80.78
C THR K 359 25.83 -11.29 -80.47
N MET K 360 24.94 -12.26 -80.75
CA MET K 360 23.53 -12.00 -80.46
C MET K 360 23.27 -11.99 -78.96
N VAL K 361 24.14 -12.66 -78.18
CA VAL K 361 24.05 -12.56 -76.73
C VAL K 361 24.34 -11.13 -76.27
N ASN K 362 25.35 -10.49 -76.86
CA ASN K 362 25.65 -9.11 -76.53
C ASN K 362 24.52 -8.18 -76.97
N ILE K 363 23.94 -8.44 -78.15
CA ILE K 363 22.80 -7.64 -78.60
C ILE K 363 21.66 -7.75 -77.60
N LEU K 364 21.35 -8.98 -77.17
CA LEU K 364 20.29 -9.17 -76.19
C LEU K 364 20.69 -8.63 -74.81
N ASP K 365 21.98 -8.54 -74.49
CA ASP K 365 22.41 -7.84 -73.29
C ASP K 365 22.03 -6.37 -73.36
N GLY K 366 22.29 -5.74 -74.50
CA GLY K 366 21.86 -4.37 -74.69
C GLY K 366 20.36 -4.22 -74.56
N PHE K 367 19.60 -5.14 -75.18
CA PHE K 367 18.15 -5.06 -75.09
C PHE K 367 17.64 -5.29 -73.66
N GLU K 368 18.29 -6.20 -72.91
CA GLU K 368 17.90 -6.44 -71.53
C GLU K 368 18.20 -5.23 -70.66
N ARG K 369 19.32 -4.55 -70.92
CA ARG K 369 19.60 -3.30 -70.22
C ARG K 369 18.54 -2.26 -70.54
N ILE K 370 18.14 -2.16 -71.81
CA ILE K 370 17.05 -1.26 -72.19
C ILE K 370 15.78 -1.61 -71.43
N PHE K 371 15.48 -2.91 -71.31
CA PHE K 371 14.30 -3.34 -70.57
C PHE K 371 14.39 -2.93 -69.11
N LYS K 372 15.49 -3.25 -68.44
CA LYS K 372 15.61 -2.99 -67.01
C LYS K 372 15.64 -1.50 -66.70
N GLU K 373 16.12 -0.67 -67.62
CA GLU K 373 16.11 0.78 -67.38
C GLU K 373 14.76 1.39 -67.71
N LEU K 374 14.19 1.05 -68.87
CA LEU K 374 12.91 1.63 -69.28
C LEU K 374 11.77 1.13 -68.43
N GLN K 375 11.68 -0.19 -68.20
CA GLN K 375 10.58 -0.78 -67.46
C GLN K 375 10.80 -0.56 -65.97
N THR K 376 10.36 0.60 -65.50
CA THR K 376 10.53 0.99 -64.11
C THR K 376 9.35 1.88 -63.73
N CYS K 377 8.62 1.48 -62.69
CA CYS K 377 7.47 2.24 -62.21
C CYS K 377 7.81 3.19 -61.07
N SER K 378 9.06 3.22 -60.63
CA SER K 378 9.46 4.03 -59.47
C SER K 378 10.29 5.24 -59.86
N SER K 379 10.47 5.53 -61.14
CA SER K 379 11.27 6.65 -61.58
C SER K 379 10.81 7.05 -62.98
N PRO K 380 11.03 8.32 -63.36
CA PRO K 380 10.69 8.72 -64.74
C PRO K 380 11.49 7.94 -65.76
N SER K 381 10.82 7.54 -66.84
CA SER K 381 11.45 6.76 -67.90
C SER K 381 11.05 7.29 -69.26
N LEU K 382 10.05 8.17 -69.30
CA LEU K 382 9.58 8.73 -70.56
C LEU K 382 10.67 9.51 -71.29
N CYS K 383 11.59 10.15 -70.56
CA CYS K 383 12.69 10.85 -71.21
C CYS K 383 13.65 9.86 -71.87
N PHE K 384 13.87 8.70 -71.26
CA PHE K 384 14.74 7.68 -71.84
C PHE K 384 13.96 6.88 -72.89
N VAL K 385 13.55 7.57 -73.94
CA VAL K 385 12.91 6.93 -75.08
C VAL K 385 13.73 7.20 -76.33
N VAL K 386 13.86 8.49 -76.70
CA VAL K 386 14.66 8.83 -77.88
C VAL K 386 16.11 8.39 -77.73
N PRO K 387 16.80 8.60 -76.60
CA PRO K 387 18.14 8.01 -76.45
C PRO K 387 18.12 6.50 -76.56
N SER K 388 17.06 5.84 -76.08
CA SER K 388 16.95 4.40 -76.27
C SER K 388 16.80 4.05 -77.74
N ILE K 389 16.08 4.88 -78.50
CA ILE K 389 15.97 4.66 -79.95
C ILE K 389 17.34 4.77 -80.60
N LEU K 390 18.12 5.78 -80.21
CA LEU K 390 19.46 5.93 -80.78
C LEU K 390 20.35 4.76 -80.40
N LYS K 391 20.25 4.29 -79.15
CA LYS K 391 21.03 3.12 -78.74
C LYS K 391 20.65 1.90 -79.55
N VAL K 392 19.34 1.68 -79.76
CA VAL K 392 18.90 0.55 -80.57
C VAL K 392 19.43 0.67 -81.99
N LYS K 393 19.39 1.88 -82.55
CA LYS K 393 19.91 2.09 -83.90
C LYS K 393 21.39 1.74 -83.98
N GLU K 394 22.18 2.22 -83.01
CA GLU K 394 23.62 2.06 -83.11
C GLU K 394 24.09 0.66 -82.77
N ILE K 395 23.40 -0.06 -81.89
CA ILE K 395 23.83 -1.41 -81.54
C ILE K 395 23.64 -2.37 -82.72
N CYS K 396 22.51 -2.27 -83.42
CA CYS K 396 22.29 -3.12 -84.59
C CYS K 396 22.72 -2.44 -85.88
N SER K 397 23.96 -1.96 -85.89
CA SER K 397 24.51 -1.30 -87.06
C SER K 397 25.35 -2.29 -87.84
N PRO K 398 24.99 -2.64 -89.08
CA PRO K 398 25.80 -3.58 -89.87
C PRO K 398 27.24 -3.10 -89.98
N ASP K 399 28.17 -3.98 -89.61
CA ASP K 399 29.60 -3.71 -89.69
C ASP K 399 30.28 -4.83 -90.45
N VAL K 400 31.27 -4.45 -91.27
CA VAL K 400 31.99 -5.44 -92.08
C VAL K 400 32.74 -6.42 -91.19
N GLY K 401 33.12 -6.01 -89.97
CA GLY K 401 33.81 -6.91 -89.08
C GLY K 401 32.97 -8.12 -88.70
N ASP K 402 31.68 -7.89 -88.45
CA ASP K 402 30.78 -8.99 -88.12
C ASP K 402 30.49 -9.84 -89.35
N VAL K 403 30.10 -11.09 -89.12
CA VAL K 403 29.78 -11.99 -90.22
C VAL K 403 28.52 -11.49 -90.93
N ALA K 404 28.42 -11.84 -92.22
CA ALA K 404 27.36 -11.29 -93.07
C ALA K 404 25.97 -11.64 -92.53
N ASP K 405 25.81 -12.82 -91.92
CA ASP K 405 24.53 -13.17 -91.33
C ASP K 405 24.16 -12.22 -90.21
N ILE K 406 25.14 -11.88 -89.36
CA ILE K 406 24.89 -10.90 -88.30
C ILE K 406 24.52 -9.55 -88.89
N ALA K 407 25.19 -9.15 -89.97
CA ALA K 407 24.90 -7.87 -90.61
C ALA K 407 23.48 -7.84 -91.16
N LYS K 408 23.05 -8.91 -91.83
CA LYS K 408 21.70 -8.91 -92.39
C LYS K 408 20.64 -9.02 -91.30
N LEU K 409 20.95 -9.71 -90.20
CA LEU K 409 20.06 -9.69 -89.05
C LEU K 409 19.92 -8.27 -88.49
N LYS K 410 21.03 -7.54 -88.42
CA LYS K 410 20.99 -6.15 -87.97
C LYS K 410 20.17 -5.29 -88.92
N VAL K 411 20.28 -5.55 -90.23
CA VAL K 411 19.48 -4.83 -91.21
C VAL K 411 18.00 -5.09 -90.97
N ASN K 412 17.63 -6.35 -90.75
CA ASN K 412 16.23 -6.67 -90.44
C ASN K 412 15.78 -5.95 -89.18
N ILE K 413 16.59 -5.99 -88.13
CA ILE K 413 16.22 -5.34 -86.87
C ILE K 413 16.01 -3.85 -87.07
N ILE K 414 16.93 -3.20 -87.80
CA ILE K 414 16.87 -1.75 -87.95
C ILE K 414 15.68 -1.36 -88.81
N LYS K 415 15.40 -2.08 -89.89
CA LYS K 415 14.25 -1.71 -90.70
C LYS K 415 12.95 -1.97 -89.93
N ASN K 416 12.89 -3.04 -89.14
CA ASN K 416 11.72 -3.29 -88.32
C ASN K 416 11.50 -2.18 -87.31
N VAL K 417 12.57 -1.71 -86.67
CA VAL K 417 12.39 -0.68 -85.64
C VAL K 417 12.04 0.67 -86.28
N ARG K 418 12.57 0.95 -87.47
CA ARG K 418 12.22 2.19 -88.16
C ARG K 418 10.88 2.10 -88.89
N ILE K 419 10.25 0.93 -88.94
CA ILE K 419 8.87 0.85 -89.44
C ILE K 419 7.86 0.56 -88.35
N ILE K 420 8.28 0.30 -87.11
CA ILE K 420 7.32 0.01 -86.05
C ILE K 420 7.39 1.08 -84.96
N TRP K 421 8.60 1.36 -84.45
CA TRP K 421 8.75 2.28 -83.33
C TRP K 421 8.23 3.68 -83.68
N GLU K 422 8.63 4.20 -84.84
CA GLU K 422 8.21 5.55 -85.21
C GLU K 422 6.76 5.59 -85.70
N GLU K 423 6.30 4.54 -86.37
CA GLU K 423 4.93 4.52 -86.88
C GLU K 423 3.90 4.53 -85.76
N ASN K 424 4.19 3.86 -84.64
CA ASN K 424 3.28 3.80 -83.51
C ASN K 424 3.60 4.85 -82.44
N LEU K 425 4.57 5.73 -82.70
CA LEU K 425 4.94 6.76 -81.75
C LEU K 425 3.95 7.92 -81.79
N SER K 426 4.14 8.87 -80.87
CA SER K 426 3.28 10.04 -80.78
C SER K 426 4.13 11.27 -80.51
N ILE K 427 3.54 12.44 -80.77
CA ILE K 427 4.24 13.70 -80.54
C ILE K 427 4.51 13.92 -79.05
N TRP K 428 3.71 13.30 -78.18
CA TRP K 428 3.90 13.46 -76.75
C TRP K 428 5.27 12.97 -76.31
N HIS K 429 5.79 11.92 -76.95
CA HIS K 429 7.13 11.44 -76.64
C HIS K 429 8.17 12.52 -76.89
N TYR K 430 8.08 13.19 -78.04
CA TYR K 430 9.03 14.27 -78.34
C TYR K 430 8.84 15.46 -77.42
N THR K 431 7.59 15.79 -77.06
CA THR K 431 7.36 16.88 -76.14
C THR K 431 8.02 16.59 -74.79
N ALA K 432 7.83 15.36 -74.27
CA ALA K 432 8.47 14.99 -73.02
C ALA K 432 9.99 14.97 -73.15
N PHE K 433 10.50 14.49 -74.29
CA PHE K 433 11.95 14.48 -74.53
C PHE K 433 12.53 15.89 -74.54
N PHE K 434 11.76 16.88 -74.96
CA PHE K 434 12.30 18.24 -75.02
C PHE K 434 12.72 18.73 -73.65
N PHE K 435 12.14 18.18 -72.58
CA PHE K 435 12.50 18.56 -71.22
C PHE K 435 13.83 17.96 -70.76
N TYR K 436 14.57 17.33 -71.67
CA TYR K 436 15.85 16.71 -71.33
C TYR K 436 16.86 17.84 -71.10
N PRO K 437 17.49 17.93 -69.93
CA PRO K 437 18.31 19.12 -69.60
C PRO K 437 19.40 19.39 -70.61
N PRO K 438 20.06 18.36 -71.20
CA PRO K 438 20.95 18.67 -72.33
C PRO K 438 20.18 19.12 -73.55
N ALA K 439 20.24 20.41 -73.84
CA ALA K 439 19.46 21.00 -74.93
C ALA K 439 20.15 20.93 -76.28
N LEU K 440 21.43 20.54 -76.32
CA LEU K 440 22.11 20.41 -77.59
C LEU K 440 21.74 19.13 -78.33
N HIS K 441 21.08 18.18 -77.66
CA HIS K 441 20.76 16.91 -78.30
C HIS K 441 19.62 17.06 -79.30
N MET K 442 18.57 17.82 -78.94
CA MET K 442 17.36 17.92 -79.74
C MET K 442 17.29 19.21 -80.54
N GLN K 443 18.45 19.77 -80.92
CA GLN K 443 18.49 20.97 -81.75
C GLN K 443 18.11 20.59 -83.18
N GLN K 444 16.82 20.33 -83.39
CA GLN K 444 16.30 19.89 -84.67
C GLN K 444 14.95 20.56 -84.91
N GLU K 445 14.25 20.09 -85.95
CA GLU K 445 13.06 20.77 -86.43
C GLU K 445 11.84 20.55 -85.54
N LYS K 446 11.78 19.44 -84.80
CA LYS K 446 10.57 19.08 -84.07
C LYS K 446 10.22 20.08 -82.97
N VAL K 447 11.15 20.93 -82.55
CA VAL K 447 10.83 21.91 -81.52
C VAL K 447 9.81 22.91 -82.04
N ALA K 448 9.91 23.29 -83.32
CA ALA K 448 8.93 24.20 -83.91
C ALA K 448 7.54 23.57 -83.92
N GLN K 449 7.44 22.29 -84.28
CA GLN K 449 6.14 21.63 -84.29
C GLN K 449 5.57 21.49 -82.89
N ILE K 450 6.41 21.17 -81.90
CA ILE K 450 5.90 20.99 -80.55
C ILE K 450 5.70 22.31 -79.82
N LYS K 451 6.15 23.43 -80.39
CA LYS K 451 5.94 24.72 -79.76
C LYS K 451 4.45 25.04 -79.59
N GLU K 452 3.63 24.75 -80.61
CA GLU K 452 2.21 25.04 -80.51
C GLU K 452 1.56 24.22 -79.40
N PHE K 453 1.88 22.93 -79.33
CA PHE K 453 1.34 22.09 -78.26
C PHE K 453 1.80 22.57 -76.89
N CYS K 454 3.08 22.94 -76.78
CA CYS K 454 3.62 23.41 -75.51
C CYS K 454 2.90 24.67 -75.05
N LEU K 455 2.73 25.63 -75.95
CA LEU K 455 2.07 26.88 -75.57
C LEU K 455 0.59 26.66 -75.27
N SER K 456 -0.05 25.72 -75.98
CA SER K 456 -1.44 25.40 -75.67
C SER K 456 -1.58 24.79 -74.28
N LYS K 457 -0.65 23.89 -73.92
CA LYS K 457 -0.69 23.29 -72.60
C LYS K 457 -0.27 24.24 -71.49
N MET K 458 0.53 25.26 -71.81
CA MET K 458 0.84 26.29 -70.82
C MET K 458 -0.39 27.07 -70.36
N GLU K 459 -1.11 27.71 -71.28
CA GLU K 459 -2.13 28.68 -70.91
C GLU K 459 -3.48 28.06 -70.59
N ASP K 460 -3.78 26.86 -71.10
CA ASP K 460 -4.99 26.15 -70.70
C ASP K 460 -4.65 24.70 -70.34
N PRO K 517 8.65 38.98 -67.75
CA PRO K 517 7.29 39.01 -67.21
C PRO K 517 6.67 37.62 -67.14
N VAL K 518 7.48 36.63 -66.75
CA VAL K 518 7.11 35.22 -66.63
C VAL K 518 6.26 34.78 -67.82
N CYS K 519 6.55 35.33 -68.99
CA CYS K 519 5.84 34.95 -70.20
C CYS K 519 6.19 33.52 -70.61
N PRO K 520 5.23 32.78 -71.16
CA PRO K 520 5.55 31.41 -71.62
C PRO K 520 6.64 31.37 -72.67
N SER K 521 6.53 32.20 -73.71
CA SER K 521 7.53 32.19 -74.78
C SER K 521 8.88 32.69 -74.29
N ASP K 522 8.88 33.78 -73.52
CA ASP K 522 10.15 34.35 -73.05
C ASP K 522 10.92 33.33 -72.21
N GLU K 523 10.24 32.72 -71.24
CA GLU K 523 10.86 31.65 -70.48
C GLU K 523 11.18 30.44 -71.35
N PHE K 524 10.47 30.26 -72.46
CA PHE K 524 10.81 29.18 -73.38
C PHE K 524 12.18 29.38 -74.01
N GLU K 525 12.43 30.55 -74.60
CA GLU K 525 13.77 30.79 -75.13
C GLU K 525 14.81 30.90 -74.02
N PHE K 526 14.40 31.29 -72.80
CA PHE K 526 15.35 31.25 -71.69
C PHE K 526 15.78 29.82 -71.39
N TYR K 527 14.83 28.87 -71.46
CA TYR K 527 15.14 27.47 -71.26
C TYR K 527 15.89 26.86 -72.43
N ARG K 528 15.74 27.41 -73.64
CA ARG K 528 16.33 26.79 -74.83
C ARG K 528 17.85 26.74 -74.74
N LYS K 529 18.48 27.81 -74.24
CA LYS K 529 19.93 27.97 -74.33
C LYS K 529 20.67 27.48 -73.09
N GLU K 530 20.05 26.63 -72.28
CA GLU K 530 20.68 26.09 -71.07
C GLU K 530 21.05 24.63 -71.29
N ILE K 531 22.31 24.30 -71.02
CA ILE K 531 22.84 22.95 -71.22
C ILE K 531 23.72 22.58 -70.04
N VAL K 532 23.57 21.34 -69.56
CA VAL K 532 24.39 20.80 -68.48
C VAL K 532 24.80 19.38 -68.85
N ILE K 533 26.01 18.99 -68.46
CA ILE K 533 26.57 17.69 -68.81
C ILE K 533 25.93 16.59 -67.98
N LEU K 534 26.09 15.34 -68.40
CA LEU K 534 25.46 14.21 -67.75
C LEU K 534 26.36 13.63 -66.65
N SER K 535 25.73 13.14 -65.59
CA SER K 535 26.44 12.44 -64.52
C SER K 535 25.43 11.58 -63.76
N GLU K 536 25.95 10.66 -62.95
CA GLU K 536 25.07 9.77 -62.18
C GLU K 536 24.23 10.55 -61.18
N ASP K 537 24.83 11.53 -60.51
CA ASP K 537 24.08 12.35 -59.57
C ASP K 537 23.22 13.40 -60.26
N PHE K 538 23.36 13.53 -61.58
CA PHE K 538 22.57 14.49 -62.35
C PHE K 538 21.16 13.94 -62.55
N LYS K 539 20.18 14.59 -61.93
CA LYS K 539 18.80 14.11 -61.91
C LYS K 539 17.89 15.18 -62.52
N VAL K 540 17.02 14.76 -63.44
CA VAL K 540 16.14 15.70 -64.13
C VAL K 540 15.00 16.16 -63.23
N MET K 541 14.40 15.23 -62.48
CA MET K 541 13.23 15.56 -61.68
C MET K 541 13.56 16.57 -60.58
N GLU K 542 14.64 16.34 -59.84
CA GLU K 542 15.05 17.30 -58.83
C GLU K 542 15.46 18.64 -59.44
N TRP K 543 16.02 18.59 -60.65
CA TRP K 543 16.37 19.83 -61.35
C TRP K 543 15.12 20.63 -61.72
N TRP K 544 14.05 19.97 -62.15
CA TRP K 544 12.78 20.67 -62.31
C TRP K 544 12.24 21.19 -60.98
N ASN K 545 12.37 20.39 -59.92
CA ASN K 545 11.90 20.83 -58.61
C ASN K 545 12.59 22.11 -58.16
N LEU K 546 13.88 22.22 -58.43
CA LEU K 546 14.58 23.47 -58.12
C LEU K 546 14.25 24.55 -59.14
N ASN K 547 13.89 24.16 -60.37
CA ASN K 547 13.40 25.11 -61.37
C ASN K 547 12.00 25.63 -61.06
N SER K 548 11.33 25.07 -60.05
CA SER K 548 9.97 25.48 -59.73
C SER K 548 9.88 26.97 -59.38
N LYS K 549 10.99 27.60 -59.02
CA LYS K 549 11.00 29.03 -58.73
C LYS K 549 11.25 29.87 -59.98
N LYS K 550 12.36 29.61 -60.68
CA LYS K 550 12.67 30.38 -61.87
C LYS K 550 11.66 30.14 -62.98
N TYR K 551 11.23 28.89 -63.16
CA TYR K 551 10.28 28.51 -64.19
C TYR K 551 9.11 27.77 -63.53
N PRO K 552 8.22 28.51 -62.86
CA PRO K 552 7.11 27.84 -62.16
C PRO K 552 6.16 27.13 -63.11
N LYS K 553 5.66 27.86 -64.12
CA LYS K 553 4.68 27.30 -65.03
C LYS K 553 5.32 26.21 -65.90
N LEU K 554 6.57 26.41 -66.31
CA LEU K 554 7.31 25.35 -66.97
C LEU K 554 7.50 24.14 -66.06
N SER K 555 7.65 24.38 -64.75
CA SER K 555 7.73 23.27 -63.80
C SER K 555 6.42 22.52 -63.73
N LYS K 556 5.29 23.24 -63.78
CA LYS K 556 3.99 22.57 -63.82
C LYS K 556 3.85 21.71 -65.07
N LEU K 557 4.26 22.23 -66.23
CA LEU K 557 4.21 21.40 -67.44
C LEU K 557 5.13 20.20 -67.34
N ALA K 558 6.33 20.38 -66.77
CA ALA K 558 7.27 19.27 -66.64
C ALA K 558 6.70 18.19 -65.72
N LEU K 559 6.10 18.60 -64.61
CA LEU K 559 5.53 17.60 -63.71
C LEU K 559 4.33 16.91 -64.33
N SER K 560 3.55 17.63 -65.14
CA SER K 560 2.46 16.98 -65.87
C SER K 560 2.99 15.96 -66.87
N LEU K 561 4.08 16.30 -67.56
CA LEU K 561 4.62 15.40 -68.59
C LEU K 561 5.29 14.18 -67.98
N LEU K 562 6.03 14.35 -66.88
CA LEU K 562 6.88 13.29 -66.37
C LEU K 562 6.16 12.32 -65.45
N SER K 563 4.87 12.52 -65.19
CA SER K 563 4.10 11.56 -64.40
C SER K 563 3.64 10.37 -65.24
N ILE K 564 3.82 10.41 -66.56
CA ILE K 564 3.31 9.36 -67.44
C ILE K 564 4.19 8.12 -67.31
N PRO K 565 3.62 6.93 -67.17
CA PRO K 565 4.43 5.71 -67.22
C PRO K 565 4.77 5.32 -68.64
N ALA K 566 5.92 4.65 -68.79
CA ALA K 566 6.36 4.21 -70.10
C ALA K 566 5.59 2.99 -70.59
N SER K 567 5.27 2.07 -69.68
CA SER K 567 4.65 0.81 -70.08
C SER K 567 3.67 0.39 -68.98
N SER K 568 3.14 -0.83 -69.12
CA SER K 568 2.13 -1.37 -68.21
C SER K 568 2.73 -2.35 -67.20
N ALA K 569 3.96 -2.08 -66.74
CA ALA K 569 4.60 -2.98 -65.79
C ALA K 569 3.84 -3.03 -64.46
N ALA K 570 3.32 -1.88 -64.01
CA ALA K 570 2.61 -1.83 -62.74
C ALA K 570 1.37 -2.72 -62.78
N SER K 571 0.61 -2.69 -63.89
CA SER K 571 -0.57 -3.52 -63.99
C SER K 571 -0.21 -5.01 -63.96
N GLU K 572 0.88 -5.38 -64.63
CA GLU K 572 1.32 -6.78 -64.58
C GLU K 572 1.75 -7.18 -63.17
N ARG K 573 2.41 -6.27 -62.45
CA ARG K 573 2.78 -6.54 -61.07
C ARG K 573 1.55 -6.75 -60.20
N THR K 574 0.52 -5.90 -60.39
CA THR K 574 -0.71 -6.04 -59.63
C THR K 574 -1.41 -7.36 -59.95
N PHE K 575 -1.41 -7.75 -61.23
CA PHE K 575 -1.98 -9.04 -61.60
C PHE K 575 -1.22 -10.21 -61.00
N SER K 576 0.12 -10.11 -60.94
CA SER K 576 0.89 -11.14 -60.28
C SER K 576 0.55 -11.22 -58.79
N LEU K 577 0.40 -10.06 -58.15
CA LEU K 577 -0.02 -10.05 -56.74
C LEU K 577 -1.38 -10.70 -56.56
N ALA K 578 -2.34 -10.37 -57.44
CA ALA K 578 -3.66 -10.96 -57.35
C ALA K 578 -3.62 -12.47 -57.55
N GLY K 579 -2.82 -12.93 -58.52
CA GLY K 579 -2.63 -14.36 -58.69
C GLY K 579 -2.01 -15.02 -57.48
N ASN K 580 -1.13 -14.31 -56.79
CA ASN K 580 -0.62 -14.80 -55.51
C ASN K 580 -1.74 -14.89 -54.48
N ILE K 581 -2.68 -13.94 -54.52
CA ILE K 581 -3.77 -13.92 -53.55
C ILE K 581 -4.67 -15.14 -53.71
N ILE K 582 -5.11 -15.40 -54.94
CA ILE K 582 -6.04 -16.50 -55.22
C ILE K 582 -5.24 -17.70 -55.71
N THR K 583 -5.36 -18.82 -55.00
CA THR K 583 -4.48 -19.96 -55.26
C THR K 583 -5.24 -21.28 -55.40
N GLU K 584 -4.47 -22.37 -55.39
CA GLU K 584 -5.06 -23.72 -55.46
C GLU K 584 -6.01 -23.96 -54.29
N LYS K 585 -5.55 -23.70 -53.08
CA LYS K 585 -6.31 -24.09 -51.90
C LYS K 585 -7.24 -23.00 -51.40
N ARG K 586 -7.27 -21.85 -52.09
CA ARG K 586 -8.10 -20.71 -51.70
C ARG K 586 -8.79 -20.21 -52.96
N ASN K 587 -10.00 -20.73 -53.22
CA ASN K 587 -10.72 -20.43 -54.46
C ASN K 587 -12.16 -20.02 -54.19
N ARG K 588 -12.46 -19.53 -52.99
CA ARG K 588 -13.80 -19.08 -52.62
C ARG K 588 -13.77 -17.61 -52.22
N ILE K 589 -13.08 -16.80 -53.01
CA ILE K 589 -12.82 -15.40 -52.69
C ILE K 589 -13.71 -14.53 -53.58
N GLY K 590 -14.50 -13.66 -52.97
CA GLY K 590 -15.37 -12.79 -53.74
C GLY K 590 -14.63 -11.64 -54.37
N GLN K 591 -15.25 -11.05 -55.39
CA GLN K 591 -14.62 -9.96 -56.12
C GLN K 591 -14.46 -8.72 -55.24
N GLN K 592 -15.45 -8.41 -54.42
CA GLN K 592 -15.36 -7.25 -53.54
C GLN K 592 -14.22 -7.43 -52.54
N THR K 593 -14.08 -8.63 -51.98
CA THR K 593 -13.00 -8.88 -51.05
C THR K 593 -11.63 -8.80 -51.72
N VAL K 594 -11.53 -9.28 -52.97
CA VAL K 594 -10.28 -9.16 -53.70
C VAL K 594 -9.92 -7.69 -53.91
N ASP K 595 -10.90 -6.90 -54.33
CA ASP K 595 -10.66 -5.48 -54.55
C ASP K 595 -10.23 -4.81 -53.25
N SER K 596 -10.90 -5.14 -52.14
CA SER K 596 -10.55 -4.55 -50.86
C SER K 596 -9.12 -4.94 -50.45
N LEU K 597 -8.77 -6.22 -50.59
CA LEU K 597 -7.43 -6.66 -50.20
C LEU K 597 -6.36 -5.93 -51.00
N LEU K 598 -6.52 -5.87 -52.32
CA LEU K 598 -5.53 -5.18 -53.15
C LEU K 598 -5.47 -3.70 -52.80
N PHE K 599 -6.64 -3.05 -52.63
CA PHE K 599 -6.66 -1.61 -52.39
C PHE K 599 -5.99 -1.27 -51.06
N LEU K 600 -6.33 -1.99 -49.99
CA LEU K 600 -5.68 -1.72 -48.71
C LEU K 600 -4.22 -2.11 -48.70
N ASN K 601 -3.83 -3.17 -49.42
CA ASN K 601 -2.42 -3.49 -49.54
C ASN K 601 -1.65 -2.32 -50.12
N SER K 602 -2.14 -1.78 -51.24
CA SER K 602 -1.48 -0.62 -51.85
C SER K 602 -1.51 0.59 -50.91
N PHE K 603 -2.66 0.82 -50.27
CA PHE K 603 -2.82 1.99 -49.42
C PHE K 603 -1.84 1.98 -48.26
N TYR K 604 -1.71 0.83 -47.59
CA TYR K 604 -0.74 0.71 -46.51
C TYR K 604 0.69 0.78 -47.03
N LYS K 605 0.94 0.22 -48.21
CA LYS K 605 2.29 0.25 -48.76
C LYS K 605 2.71 1.65 -49.21
N ASN K 606 1.75 2.56 -49.42
CA ASN K 606 2.09 3.86 -50.00
C ASN K 606 2.37 4.92 -48.94
N PHE K 607 1.40 5.20 -48.07
CA PHE K 607 1.48 6.39 -47.23
C PHE K 607 2.37 6.18 -46.00
N CYS K 608 2.01 5.23 -45.15
CA CYS K 608 2.72 5.05 -43.90
C CYS K 608 4.17 4.60 -44.14
N LYS K 609 5.07 5.11 -43.31
CA LYS K 609 6.48 4.80 -43.44
C LYS K 609 6.76 3.33 -43.10
N MET L 4 39.82 -34.76 -14.09
CA MET L 4 39.80 -36.11 -13.52
C MET L 4 39.14 -36.10 -12.16
N ASP L 5 39.51 -35.12 -11.34
CA ASP L 5 38.96 -35.05 -9.98
C ASP L 5 37.49 -34.65 -10.00
N ASN L 6 37.10 -33.80 -10.95
CA ASN L 6 35.71 -33.35 -11.01
C ASN L 6 34.76 -34.52 -11.25
N LEU L 7 35.02 -35.31 -12.29
CA LEU L 7 34.19 -36.48 -12.55
C LEU L 7 34.30 -37.49 -11.42
N GLU L 8 35.47 -37.57 -10.77
CA GLU L 8 35.62 -38.45 -9.61
C GLU L 8 34.62 -38.09 -8.52
N VAL L 9 34.58 -36.82 -8.13
CA VAL L 9 33.67 -36.40 -7.07
C VAL L 9 32.22 -36.52 -7.52
N LYS L 10 31.93 -36.19 -8.79
CA LYS L 10 30.56 -36.34 -9.28
C LYS L 10 30.09 -37.79 -9.20
N ALA L 11 30.95 -38.73 -9.62
CA ALA L 11 30.59 -40.15 -9.56
C ALA L 11 30.44 -40.61 -8.11
N LYS L 12 31.34 -40.17 -7.23
CA LYS L 12 31.29 -40.63 -5.85
C LYS L 12 30.18 -39.97 -5.03
N ILE L 13 29.57 -38.90 -5.54
CA ILE L 13 28.39 -38.33 -4.91
C ILE L 13 27.10 -38.91 -5.49
N ASN L 14 27.03 -39.04 -6.82
CA ASN L 14 25.78 -39.46 -7.45
C ASN L 14 25.37 -40.86 -7.03
N GLN L 15 26.32 -41.79 -6.94
CA GLN L 15 25.99 -43.16 -6.57
C GLN L 15 25.60 -43.32 -5.12
N GLY L 16 26.00 -42.39 -4.25
CA GLY L 16 25.60 -42.42 -2.85
C GLY L 16 26.72 -42.62 -1.84
N LEU L 17 27.98 -42.57 -2.26
CA LEU L 17 29.09 -42.68 -1.31
C LEU L 17 29.15 -41.45 -0.42
N TYR L 18 28.99 -40.27 -1.01
CA TYR L 18 29.05 -39.00 -0.27
C TYR L 18 27.64 -38.47 -0.04
N LYS L 19 27.29 -38.23 1.22
CA LYS L 19 25.99 -37.67 1.56
C LYS L 19 26.02 -36.15 1.44
N ILE L 20 24.84 -35.55 1.49
CA ILE L 20 24.66 -34.11 1.25
C ILE L 20 24.42 -33.40 2.57
N THR L 21 25.19 -32.34 2.82
CA THR L 21 24.90 -31.45 3.94
C THR L 21 23.84 -30.44 3.53
N PRO L 22 22.72 -30.35 4.27
CA PRO L 22 21.62 -29.48 3.82
C PRO L 22 22.00 -28.01 3.69
N ARG L 23 22.87 -27.51 4.55
CA ARG L 23 23.21 -26.08 4.54
C ARG L 23 24.67 -25.90 4.86
N HIS L 24 25.21 -24.76 4.43
CA HIS L 24 26.63 -24.46 4.56
C HIS L 24 26.96 -23.70 5.85
N LYS L 25 25.96 -23.39 6.66
CA LYS L 25 26.18 -22.75 7.97
C LYS L 25 26.85 -21.39 7.86
N GLY L 26 26.30 -20.53 6.99
CA GLY L 26 26.84 -19.21 6.80
C GLY L 26 25.82 -18.11 7.02
N THR L 27 26.14 -16.93 6.48
CA THR L 27 25.31 -15.75 6.62
C THR L 27 25.03 -15.05 5.30
N SER L 28 25.96 -15.12 4.34
CA SER L 28 25.82 -14.40 3.09
C SER L 28 24.72 -15.00 2.22
N PHE L 29 24.25 -14.22 1.25
CA PHE L 29 23.20 -14.67 0.35
C PHE L 29 23.69 -15.68 -0.67
N ILE L 30 25.00 -15.76 -0.90
CA ILE L 30 25.54 -16.75 -1.82
C ILE L 30 25.30 -18.16 -1.29
N TRP L 31 25.34 -18.33 0.04
CA TRP L 31 25.17 -19.64 0.63
C TRP L 31 23.70 -20.01 0.89
N ASN L 32 22.76 -19.15 0.49
CA ASN L 32 21.36 -19.54 0.52
C ASN L 32 21.08 -20.63 -0.50
N VAL L 33 21.86 -20.66 -1.58
CA VAL L 33 21.76 -21.69 -2.61
C VAL L 33 23.07 -22.43 -2.80
N LEU L 34 23.99 -22.33 -1.86
CA LEU L 34 25.30 -22.98 -1.96
C LEU L 34 25.44 -23.95 -0.79
N ALA L 35 25.48 -25.24 -1.10
CA ALA L 35 25.37 -26.31 -0.11
C ALA L 35 26.73 -26.97 0.13
N ASP L 36 26.72 -28.02 0.95
CA ASP L 36 27.93 -28.73 1.34
C ASP L 36 27.68 -30.23 1.23
N ILE L 37 28.77 -30.99 1.17
CA ILE L 37 28.73 -32.43 0.98
C ILE L 37 29.36 -33.12 2.18
N GLN L 38 28.85 -34.30 2.53
CA GLN L 38 29.44 -35.13 3.57
C GLN L 38 30.39 -36.16 2.96
N LYS L 39 31.47 -36.44 3.68
CA LYS L 39 32.37 -37.51 3.29
C LYS L 39 31.69 -38.87 3.49
N GLU L 40 32.31 -39.92 2.95
CA GLU L 40 31.76 -41.25 3.06
C GLU L 40 31.78 -41.77 4.50
N ASP L 41 32.54 -41.15 5.38
CA ASP L 41 32.62 -41.53 6.79
C ASP L 41 32.02 -40.44 7.69
N ASP L 42 31.01 -39.73 7.16
CA ASP L 42 30.31 -38.67 7.89
C ASP L 42 31.29 -37.59 8.37
N THR L 43 31.95 -36.96 7.42
CA THR L 43 32.88 -35.88 7.68
C THR L 43 32.63 -34.74 6.70
N LEU L 44 32.70 -33.51 7.20
CA LEU L 44 32.55 -32.36 6.33
C LEU L 44 33.69 -32.32 5.31
N VAL L 45 33.34 -32.01 4.06
CA VAL L 45 34.29 -32.01 2.96
C VAL L 45 34.85 -30.61 2.82
N GLU L 46 36.08 -30.51 2.32
CA GLU L 46 36.73 -29.23 2.08
C GLU L 46 37.09 -29.11 0.60
N GLY L 47 36.79 -27.94 0.03
CA GLY L 47 37.19 -27.60 -1.30
C GLY L 47 36.15 -27.81 -2.38
N TRP L 48 35.07 -28.54 -2.11
CA TRP L 48 34.06 -28.80 -3.12
C TRP L 48 32.67 -28.47 -2.58
N VAL L 49 31.81 -28.01 -3.49
CA VAL L 49 30.47 -27.55 -3.14
C VAL L 49 29.50 -28.01 -4.21
N PHE L 50 28.33 -28.49 -3.80
CA PHE L 50 27.26 -28.91 -4.69
C PHE L 50 26.16 -27.85 -4.73
N CYS L 51 25.65 -27.57 -5.93
CA CYS L 51 24.66 -26.53 -6.11
C CYS L 51 23.33 -26.96 -5.50
N ARG L 52 22.32 -26.10 -5.60
CA ARG L 52 21.03 -26.34 -4.97
C ARG L 52 19.85 -26.41 -5.92
N LYS L 53 19.95 -25.79 -7.11
CA LYS L 53 18.85 -25.86 -8.07
C LYS L 53 19.26 -26.42 -9.43
N CYS L 54 20.48 -26.14 -9.90
CA CYS L 54 20.94 -26.67 -11.18
C CYS L 54 21.67 -28.00 -11.04
N GLU L 55 21.98 -28.44 -9.81
CA GLU L 55 22.51 -29.77 -9.52
C GLU L 55 23.82 -30.03 -10.29
N LYS L 56 24.83 -29.24 -9.94
CA LYS L 56 26.18 -29.52 -10.42
C LYS L 56 27.16 -29.25 -9.28
N VAL L 57 28.35 -29.84 -9.41
CA VAL L 57 29.40 -29.76 -8.41
C VAL L 57 30.41 -28.71 -8.85
N LEU L 58 30.71 -27.76 -7.96
CA LEU L 58 31.62 -26.66 -8.26
C LEU L 58 32.72 -26.59 -7.21
N LYS L 59 33.90 -26.18 -7.65
CA LYS L 59 35.06 -26.09 -6.76
C LYS L 59 34.87 -24.99 -5.72
N TYR L 60 35.38 -25.24 -4.52
CA TYR L 60 35.33 -24.28 -3.42
C TYR L 60 36.75 -23.99 -2.93
N THR L 61 36.97 -22.74 -2.53
CA THR L 61 38.23 -22.36 -1.91
C THR L 61 37.97 -21.23 -0.92
N THR L 62 38.84 -21.15 0.09
CA THR L 62 38.62 -20.21 1.19
C THR L 62 38.92 -18.78 0.77
N ARG L 63 39.99 -18.57 0.01
CA ARG L 63 40.46 -17.23 -0.31
C ARG L 63 39.80 -16.62 -1.54
N GLN L 64 38.95 -17.36 -2.25
CA GLN L 64 38.26 -16.85 -3.43
C GLN L 64 36.80 -17.29 -3.42
N THR L 65 35.90 -16.32 -3.60
CA THR L 65 34.49 -16.57 -3.81
C THR L 65 33.93 -15.81 -4.99
N SER L 66 34.77 -15.03 -5.69
CA SER L 66 34.29 -14.26 -6.84
C SER L 66 33.82 -15.17 -7.96
N ASN L 67 34.58 -16.24 -8.24
CA ASN L 67 34.11 -17.23 -9.20
C ASN L 67 32.87 -17.96 -8.68
N LEU L 68 32.78 -18.15 -7.36
CA LEU L 68 31.56 -18.66 -6.75
C LEU L 68 30.41 -17.66 -6.86
N CYS L 69 30.70 -16.37 -6.75
CA CYS L 69 29.67 -15.33 -6.79
C CYS L 69 29.35 -14.87 -8.21
N ARG L 70 30.00 -15.43 -9.23
CA ARG L 70 29.65 -15.16 -10.61
C ARG L 70 28.91 -16.33 -11.26
N HIS L 71 28.51 -17.32 -10.47
CA HIS L 71 27.81 -18.47 -10.99
C HIS L 71 26.37 -18.09 -11.36
N LYS L 72 25.78 -18.87 -12.26
CA LYS L 72 24.45 -18.52 -12.77
C LYS L 72 23.38 -18.63 -11.69
N CYS L 73 23.56 -19.53 -10.73
CA CYS L 73 22.58 -19.69 -9.65
C CYS L 73 22.42 -18.39 -8.87
N CYS L 74 23.53 -17.80 -8.43
CA CYS L 74 23.47 -16.51 -7.74
C CYS L 74 23.29 -15.35 -8.71
N ALA L 75 23.69 -15.53 -9.98
CA ALA L 75 23.42 -14.50 -10.98
C ALA L 75 21.93 -14.29 -11.18
N SER L 76 21.12 -15.34 -10.98
CA SER L 76 19.68 -15.17 -11.00
C SER L 76 19.20 -14.27 -9.87
N LEU L 77 19.84 -14.37 -8.71
CA LEU L 77 19.52 -13.51 -7.58
C LEU L 77 20.54 -12.39 -7.43
ZN ZN M . -27.05 29.28 5.40
ZN ZN N . 27.60 -16.79 28.23
ZN ZN O . -29.14 2.63 18.86
ZN ZN P . -37.95 -15.12 -13.44
ZN ZN Q . 36.00 0.58 -20.49
ZN ZN R . 24.85 -24.18 -10.10
#